data_2HFH
#
_entry.id   2HFH
#
_cell.length_a   1.000
_cell.length_b   1.000
_cell.length_c   1.000
_cell.angle_alpha   90.00
_cell.angle_beta   90.00
_cell.angle_gamma   90.00
#
_symmetry.space_group_name_H-M   'P 1'
#
_entity_poly.entity_id   1
_entity_poly.type   'polypeptide(L)'
_entity_poly.pdbx_seq_one_letter_code
;MVKPPYSYIALITMAILQSPQKKLTLSGICEFISNRFPYYREKFPAWQNSIRHNLSLNDCFVKIPREPGNPGKGNYWTLD
PQSEDMFDNGSFLRRRKRFKRLQHHHHHH
;
_entity_poly.pdbx_strand_id   A
#
# COMPACT_ATOMS: atom_id res chain seq x y z
N MET A 1 -0.66 1.79 -0.88
CA MET A 1 0.31 1.38 -1.88
C MET A 1 -0.33 0.41 -2.85
N VAL A 2 0.23 0.30 -4.07
CA VAL A 2 -0.29 -0.60 -5.09
C VAL A 2 -1.41 0.12 -5.86
N LYS A 3 -2.08 1.07 -5.20
CA LYS A 3 -3.17 1.82 -5.82
C LYS A 3 -3.79 0.97 -6.93
N PRO A 4 -4.33 -0.20 -6.57
CA PRO A 4 -4.97 -1.13 -7.50
C PRO A 4 -6.35 -0.61 -7.92
N PRO A 5 -6.80 -1.02 -9.12
CA PRO A 5 -8.08 -0.62 -9.67
C PRO A 5 -9.22 -1.38 -8.98
N TYR A 6 -10.36 -0.69 -8.78
CA TYR A 6 -11.48 -1.36 -8.13
C TYR A 6 -12.43 -1.89 -9.20
N SER A 7 -12.24 -3.16 -9.60
CA SER A 7 -13.07 -3.77 -10.61
C SER A 7 -13.32 -5.25 -10.25
N TYR A 8 -14.59 -5.61 -10.00
CA TYR A 8 -14.88 -6.99 -9.65
C TYR A 8 -14.95 -7.83 -10.92
N ILE A 9 -15.98 -7.61 -11.74
CA ILE A 9 -16.16 -8.36 -12.98
C ILE A 9 -14.79 -8.58 -13.64
N ALA A 10 -13.96 -7.53 -13.65
CA ALA A 10 -12.63 -7.62 -14.25
C ALA A 10 -11.76 -8.54 -13.39
N LEU A 11 -11.88 -8.42 -12.06
CA LEU A 11 -11.10 -9.24 -11.14
C LEU A 11 -11.32 -10.72 -11.48
N ILE A 12 -12.52 -11.06 -11.97
CA ILE A 12 -12.85 -12.43 -12.33
C ILE A 12 -12.29 -12.74 -13.72
N THR A 13 -12.53 -11.83 -14.69
CA THR A 13 -12.06 -12.00 -16.05
C THR A 13 -10.60 -12.48 -16.02
N MET A 14 -9.81 -11.94 -15.07
CA MET A 14 -8.42 -12.30 -14.94
C MET A 14 -8.30 -13.59 -14.12
N ALA A 15 -9.29 -13.83 -13.25
CA ALA A 15 -9.31 -15.03 -12.41
C ALA A 15 -9.73 -16.23 -13.25
N ILE A 16 -10.46 -15.96 -14.35
CA ILE A 16 -10.93 -17.02 -15.23
C ILE A 16 -9.82 -17.41 -16.20
N LEU A 17 -9.20 -16.40 -16.85
CA LEU A 17 -8.12 -16.64 -17.79
C LEU A 17 -7.04 -17.50 -17.13
N GLN A 18 -6.94 -17.40 -15.78
CA GLN A 18 -5.96 -18.16 -15.03
C GLN A 18 -5.89 -19.59 -15.59
N SER A 19 -7.04 -20.11 -16.06
CA SER A 19 -7.11 -21.46 -16.62
C SER A 19 -7.13 -21.37 -18.15
N PRO A 20 -6.05 -21.82 -18.79
CA PRO A 20 -5.91 -21.82 -20.24
C PRO A 20 -6.77 -22.91 -20.87
N GLN A 21 -7.49 -23.67 -20.04
CA GLN A 21 -8.34 -24.75 -20.51
C GLN A 21 -9.78 -24.48 -20.09
N LYS A 22 -10.14 -24.88 -18.86
CA LYS A 22 -11.48 -24.68 -18.34
C LYS A 22 -11.56 -25.23 -16.92
N LYS A 23 -10.51 -24.95 -16.11
CA LYS A 23 -10.47 -25.41 -14.74
C LYS A 23 -9.87 -24.31 -13.85
N LEU A 24 -10.68 -23.77 -12.93
CA LEU A 24 -10.23 -22.72 -12.04
C LEU A 24 -10.28 -23.23 -10.60
N THR A 25 -9.18 -23.04 -9.85
CA THR A 25 -9.10 -23.48 -8.47
C THR A 25 -9.17 -22.26 -7.55
N LEU A 26 -10.34 -22.05 -6.91
CA LEU A 26 -10.53 -20.94 -6.00
C LEU A 26 -9.30 -20.78 -5.12
N SER A 27 -8.66 -21.91 -4.75
CA SER A 27 -7.47 -21.90 -3.92
C SER A 27 -6.33 -21.23 -4.67
N GLY A 28 -6.20 -21.55 -5.98
CA GLY A 28 -5.15 -20.98 -6.81
C GLY A 28 -5.52 -19.54 -7.19
N ILE A 29 -6.82 -19.20 -7.03
CA ILE A 29 -7.30 -17.87 -7.36
C ILE A 29 -6.95 -16.91 -6.22
N CYS A 30 -7.32 -17.28 -4.98
CA CYS A 30 -7.05 -16.45 -3.82
C CYS A 30 -5.56 -16.09 -3.79
N GLU A 31 -4.70 -17.09 -4.03
CA GLU A 31 -3.26 -16.89 -4.04
C GLU A 31 -2.87 -16.08 -5.27
N PHE A 32 -3.66 -16.20 -6.35
CA PHE A 32 -3.40 -15.48 -7.59
C PHE A 32 -3.70 -14.00 -7.38
N ILE A 33 -4.72 -13.70 -6.56
CA ILE A 33 -5.12 -12.34 -6.27
C ILE A 33 -3.98 -11.63 -5.53
N SER A 34 -3.63 -12.13 -4.34
CA SER A 34 -2.57 -11.55 -3.54
C SER A 34 -1.32 -11.38 -4.41
N ASN A 35 -1.23 -12.15 -5.50
CA ASN A 35 -0.10 -12.07 -6.40
C ASN A 35 0.02 -10.66 -6.96
N ARG A 36 -1.14 -9.98 -7.14
CA ARG A 36 -1.17 -8.63 -7.66
C ARG A 36 -2.13 -7.79 -6.82
N PHE A 37 -2.51 -8.30 -5.65
CA PHE A 37 -3.42 -7.60 -4.75
C PHE A 37 -2.96 -7.79 -3.30
N PRO A 38 -1.74 -7.33 -3.00
CA PRO A 38 -1.16 -7.43 -1.67
C PRO A 38 -1.79 -6.42 -0.71
N TYR A 39 -1.80 -5.14 -1.11
CA TYR A 39 -2.38 -4.13 -0.24
C TYR A 39 -3.90 -4.29 -0.22
N TYR A 40 -4.45 -4.98 -1.25
CA TYR A 40 -5.90 -5.15 -1.29
C TYR A 40 -6.29 -6.30 -0.37
N ARG A 41 -5.67 -7.48 -0.53
CA ARG A 41 -5.98 -8.64 0.27
C ARG A 41 -5.43 -8.42 1.69
N GLU A 42 -4.20 -7.87 1.77
CA GLU A 42 -3.57 -7.61 3.06
C GLU A 42 -4.35 -6.54 3.82
N LYS A 43 -5.29 -5.87 3.11
CA LYS A 43 -6.11 -4.83 3.71
C LYS A 43 -7.55 -5.32 3.82
N PHE A 44 -8.00 -6.09 2.80
CA PHE A 44 -9.35 -6.61 2.78
C PHE A 44 -9.31 -8.10 2.43
N PRO A 45 -8.70 -8.91 3.31
CA PRO A 45 -8.59 -10.35 3.12
C PRO A 45 -9.92 -11.06 3.37
N ALA A 46 -10.89 -10.31 3.93
CA ALA A 46 -12.20 -10.87 4.23
C ALA A 46 -13.05 -10.88 2.95
N TRP A 47 -12.64 -10.07 1.95
CA TRP A 47 -13.35 -9.98 0.69
C TRP A 47 -13.03 -11.21 -0.16
N GLN A 48 -12.13 -12.07 0.36
CA GLN A 48 -11.73 -13.28 -0.36
C GLN A 48 -12.97 -14.02 -0.84
N ASN A 49 -14.02 -14.06 0.00
CA ASN A 49 -15.26 -14.73 -0.34
C ASN A 49 -16.11 -13.80 -1.20
N SER A 50 -16.10 -12.50 -0.88
CA SER A 50 -16.87 -11.52 -1.61
C SER A 50 -16.64 -11.71 -3.11
N ILE A 51 -15.36 -11.91 -3.51
CA ILE A 51 -15.01 -12.11 -4.90
C ILE A 51 -15.63 -13.41 -5.40
N ARG A 52 -15.58 -14.46 -4.56
CA ARG A 52 -16.13 -15.75 -4.91
C ARG A 52 -17.61 -15.60 -5.26
N HIS A 53 -18.32 -14.76 -4.48
CA HIS A 53 -19.74 -14.52 -4.71
C HIS A 53 -19.95 -14.04 -6.14
N ASN A 54 -19.17 -13.03 -6.56
CA ASN A 54 -19.27 -12.49 -7.91
C ASN A 54 -18.55 -13.42 -8.89
N LEU A 55 -17.62 -14.24 -8.37
CA LEU A 55 -16.87 -15.17 -9.19
C LEU A 55 -17.84 -16.12 -9.90
N SER A 56 -18.72 -16.77 -9.12
CA SER A 56 -19.70 -17.70 -9.66
C SER A 56 -20.90 -16.91 -10.19
N LEU A 57 -21.09 -15.69 -9.67
CA LEU A 57 -22.20 -14.84 -10.08
C LEU A 57 -21.83 -14.12 -11.38
N ASN A 58 -20.55 -14.23 -11.78
CA ASN A 58 -20.08 -13.59 -13.00
C ASN A 58 -20.27 -14.55 -14.18
N ASP A 59 -19.34 -15.49 -14.35
CA ASP A 59 -19.41 -16.46 -15.45
C ASP A 59 -20.54 -17.45 -15.17
N CYS A 60 -20.51 -18.07 -13.97
CA CYS A 60 -21.52 -19.04 -13.58
C CYS A 60 -21.01 -20.45 -13.88
N PHE A 61 -19.78 -20.75 -13.44
CA PHE A 61 -19.19 -22.06 -13.66
C PHE A 61 -19.68 -23.03 -12.59
N VAL A 62 -19.11 -24.26 -12.58
CA VAL A 62 -19.50 -25.27 -11.61
C VAL A 62 -18.29 -25.63 -10.75
N LYS A 63 -18.44 -25.52 -9.42
CA LYS A 63 -17.36 -25.83 -8.49
C LYS A 63 -17.58 -27.24 -7.93
N ILE A 64 -16.47 -27.95 -7.65
CA ILE A 64 -16.54 -29.30 -7.11
C ILE A 64 -16.14 -29.27 -5.62
N PRO A 65 -17.14 -29.29 -4.74
CA PRO A 65 -16.94 -29.26 -3.30
C PRO A 65 -16.46 -30.62 -2.80
N ARG A 66 -15.14 -30.81 -2.72
CA ARG A 66 -14.56 -32.06 -2.26
C ARG A 66 -14.95 -33.18 -3.22
N GLU A 67 -14.37 -33.18 -4.43
CA GLU A 67 -14.66 -34.20 -5.42
C GLU A 67 -13.99 -35.51 -5.01
N PRO A 68 -14.73 -36.64 -5.17
CA PRO A 68 -14.25 -37.96 -4.83
C PRO A 68 -13.24 -38.46 -5.88
N GLY A 69 -12.03 -37.88 -5.88
CA GLY A 69 -10.99 -38.27 -6.81
C GLY A 69 -9.70 -37.49 -6.48
N ASN A 70 -9.85 -36.19 -6.17
CA ASN A 70 -8.71 -35.35 -5.84
C ASN A 70 -8.28 -35.62 -4.40
N PRO A 71 -7.04 -35.25 -4.06
CA PRO A 71 -6.48 -35.43 -2.74
C PRO A 71 -7.05 -34.41 -1.75
N GLY A 72 -7.12 -33.14 -2.16
CA GLY A 72 -7.65 -32.08 -1.33
C GLY A 72 -6.70 -30.89 -1.36
N LYS A 73 -6.66 -30.18 -2.50
CA LYS A 73 -5.79 -29.03 -2.66
C LYS A 73 -6.64 -27.81 -3.01
N GLY A 74 -7.36 -27.88 -4.14
CA GLY A 74 -8.20 -26.78 -4.59
C GLY A 74 -9.50 -27.35 -5.16
N ASN A 75 -10.08 -26.65 -6.16
CA ASN A 75 -11.32 -27.08 -6.77
C ASN A 75 -11.16 -27.05 -8.30
N TYR A 76 -12.19 -27.51 -9.02
CA TYR A 76 -12.10 -27.51 -10.47
C TYR A 76 -13.30 -26.78 -11.06
N TRP A 77 -13.28 -25.44 -11.04
CA TRP A 77 -14.38 -24.64 -11.56
C TRP A 77 -14.38 -24.73 -13.09
N THR A 78 -15.55 -25.07 -13.67
CA THR A 78 -15.70 -25.18 -15.11
C THR A 78 -16.83 -24.26 -15.57
N LEU A 79 -16.58 -23.52 -16.68
CA LEU A 79 -17.58 -22.62 -17.24
C LEU A 79 -18.70 -23.43 -17.88
N ASP A 80 -19.96 -23.09 -17.56
CA ASP A 80 -21.12 -23.77 -18.10
C ASP A 80 -21.37 -23.29 -19.53
N PRO A 81 -21.79 -24.20 -20.41
CA PRO A 81 -22.08 -23.91 -21.80
C PRO A 81 -23.40 -23.15 -21.94
N GLN A 82 -23.52 -22.01 -21.24
CA GLN A 82 -24.73 -21.20 -21.28
C GLN A 82 -24.37 -19.78 -21.75
N SER A 83 -23.41 -19.14 -21.05
CA SER A 83 -22.99 -17.80 -21.39
C SER A 83 -22.02 -17.86 -22.58
N GLU A 84 -20.80 -18.37 -22.33
CA GLU A 84 -19.79 -18.48 -23.36
C GLU A 84 -19.63 -17.13 -24.07
N ASP A 85 -20.10 -16.06 -23.42
CA ASP A 85 -20.01 -14.72 -23.98
C ASP A 85 -18.63 -14.14 -23.67
N MET A 86 -18.14 -14.35 -22.43
CA MET A 86 -16.85 -13.84 -22.01
C MET A 86 -15.75 -14.67 -22.68
N PHE A 87 -16.06 -15.95 -23.00
CA PHE A 87 -15.10 -16.84 -23.63
C PHE A 87 -14.54 -16.17 -24.88
N ASP A 88 -15.42 -15.50 -25.65
CA ASP A 88 -15.02 -14.82 -26.87
C ASP A 88 -16.21 -14.03 -27.42
N ASN A 89 -16.61 -12.98 -26.71
CA ASN A 89 -17.73 -12.14 -27.12
C ASN A 89 -17.41 -11.52 -28.49
N GLY A 90 -16.21 -10.94 -28.62
CA GLY A 90 -15.78 -10.32 -29.86
C GLY A 90 -15.31 -11.39 -30.84
N SER A 91 -14.21 -12.08 -30.48
CA SER A 91 -13.66 -13.13 -31.31
C SER A 91 -12.36 -13.65 -30.68
N PHE A 92 -11.40 -12.74 -30.45
CA PHE A 92 -10.12 -13.10 -29.85
C PHE A 92 -9.24 -11.86 -29.76
N LEU A 93 -9.77 -10.80 -29.13
CA LEU A 93 -9.04 -9.55 -28.96
C LEU A 93 -7.94 -9.75 -27.92
N MET A 1 -0.66 1.79 -0.88
CA MET A 1 0.31 1.38 -1.88
C MET A 1 0.60 -0.12 -1.73
N VAL A 2 1.10 -0.74 -2.81
CA VAL A 2 1.42 -2.16 -2.80
C VAL A 2 2.93 -2.34 -2.93
N LYS A 3 3.56 -1.49 -3.77
CA LYS A 3 5.00 -1.56 -3.98
C LYS A 3 5.62 -0.19 -3.71
N PRO A 4 5.60 0.24 -2.43
CA PRO A 4 6.15 1.51 -2.00
C PRO A 4 7.68 1.47 -1.97
N PRO A 5 8.31 2.62 -1.68
CA PRO A 5 9.75 2.75 -1.61
C PRO A 5 10.29 2.12 -0.33
N TYR A 6 11.02 1.00 -0.46
CA TYR A 6 11.57 0.35 0.71
C TYR A 6 12.97 -0.17 0.40
N SER A 7 13.48 -1.09 1.23
CA SER A 7 14.81 -1.64 1.05
C SER A 7 14.77 -3.15 1.30
N TYR A 8 15.66 -3.91 0.63
CA TYR A 8 15.66 -5.34 0.82
C TYR A 8 16.53 -5.69 2.04
N ILE A 9 17.86 -5.50 1.90
CA ILE A 9 18.77 -5.80 2.99
C ILE A 9 18.33 -5.07 4.26
N ALA A 10 18.22 -3.73 4.17
CA ALA A 10 17.80 -2.92 5.30
C ALA A 10 16.52 -3.50 5.89
N LEU A 11 15.70 -4.13 5.05
CA LEU A 11 14.44 -4.73 5.48
C LEU A 11 14.74 -6.00 6.27
N ILE A 12 15.80 -6.73 5.86
CA ILE A 12 16.19 -7.96 6.53
C ILE A 12 17.01 -7.62 7.77
N THR A 13 18.05 -6.79 7.60
CA THR A 13 18.91 -6.40 8.70
C THR A 13 18.04 -5.94 9.88
N MET A 14 16.92 -5.28 9.58
CA MET A 14 16.01 -4.80 10.60
C MET A 14 15.18 -5.97 11.14
N ALA A 15 15.05 -7.04 10.34
CA ALA A 15 14.30 -8.21 10.72
C ALA A 15 15.15 -9.08 11.66
N ILE A 16 16.48 -8.98 11.52
CA ILE A 16 17.41 -9.74 12.34
C ILE A 16 17.54 -9.07 13.71
N LEU A 17 17.94 -7.78 13.71
CA LEU A 17 18.11 -7.02 14.93
C LEU A 17 16.87 -7.18 15.80
N GLN A 18 15.70 -7.39 15.16
CA GLN A 18 14.44 -7.56 15.87
C GLN A 18 14.52 -8.81 16.74
N SER A 19 15.54 -9.65 16.50
CA SER A 19 15.71 -10.89 17.25
C SER A 19 17.03 -10.80 18.05
N PRO A 20 16.97 -10.13 19.21
CA PRO A 20 18.13 -9.96 20.08
C PRO A 20 18.44 -11.25 20.84
N GLN A 21 18.05 -12.40 20.26
CA GLN A 21 18.29 -13.69 20.87
C GLN A 21 19.21 -14.51 19.96
N LYS A 22 19.14 -14.27 18.65
CA LYS A 22 19.96 -14.98 17.68
C LYS A 22 19.18 -16.16 17.12
N LYS A 23 17.85 -16.01 17.03
CA LYS A 23 16.98 -17.06 16.51
C LYS A 23 15.88 -16.43 15.65
N LEU A 24 16.08 -16.46 14.32
CA LEU A 24 15.11 -15.90 13.39
C LEU A 24 14.20 -17.02 12.88
N THR A 25 12.88 -16.85 13.07
CA THR A 25 11.91 -17.83 12.63
C THR A 25 11.30 -17.38 11.30
N LEU A 26 11.63 -18.11 10.21
CA LEU A 26 11.11 -17.79 8.89
C LEU A 26 9.61 -17.47 8.99
N SER A 27 8.89 -18.25 9.81
CA SER A 27 7.46 -18.06 9.99
C SER A 27 7.20 -16.65 10.51
N GLY A 28 8.07 -16.17 11.42
CA GLY A 28 7.94 -14.84 11.99
C GLY A 28 8.51 -13.82 11.02
N ILE A 29 9.53 -14.22 10.24
CA ILE A 29 10.15 -13.33 9.27
C ILE A 29 9.11 -12.88 8.25
N CYS A 30 8.47 -13.84 7.56
CA CYS A 30 7.45 -13.53 6.57
C CYS A 30 6.34 -12.72 7.23
N GLU A 31 5.94 -13.11 8.44
CA GLU A 31 4.89 -12.41 9.16
C GLU A 31 5.38 -11.03 9.57
N PHE A 32 6.69 -10.92 9.87
CA PHE A 32 7.28 -9.65 10.26
C PHE A 32 7.22 -8.68 9.09
N ILE A 33 7.59 -9.14 7.89
CA ILE A 33 7.57 -8.31 6.69
C ILE A 33 6.13 -7.90 6.39
N SER A 34 5.21 -8.87 6.40
CA SER A 34 3.80 -8.60 6.13
C SER A 34 3.24 -7.69 7.22
N ASN A 35 3.88 -7.72 8.41
CA ASN A 35 3.45 -6.89 9.53
C ASN A 35 3.69 -5.42 9.20
N ARG A 36 4.84 -5.13 8.56
CA ARG A 36 5.19 -3.77 8.18
C ARG A 36 4.68 -3.48 6.77
N PHE A 37 4.91 -4.42 5.84
CA PHE A 37 4.47 -4.27 4.46
C PHE A 37 3.58 -5.45 4.08
N PRO A 38 2.31 -5.40 4.51
CA PRO A 38 1.33 -6.44 4.23
C PRO A 38 0.85 -6.36 2.78
N TYR A 39 0.77 -5.14 2.23
CA TYR A 39 0.31 -5.01 0.85
C TYR A 39 1.37 -5.59 -0.08
N TYR A 40 2.66 -5.51 0.33
CA TYR A 40 3.71 -6.03 -0.54
C TYR A 40 3.53 -7.55 -0.68
N ARG A 41 3.33 -8.24 0.44
CA ARG A 41 3.17 -9.69 0.44
C ARG A 41 1.75 -10.03 -0.01
N GLU A 42 0.76 -9.27 0.49
CA GLU A 42 -0.64 -9.49 0.14
C GLU A 42 -0.80 -9.39 -1.37
N LYS A 43 0.14 -8.69 -2.04
CA LYS A 43 0.09 -8.51 -3.48
C LYS A 43 1.28 -9.25 -4.12
N PHE A 44 2.32 -9.53 -3.31
CA PHE A 44 3.50 -10.22 -3.78
C PHE A 44 3.83 -11.39 -2.85
N PRO A 45 2.94 -12.40 -2.82
CA PRO A 45 3.10 -13.58 -1.97
C PRO A 45 4.16 -14.52 -2.54
N ALA A 46 4.62 -14.22 -3.77
CA ALA A 46 5.63 -15.04 -4.43
C ALA A 46 7.02 -14.63 -3.93
N TRP A 47 7.11 -13.43 -3.31
CA TRP A 47 8.37 -12.94 -2.78
C TRP A 47 8.63 -13.56 -1.42
N GLN A 48 7.83 -14.58 -1.05
CA GLN A 48 7.98 -15.26 0.22
C GLN A 48 9.37 -15.90 0.29
N ASN A 49 9.76 -16.61 -0.79
CA ASN A 49 11.05 -17.27 -0.84
C ASN A 49 12.12 -16.25 -1.24
N SER A 50 11.71 -15.21 -1.98
CA SER A 50 12.62 -14.16 -2.42
C SER A 50 13.36 -13.60 -1.21
N ILE A 51 12.62 -13.34 -0.12
CA ILE A 51 13.20 -12.80 1.09
C ILE A 51 14.02 -13.89 1.79
N ARG A 52 13.55 -15.15 1.70
CA ARG A 52 14.23 -16.27 2.31
C ARG A 52 15.66 -16.36 1.78
N HIS A 53 15.80 -16.31 0.44
CA HIS A 53 17.10 -16.39 -0.20
C HIS A 53 17.96 -15.19 0.25
N ASN A 54 17.48 -13.97 -0.05
CA ASN A 54 18.19 -12.76 0.32
C ASN A 54 18.43 -12.75 1.83
N LEU A 55 17.53 -13.40 2.59
CA LEU A 55 17.65 -13.48 4.04
C LEU A 55 18.87 -14.32 4.40
N SER A 56 19.03 -15.47 3.70
CA SER A 56 20.14 -16.37 3.96
C SER A 56 21.36 -15.87 3.19
N LEU A 57 21.14 -15.18 2.06
CA LEU A 57 22.21 -14.66 1.23
C LEU A 57 22.71 -13.35 1.83
N ASN A 58 21.91 -12.75 2.72
CA ASN A 58 22.27 -11.49 3.35
C ASN A 58 23.13 -11.78 4.59
N ASP A 59 22.48 -12.22 5.68
CA ASP A 59 23.17 -12.53 6.92
C ASP A 59 24.08 -13.74 6.70
N CYS A 60 23.49 -14.88 6.33
CA CYS A 60 24.23 -16.10 6.08
C CYS A 60 24.17 -16.99 7.33
N PHE A 61 23.05 -16.91 8.07
CA PHE A 61 22.88 -17.69 9.28
C PHE A 61 22.52 -19.13 8.90
N VAL A 62 22.25 -19.98 9.90
CA VAL A 62 21.91 -21.37 9.68
C VAL A 62 20.44 -21.59 10.05
N LYS A 63 19.65 -22.10 9.10
CA LYS A 63 18.23 -22.35 9.31
C LYS A 63 18.04 -23.84 9.67
N ILE A 64 16.85 -24.17 10.20
CA ILE A 64 16.54 -25.54 10.57
C ILE A 64 15.48 -26.10 9.61
N PRO A 65 15.95 -26.77 8.53
CA PRO A 65 15.08 -27.36 7.53
C PRO A 65 14.42 -28.64 8.06
N ARG A 66 14.43 -28.82 9.39
CA ARG A 66 13.83 -29.99 10.02
C ARG A 66 14.07 -29.93 11.53
N GLU A 67 13.18 -29.23 12.25
CA GLU A 67 13.30 -29.11 13.70
C GLU A 67 12.88 -30.42 14.36
N PRO A 68 13.78 -31.00 15.17
CA PRO A 68 13.54 -32.25 15.88
C PRO A 68 12.60 -32.03 17.07
N GLY A 69 12.74 -30.89 17.77
CA GLY A 69 11.90 -30.58 18.90
C GLY A 69 10.52 -30.14 18.41
N ASN A 70 10.50 -29.30 17.35
CA ASN A 70 9.26 -28.81 16.79
C ASN A 70 9.14 -29.25 15.33
N PRO A 71 8.78 -30.54 15.11
CA PRO A 71 8.63 -31.11 13.79
C PRO A 71 7.35 -30.63 13.12
N GLY A 72 7.32 -29.32 12.75
CA GLY A 72 6.16 -28.74 12.11
C GLY A 72 5.71 -27.50 12.89
N LYS A 73 6.59 -26.48 12.95
CA LYS A 73 6.29 -25.25 13.66
C LYS A 73 6.90 -24.06 12.90
N GLY A 74 8.18 -23.77 13.18
CA GLY A 74 8.87 -22.66 12.53
C GLY A 74 10.32 -23.07 12.26
N ASN A 75 11.27 -22.24 12.72
CA ASN A 75 12.69 -22.52 12.53
C ASN A 75 13.51 -21.60 13.45
N TYR A 76 14.82 -21.87 13.55
CA TYR A 76 15.65 -21.04 14.40
C TYR A 76 16.96 -20.72 13.69
N TRP A 77 16.99 -19.59 12.94
CA TRP A 77 18.18 -19.18 12.21
C TRP A 77 19.13 -18.46 13.15
N THR A 78 20.42 -18.85 13.12
CA THR A 78 21.42 -18.23 13.97
C THR A 78 22.50 -17.59 13.09
N LEU A 79 22.95 -16.38 13.47
CA LEU A 79 23.97 -15.67 12.72
C LEU A 79 25.32 -16.38 12.89
N ASP A 80 25.90 -16.83 11.76
CA ASP A 80 27.17 -17.54 11.79
C ASP A 80 28.28 -16.54 12.12
N PRO A 81 28.33 -15.42 11.37
CA PRO A 81 29.33 -14.38 11.55
C PRO A 81 29.02 -13.53 12.79
N GLN A 82 29.07 -14.17 13.98
CA GLN A 82 28.79 -13.48 15.23
C GLN A 82 28.81 -14.50 16.38
N SER A 83 27.96 -15.54 16.26
CA SER A 83 27.87 -16.57 17.28
C SER A 83 29.06 -17.52 17.16
N GLU A 84 29.09 -18.30 16.06
CA GLU A 84 30.18 -19.24 15.81
C GLU A 84 31.52 -18.50 15.92
N ASP A 85 31.57 -17.28 15.37
CA ASP A 85 32.78 -16.48 15.40
C ASP A 85 33.21 -16.25 16.84
N MET A 86 32.26 -15.78 17.68
CA MET A 86 32.53 -15.52 19.08
C MET A 86 33.02 -16.81 19.75
N PHE A 87 32.68 -17.97 19.17
CA PHE A 87 33.09 -19.25 19.70
C PHE A 87 34.61 -19.31 19.76
N ASP A 88 35.28 -19.01 18.62
CA ASP A 88 36.72 -19.04 18.56
C ASP A 88 37.17 -18.77 17.12
N ASN A 89 36.90 -17.53 16.63
CA ASN A 89 37.27 -17.15 15.28
C ASN A 89 38.76 -16.79 15.24
N GLY A 90 39.16 -15.84 16.10
CA GLY A 90 40.54 -15.39 16.16
C GLY A 90 41.36 -16.39 16.99
N SER A 91 40.94 -16.63 18.25
CA SER A 91 41.62 -17.55 19.13
C SER A 91 43.09 -17.14 19.27
N PHE A 92 43.31 -15.84 19.55
CA PHE A 92 44.66 -15.31 19.71
C PHE A 92 45.53 -15.80 18.56
N LEU A 93 44.93 -15.94 17.36
CA LEU A 93 45.65 -16.40 16.19
C LEU A 93 44.72 -16.37 14.98
N MET A 1 -0.66 1.79 -0.88
CA MET A 1 0.31 1.38 -1.88
C MET A 1 1.64 1.06 -1.19
N VAL A 2 2.18 2.03 -0.43
CA VAL A 2 3.43 1.86 0.28
C VAL A 2 4.43 1.14 -0.62
N LYS A 3 4.29 1.34 -1.94
CA LYS A 3 5.18 0.71 -2.92
C LYS A 3 6.61 1.18 -2.68
N PRO A 4 6.81 2.52 -2.64
CA PRO A 4 8.11 3.12 -2.40
C PRO A 4 8.53 3.01 -0.93
N PRO A 5 9.85 3.00 -0.69
CA PRO A 5 10.40 2.89 0.66
C PRO A 5 10.25 4.22 1.42
N TYR A 6 10.39 4.17 2.75
CA TYR A 6 10.27 5.39 3.53
C TYR A 6 11.35 5.41 4.61
N SER A 7 11.25 6.38 5.54
CA SER A 7 12.23 6.52 6.61
C SER A 7 11.58 6.10 7.94
N TYR A 8 12.31 5.31 8.75
CA TYR A 8 11.75 4.88 10.02
C TYR A 8 11.89 6.00 11.04
N ILE A 9 13.11 6.54 11.19
CA ILE A 9 13.37 7.60 12.15
C ILE A 9 12.39 8.76 11.89
N ALA A 10 12.15 9.07 10.61
CA ALA A 10 11.24 10.14 10.24
C ALA A 10 9.82 9.72 10.55
N LEU A 11 9.59 8.39 10.66
CA LEU A 11 8.27 7.87 10.96
C LEU A 11 8.01 7.96 12.47
N ILE A 12 9.06 7.75 13.28
CA ILE A 12 8.95 7.81 14.72
C ILE A 12 9.00 9.27 15.17
N THR A 13 9.82 10.08 14.49
CA THR A 13 9.96 11.49 14.81
C THR A 13 8.58 12.11 14.98
N MET A 14 7.64 11.75 14.09
CA MET A 14 6.29 12.26 14.14
C MET A 14 5.47 11.45 15.14
N ALA A 15 5.90 10.20 15.39
CA ALA A 15 5.22 9.32 16.32
C ALA A 15 5.39 9.86 17.75
N ILE A 16 6.65 10.03 18.17
CA ILE A 16 6.96 10.54 19.50
C ILE A 16 6.03 11.71 19.82
N LEU A 17 5.92 12.67 18.87
CA LEU A 17 5.07 13.83 19.05
C LEU A 17 3.68 13.38 19.50
N GLN A 18 3.30 12.14 19.14
CA GLN A 18 2.01 11.59 19.49
C GLN A 18 1.72 11.88 20.97
N SER A 19 2.79 12.01 21.78
CA SER A 19 2.66 12.28 23.19
C SER A 19 2.97 13.75 23.46
N PRO A 20 1.92 14.57 23.69
CA PRO A 20 2.04 15.99 23.95
C PRO A 20 2.56 16.24 25.37
N GLN A 21 2.82 15.16 26.12
CA GLN A 21 3.31 15.26 27.48
C GLN A 21 4.61 14.47 27.61
N LYS A 22 4.50 13.14 27.80
CA LYS A 22 5.66 12.28 27.94
C LYS A 22 5.20 10.85 28.19
N LYS A 23 4.12 10.43 27.50
CA LYS A 23 3.58 9.09 27.64
C LYS A 23 3.32 8.50 26.25
N LEU A 24 4.33 7.80 25.71
CA LEU A 24 4.22 7.18 24.39
C LEU A 24 3.40 5.90 24.51
N THR A 25 2.21 5.87 23.88
CA THR A 25 1.35 4.71 23.90
C THR A 25 1.48 3.94 22.59
N LEU A 26 2.30 2.88 22.59
CA LEU A 26 2.51 2.06 21.41
C LEU A 26 1.15 1.64 20.84
N SER A 27 0.10 1.66 21.68
CA SER A 27 -1.24 1.28 21.26
C SER A 27 -1.84 2.41 20.42
N GLY A 28 -1.34 3.65 20.63
CA GLY A 28 -1.84 4.80 19.89
C GLY A 28 -1.17 4.85 18.52
N ILE A 29 0.18 4.90 18.51
CA ILE A 29 0.94 4.95 17.27
C ILE A 29 0.34 3.94 16.27
N CYS A 30 0.06 2.72 16.75
CA CYS A 30 -0.51 1.68 15.91
C CYS A 30 -1.73 2.24 15.17
N GLU A 31 -2.51 3.09 15.85
CA GLU A 31 -3.69 3.70 15.26
C GLU A 31 -3.29 4.90 14.40
N PHE A 32 -2.20 5.58 14.81
CA PHE A 32 -1.70 6.74 14.09
C PHE A 32 -0.88 6.28 12.88
N ILE A 33 0.14 5.44 13.13
CA ILE A 33 0.99 4.93 12.07
C ILE A 33 0.12 4.21 11.03
N SER A 34 -0.90 3.48 11.50
CA SER A 34 -1.80 2.76 10.61
C SER A 34 -2.83 3.73 10.03
N ASN A 35 -3.08 4.84 10.74
CA ASN A 35 -4.03 5.85 10.28
C ASN A 35 -3.57 6.41 8.93
N ARG A 36 -2.28 6.81 8.86
CA ARG A 36 -1.72 7.36 7.64
C ARG A 36 -1.15 6.22 6.78
N PHE A 37 -0.78 5.11 7.43
CA PHE A 37 -0.22 3.97 6.73
C PHE A 37 -0.97 2.70 7.16
N PRO A 38 -2.25 2.59 6.76
CA PRO A 38 -3.10 1.45 7.08
C PRO A 38 -2.72 0.24 6.24
N TYR A 39 -2.75 0.39 4.90
CA TYR A 39 -2.40 -0.74 4.05
C TYR A 39 -1.03 -1.28 4.46
N TYR A 40 -0.20 -0.43 5.10
CA TYR A 40 1.11 -0.89 5.50
C TYR A 40 0.96 -2.00 6.56
N ARG A 41 -0.02 -1.84 7.46
CA ARG A 41 -0.25 -2.80 8.53
C ARG A 41 -0.62 -4.15 7.91
N GLU A 42 -1.64 -4.16 7.03
CA GLU A 42 -2.09 -5.37 6.37
C GLU A 42 -0.92 -5.99 5.60
N LYS A 43 -0.09 -5.14 4.98
CA LYS A 43 1.07 -5.60 4.22
C LYS A 43 2.12 -6.15 5.19
N PHE A 44 2.50 -5.34 6.19
CA PHE A 44 3.49 -5.76 7.17
C PHE A 44 2.98 -5.42 8.57
N PRO A 45 2.38 -6.40 9.25
CA PRO A 45 1.84 -6.25 10.59
C PRO A 45 2.97 -6.22 11.63
N ALA A 46 4.22 -6.35 11.16
CA ALA A 46 5.38 -6.34 12.05
C ALA A 46 5.80 -4.89 12.31
N TRP A 47 4.85 -3.95 12.15
CA TRP A 47 5.13 -2.54 12.37
C TRP A 47 5.39 -2.30 13.86
N GLN A 48 4.40 -2.65 14.71
CA GLN A 48 4.53 -2.47 16.15
C GLN A 48 5.85 -3.07 16.62
N ASN A 49 6.26 -4.19 15.99
CA ASN A 49 7.50 -4.86 16.35
C ASN A 49 8.69 -4.03 15.83
N SER A 50 8.61 -3.61 14.56
CA SER A 50 9.67 -2.82 13.96
C SER A 50 9.74 -1.46 14.66
N ILE A 51 8.64 -0.69 14.59
CA ILE A 51 8.58 0.62 15.21
C ILE A 51 9.10 0.53 16.64
N ARG A 52 8.51 -0.39 17.44
CA ARG A 52 8.90 -0.57 18.82
C ARG A 52 10.43 -0.60 18.92
N HIS A 53 11.08 -1.24 17.92
CA HIS A 53 12.54 -1.34 17.89
C HIS A 53 13.13 0.03 17.54
N ASN A 54 12.68 0.61 16.41
CA ASN A 54 13.17 1.91 15.96
C ASN A 54 12.71 2.98 16.95
N LEU A 55 11.56 2.74 17.60
CA LEU A 55 11.00 3.68 18.56
C LEU A 55 12.06 3.99 19.62
N SER A 56 12.59 2.93 20.27
CA SER A 56 13.61 3.09 21.30
C SER A 56 14.95 3.44 20.63
N LEU A 57 15.13 3.02 19.37
CA LEU A 57 16.35 3.28 18.64
C LEU A 57 16.27 4.67 18.02
N ASN A 58 15.34 5.51 18.51
CA ASN A 58 15.16 6.86 18.00
C ASN A 58 15.53 7.86 19.09
N ASP A 59 14.57 8.15 20.00
CA ASP A 59 14.80 9.09 21.08
C ASP A 59 15.53 8.37 22.22
N CYS A 60 15.15 7.11 22.48
CA CYS A 60 15.76 6.31 23.54
C CYS A 60 14.95 6.49 24.83
N PHE A 61 13.63 6.26 24.75
CA PHE A 61 12.75 6.39 25.89
C PHE A 61 12.63 5.03 26.59
N VAL A 62 11.71 4.93 27.56
CA VAL A 62 11.48 3.69 28.29
C VAL A 62 10.06 3.21 28.04
N LYS A 63 9.90 1.90 27.78
CA LYS A 63 8.59 1.31 27.53
C LYS A 63 8.13 0.55 28.78
N ILE A 64 6.82 0.62 29.07
CA ILE A 64 6.25 -0.05 30.22
C ILE A 64 5.02 -0.86 29.79
N PRO A 65 5.22 -1.80 28.84
CA PRO A 65 4.16 -2.65 28.32
C PRO A 65 3.78 -3.74 29.34
N ARG A 66 3.86 -3.40 30.63
CA ARG A 66 3.52 -4.34 31.69
C ARG A 66 3.57 -3.62 33.04
N GLU A 67 2.67 -2.62 33.23
CA GLU A 67 2.62 -1.86 34.46
C GLU A 67 1.67 -2.56 35.44
N PRO A 68 2.10 -2.69 36.70
CA PRO A 68 1.31 -3.33 37.76
C PRO A 68 0.18 -2.41 38.22
N GLY A 69 -0.41 -1.65 37.30
CA GLY A 69 -1.49 -0.75 37.61
C GLY A 69 -1.58 0.34 36.54
N ASN A 70 -2.11 -0.02 35.35
CA ASN A 70 -2.24 0.91 34.25
C ASN A 70 -3.70 0.93 33.78
N PRO A 71 -4.61 1.36 34.67
CA PRO A 71 -6.03 1.45 34.38
C PRO A 71 -6.34 2.64 33.47
N GLY A 72 -5.65 2.71 32.31
CA GLY A 72 -5.85 3.79 31.36
C GLY A 72 -6.33 3.20 30.03
N LYS A 73 -5.38 2.83 29.16
CA LYS A 73 -5.69 2.26 27.86
C LYS A 73 -4.69 1.15 27.53
N GLY A 74 -3.40 1.49 27.56
CA GLY A 74 -2.34 0.53 27.27
C GLY A 74 -1.13 0.83 28.15
N ASN A 75 -0.04 1.34 27.53
CA ASN A 75 1.18 1.66 28.25
C ASN A 75 1.56 3.11 27.96
N TYR A 76 2.76 3.52 28.43
CA TYR A 76 3.18 4.89 28.19
C TYR A 76 4.70 4.98 28.32
N TRP A 77 5.38 5.37 27.22
CA TRP A 77 6.83 5.48 27.22
C TRP A 77 7.23 6.92 27.54
N THR A 78 8.44 7.10 28.11
CA THR A 78 8.93 8.42 28.47
C THR A 78 10.36 8.58 27.94
N LEU A 79 10.70 9.81 27.52
CA LEU A 79 12.03 10.10 27.00
C LEU A 79 13.04 10.07 28.14
N ASP A 80 14.31 9.74 27.82
CA ASP A 80 15.37 9.69 28.81
C ASP A 80 15.85 11.10 29.12
N PRO A 81 16.20 11.86 28.07
CA PRO A 81 16.68 13.23 28.19
C PRO A 81 15.54 14.19 28.50
N GLN A 82 14.29 13.73 28.28
CA GLN A 82 13.11 14.54 28.54
C GLN A 82 12.98 15.61 27.44
N SER A 83 13.06 15.17 26.18
CA SER A 83 12.95 16.08 25.04
C SER A 83 11.50 16.52 24.89
N GLU A 84 10.55 15.59 25.17
CA GLU A 84 9.14 15.88 25.06
C GLU A 84 8.76 16.99 26.06
N ASP A 85 9.42 16.99 27.22
CA ASP A 85 9.17 17.98 28.25
C ASP A 85 9.61 19.36 27.75
N MET A 86 10.88 19.47 27.34
CA MET A 86 11.43 20.72 26.83
C MET A 86 11.01 20.90 25.38
N PHE A 87 11.61 20.12 24.47
CA PHE A 87 11.31 20.20 23.04
C PHE A 87 12.47 19.64 22.24
N ASP A 88 13.65 20.28 22.36
CA ASP A 88 14.84 19.84 21.65
C ASP A 88 16.05 19.92 22.58
N ASN A 89 15.81 19.74 23.90
CA ASN A 89 16.87 19.79 24.89
C ASN A 89 17.63 18.47 24.87
N GLY A 90 16.92 17.36 24.59
CA GLY A 90 17.52 16.05 24.54
C GLY A 90 18.42 15.94 23.32
N SER A 91 17.82 16.03 22.12
CA SER A 91 18.57 15.95 20.87
C SER A 91 17.62 15.57 19.73
N PHE A 92 16.86 16.57 19.23
CA PHE A 92 15.92 16.34 18.14
C PHE A 92 16.43 17.02 16.87
N LEU A 93 16.55 18.37 16.92
CA LEU A 93 17.02 19.14 15.79
C LEU A 93 18.17 20.05 16.23
N MET A 1 -0.66 1.79 -0.88
CA MET A 1 0.31 1.38 -1.88
C MET A 1 1.39 2.46 -2.00
N VAL A 2 0.97 3.71 -2.29
CA VAL A 2 1.89 4.83 -2.43
C VAL A 2 3.12 4.36 -3.21
N LYS A 3 2.93 3.36 -4.08
CA LYS A 3 4.03 2.83 -4.88
C LYS A 3 4.35 3.83 -6.00
N PRO A 4 3.36 4.10 -6.87
CA PRO A 4 3.51 5.02 -7.98
C PRO A 4 3.51 6.47 -7.50
N PRO A 5 4.68 7.15 -7.59
CA PRO A 5 4.83 8.53 -7.17
C PRO A 5 4.20 9.48 -8.19
N TYR A 6 4.03 10.75 -7.79
CA TYR A 6 3.43 11.71 -8.70
C TYR A 6 4.42 12.85 -8.96
N SER A 7 4.53 13.79 -8.02
CA SER A 7 5.42 14.94 -8.16
C SER A 7 6.02 15.28 -6.79
N TYR A 8 7.37 15.22 -6.70
CA TYR A 8 8.01 15.52 -5.43
C TYR A 8 7.99 17.04 -5.21
N ILE A 9 8.43 17.80 -6.22
CA ILE A 9 8.47 19.25 -6.12
C ILE A 9 7.07 19.78 -5.81
N ALA A 10 6.04 19.18 -6.44
CA ALA A 10 4.67 19.58 -6.24
C ALA A 10 4.35 19.55 -4.74
N LEU A 11 4.86 18.52 -4.04
CA LEU A 11 4.63 18.38 -2.61
C LEU A 11 5.44 19.44 -1.86
N ILE A 12 6.72 19.58 -2.22
CA ILE A 12 7.60 20.55 -1.59
C ILE A 12 7.04 21.96 -1.81
N THR A 13 6.53 22.22 -3.03
CA THR A 13 5.96 23.52 -3.37
C THR A 13 5.05 23.98 -2.22
N MET A 14 4.25 23.05 -1.67
CA MET A 14 3.34 23.37 -0.58
C MET A 14 4.12 23.41 0.73
N ALA A 15 5.18 22.59 0.82
CA ALA A 15 6.00 22.53 2.02
C ALA A 15 6.70 23.87 2.23
N ILE A 16 7.25 24.44 1.14
CA ILE A 16 7.93 25.72 1.21
C ILE A 16 6.90 26.85 1.32
N LEU A 17 5.73 26.66 0.66
CA LEU A 17 4.67 27.65 0.69
C LEU A 17 4.21 27.85 2.14
N GLN A 18 4.02 26.74 2.87
CA GLN A 18 3.59 26.80 4.26
C GLN A 18 4.42 27.83 5.01
N SER A 19 5.64 28.10 4.51
CA SER A 19 6.53 29.08 5.13
C SER A 19 5.99 30.48 4.90
N PRO A 20 5.58 31.17 5.97
CA PRO A 20 5.05 32.52 5.92
C PRO A 20 6.16 33.54 5.69
N GLN A 21 7.41 33.06 5.60
CA GLN A 21 8.56 33.92 5.38
C GLN A 21 9.53 33.24 4.42
N LYS A 22 10.39 32.35 4.96
CA LYS A 22 11.36 31.64 4.15
C LYS A 22 12.17 30.70 5.06
N LYS A 23 11.51 30.08 6.03
CA LYS A 23 12.16 29.17 6.97
C LYS A 23 11.35 27.88 7.06
N LEU A 24 11.87 26.80 6.44
CA LEU A 24 11.20 25.51 6.46
C LEU A 24 11.93 24.58 7.43
N THR A 25 11.28 24.24 8.55
CA THR A 25 11.86 23.37 9.55
C THR A 25 11.58 21.91 9.17
N LEU A 26 12.61 21.22 8.66
CA LEU A 26 12.47 19.82 8.26
C LEU A 26 11.67 19.07 9.32
N SER A 27 11.76 19.53 10.58
CA SER A 27 11.05 18.90 11.68
C SER A 27 9.57 19.30 11.63
N GLY A 28 9.31 20.59 11.35
CA GLY A 28 7.95 21.10 11.27
C GLY A 28 7.36 20.74 9.90
N ILE A 29 8.23 20.48 8.92
CA ILE A 29 7.81 20.12 7.58
C ILE A 29 7.28 18.69 7.58
N CYS A 30 8.03 17.77 8.20
CA CYS A 30 7.65 16.37 8.27
C CYS A 30 6.26 16.26 8.92
N GLU A 31 5.99 17.13 9.91
CA GLU A 31 4.72 17.14 10.61
C GLU A 31 3.64 17.72 9.70
N PHE A 32 3.96 18.84 9.02
CA PHE A 32 3.03 19.50 8.12
C PHE A 32 2.47 18.47 7.13
N ILE A 33 3.37 17.63 6.57
CA ILE A 33 2.97 16.61 5.62
C ILE A 33 2.39 15.41 6.37
N SER A 34 2.83 15.22 7.63
CA SER A 34 2.35 14.12 8.45
C SER A 34 0.87 14.32 8.75
N ASN A 35 0.41 15.57 8.78
CA ASN A 35 -0.97 15.89 9.04
C ASN A 35 -1.77 15.83 7.74
N ARG A 36 -1.07 15.55 6.63
CA ARG A 36 -1.70 15.46 5.32
C ARG A 36 -1.18 14.23 4.58
N PHE A 37 -0.36 13.41 5.28
CA PHE A 37 0.21 12.21 4.70
C PHE A 37 -0.02 11.04 5.65
N PRO A 38 -1.27 10.56 5.74
CA PRO A 38 -1.65 9.44 6.60
C PRO A 38 -1.17 8.12 6.00
N TYR A 39 -1.75 7.73 4.85
CA TYR A 39 -1.36 6.48 4.24
C TYR A 39 -0.06 6.68 3.46
N TYR A 40 0.48 7.92 3.49
CA TYR A 40 1.71 8.17 2.75
C TYR A 40 2.92 7.81 3.63
N ARG A 41 2.93 8.32 4.86
CA ARG A 41 4.02 8.06 5.79
C ARG A 41 3.77 6.73 6.51
N GLU A 42 2.52 6.49 6.90
CA GLU A 42 2.15 5.26 7.60
C GLU A 42 2.31 4.08 6.64
N LYS A 43 2.60 4.37 5.36
CA LYS A 43 2.77 3.35 4.36
C LYS A 43 4.26 3.24 3.99
N PHE A 44 4.88 4.40 3.69
CA PHE A 44 6.29 4.43 3.34
C PHE A 44 6.99 5.51 4.17
N PRO A 45 7.16 5.25 5.47
CA PRO A 45 7.82 6.16 6.39
C PRO A 45 9.33 6.16 6.18
N ALA A 46 9.83 5.29 5.30
CA ALA A 46 11.24 5.19 5.01
C ALA A 46 11.64 6.29 4.02
N TRP A 47 10.64 6.83 3.30
CA TRP A 47 10.88 7.89 2.32
C TRP A 47 10.95 9.23 3.05
N GLN A 48 11.03 9.19 4.39
CA GLN A 48 11.09 10.40 5.20
C GLN A 48 12.32 11.22 4.77
N ASN A 49 13.47 10.54 4.60
CA ASN A 49 14.70 11.20 4.20
C ASN A 49 14.69 11.42 2.69
N SER A 50 14.17 10.43 1.94
CA SER A 50 14.10 10.50 0.50
C SER A 50 13.52 11.86 0.09
N ILE A 51 12.50 12.32 0.82
CA ILE A 51 11.85 13.59 0.54
C ILE A 51 12.84 14.73 0.81
N ARG A 52 13.59 14.61 1.92
CA ARG A 52 14.57 15.61 2.29
C ARG A 52 15.55 15.84 1.14
N HIS A 53 15.99 14.72 0.51
CA HIS A 53 16.91 14.79 -0.61
C HIS A 53 16.33 15.67 -1.71
N ASN A 54 15.13 15.29 -2.20
CA ASN A 54 14.46 16.03 -3.26
C ASN A 54 14.06 17.41 -2.73
N LEU A 55 13.91 17.52 -1.39
CA LEU A 55 13.54 18.78 -0.77
C LEU A 55 14.59 19.84 -1.11
N SER A 56 15.87 19.53 -0.87
CA SER A 56 16.96 20.44 -1.15
C SER A 56 17.37 20.32 -2.61
N LEU A 57 16.97 19.20 -3.25
CA LEU A 57 17.30 18.96 -4.65
C LEU A 57 16.28 19.68 -5.54
N ASN A 58 15.15 20.10 -4.93
CA ASN A 58 14.11 20.80 -5.68
C ASN A 58 14.40 22.29 -5.67
N ASP A 59 13.98 22.99 -4.59
CA ASP A 59 14.20 24.42 -4.48
C ASP A 59 15.70 24.71 -4.46
N CYS A 60 16.43 24.04 -3.54
CA CYS A 60 17.87 24.23 -3.44
C CYS A 60 18.16 25.28 -2.36
N PHE A 61 17.46 25.19 -1.22
CA PHE A 61 17.64 26.14 -0.13
C PHE A 61 18.80 25.67 0.75
N VAL A 62 19.06 26.40 1.85
CA VAL A 62 20.12 26.06 2.77
C VAL A 62 19.53 25.61 4.11
N LYS A 63 19.94 24.42 4.58
CA LYS A 63 19.45 23.88 5.84
C LYS A 63 20.54 24.01 6.90
N ILE A 64 20.14 24.41 8.12
CA ILE A 64 21.07 24.58 9.23
C ILE A 64 21.20 23.25 9.97
N PRO A 65 22.39 22.61 9.88
CA PRO A 65 22.68 21.35 10.53
C PRO A 65 22.90 21.54 12.03
N ARG A 66 22.99 22.81 12.46
CA ARG A 66 23.21 23.13 13.86
C ARG A 66 23.35 24.65 14.02
N GLU A 67 22.21 25.34 14.13
CA GLU A 67 22.19 26.79 14.29
C GLU A 67 22.77 27.15 15.66
N PRO A 68 23.44 28.32 15.75
CA PRO A 68 24.05 28.80 16.98
C PRO A 68 22.98 29.34 17.94
N GLY A 69 21.71 29.31 17.51
CA GLY A 69 20.61 29.79 18.32
C GLY A 69 19.46 28.77 18.27
N ASN A 70 19.81 27.48 18.33
CA ASN A 70 18.81 26.41 18.29
C ASN A 70 19.16 25.35 19.33
N PRO A 71 18.17 24.96 20.15
CA PRO A 71 18.34 23.96 21.18
C PRO A 71 18.40 22.55 20.58
N GLY A 72 17.63 22.31 19.52
CA GLY A 72 17.60 21.01 18.86
C GLY A 72 16.14 20.61 18.61
N LYS A 73 15.45 21.35 17.73
CA LYS A 73 14.06 21.07 17.40
C LYS A 73 13.94 20.79 15.90
N GLY A 74 14.20 21.81 15.07
CA GLY A 74 14.11 21.67 13.62
C GLY A 74 15.26 22.46 12.97
N ASN A 75 14.91 23.33 12.01
CA ASN A 75 15.91 24.14 11.32
C ASN A 75 15.19 25.23 10.51
N TYR A 76 15.97 26.10 9.85
CA TYR A 76 15.36 27.16 9.06
C TYR A 76 15.93 27.13 7.65
N TRP A 77 15.22 26.50 6.71
CA TRP A 77 15.68 26.40 5.33
C TRP A 77 15.34 27.70 4.60
N THR A 78 16.33 28.25 3.85
CA THR A 78 16.13 29.48 3.10
C THR A 78 16.37 29.21 1.62
N LEU A 79 15.45 29.71 0.76
CA LEU A 79 15.56 29.52 -0.67
C LEU A 79 16.73 30.37 -1.20
N ASP A 80 17.57 29.76 -2.05
CA ASP A 80 18.72 30.44 -2.63
C ASP A 80 18.23 31.49 -3.63
N PRO A 81 18.52 32.78 -3.36
CA PRO A 81 18.13 33.88 -4.21
C PRO A 81 18.99 33.95 -5.47
N GLN A 82 19.01 32.85 -6.24
CA GLN A 82 19.79 32.78 -7.46
C GLN A 82 19.66 31.38 -8.06
N SER A 83 18.43 30.87 -8.13
CA SER A 83 18.18 29.54 -8.68
C SER A 83 18.15 29.63 -10.21
N GLU A 84 17.42 30.62 -10.74
CA GLU A 84 17.31 30.81 -12.18
C GLU A 84 18.10 32.05 -12.58
N ASP A 85 19.22 32.31 -11.88
CA ASP A 85 20.07 33.46 -12.17
C ASP A 85 20.90 33.16 -13.42
N MET A 86 21.43 31.93 -13.51
CA MET A 86 22.24 31.53 -14.65
C MET A 86 21.35 31.34 -15.88
N PHE A 87 20.47 30.32 -15.83
CA PHE A 87 19.57 30.04 -16.92
C PHE A 87 18.80 28.75 -16.62
N ASP A 88 19.54 27.67 -16.33
CA ASP A 88 18.92 26.38 -16.02
C ASP A 88 19.72 25.70 -14.90
N ASN A 89 20.30 26.51 -14.00
CA ASN A 89 21.09 25.99 -12.90
C ASN A 89 20.14 25.51 -11.79
N GLY A 90 19.20 26.38 -11.37
CA GLY A 90 18.24 26.05 -10.34
C GLY A 90 17.36 24.90 -10.82
N SER A 91 16.72 25.07 -11.99
CA SER A 91 15.85 24.05 -12.55
C SER A 91 16.68 22.80 -12.86
N PHE A 92 17.74 22.96 -13.67
CA PHE A 92 18.60 21.85 -14.04
C PHE A 92 17.80 20.84 -14.87
N LEU A 93 17.23 21.31 -16.00
CA LEU A 93 16.45 20.46 -16.88
C LEU A 93 15.24 19.92 -16.11
N MET A 1 -0.66 1.79 -0.88
CA MET A 1 0.31 1.38 -1.88
C MET A 1 0.04 -0.06 -2.31
N VAL A 2 0.01 -0.99 -1.33
CA VAL A 2 -0.24 -2.39 -1.61
C VAL A 2 -1.64 -2.76 -1.11
N LYS A 3 -1.97 -2.33 0.12
CA LYS A 3 -3.27 -2.62 0.71
C LYS A 3 -3.51 -1.67 1.90
N PRO A 4 -4.76 -1.23 2.07
CA PRO A 4 -5.16 -0.33 3.14
C PRO A 4 -5.22 -1.06 4.47
N PRO A 5 -5.36 -0.31 5.58
CA PRO A 5 -5.44 -0.85 6.92
C PRO A 5 -6.81 -1.46 7.18
N TYR A 6 -6.88 -2.41 8.14
CA TYR A 6 -8.15 -3.04 8.43
C TYR A 6 -8.54 -2.75 9.89
N SER A 7 -8.01 -3.54 10.83
CA SER A 7 -8.31 -3.38 12.24
C SER A 7 -7.04 -3.61 13.06
N TYR A 8 -6.87 -2.82 14.14
CA TYR A 8 -5.68 -2.99 14.96
C TYR A 8 -5.88 -4.16 15.92
N ILE A 9 -7.05 -4.19 16.59
CA ILE A 9 -7.36 -5.25 17.54
C ILE A 9 -7.36 -6.60 16.81
N ALA A 10 -8.07 -6.65 15.67
CA ALA A 10 -8.16 -7.87 14.87
C ALA A 10 -6.75 -8.37 14.55
N LEU A 11 -5.78 -7.45 14.54
CA LEU A 11 -4.39 -7.79 14.26
C LEU A 11 -3.74 -8.37 15.52
N ILE A 12 -3.96 -7.71 16.67
CA ILE A 12 -3.40 -8.15 17.92
C ILE A 12 -4.15 -9.39 18.41
N THR A 13 -5.50 -9.34 18.34
CA THR A 13 -6.33 -10.45 18.77
C THR A 13 -5.71 -11.77 18.30
N MET A 14 -5.06 -11.74 17.12
CA MET A 14 -4.43 -12.92 16.56
C MET A 14 -3.03 -13.06 17.16
N ALA A 15 -2.38 -11.94 17.46
CA ALA A 15 -1.04 -11.94 18.03
C ALA A 15 -1.09 -12.60 19.41
N ILE A 16 -2.06 -12.21 20.24
CA ILE A 16 -2.20 -12.76 21.58
C ILE A 16 -2.18 -14.30 21.49
N LEU A 17 -2.87 -14.86 20.48
CA LEU A 17 -2.92 -16.30 20.29
C LEU A 17 -1.49 -16.86 20.28
N GLN A 18 -0.53 -16.05 19.78
CA GLN A 18 0.86 -16.46 19.72
C GLN A 18 1.24 -17.18 21.01
N SER A 19 0.62 -16.77 22.13
CA SER A 19 0.88 -17.37 23.43
C SER A 19 -0.44 -17.82 24.06
N PRO A 20 -0.75 -19.13 23.95
CA PRO A 20 -1.96 -19.71 24.49
C PRO A 20 -1.86 -19.87 26.01
N GLN A 21 -0.70 -19.47 26.58
CA GLN A 21 -0.48 -19.56 28.01
C GLN A 21 -0.55 -18.16 28.62
N LYS A 22 0.52 -17.38 28.44
CA LYS A 22 0.59 -16.03 28.98
C LYS A 22 2.03 -15.51 28.89
N LYS A 23 2.70 -15.78 27.75
CA LYS A 23 4.06 -15.34 27.54
C LYS A 23 4.24 -14.89 26.09
N LEU A 24 4.08 -13.59 25.85
CA LEU A 24 4.22 -13.03 24.50
C LEU A 24 5.53 -12.25 24.41
N THR A 25 6.42 -12.68 23.49
CA THR A 25 7.70 -12.03 23.31
C THR A 25 7.59 -11.02 22.17
N LEU A 26 7.50 -9.73 22.53
CA LEU A 26 7.39 -8.66 21.54
C LEU A 26 8.41 -8.90 20.42
N SER A 27 9.55 -9.53 20.77
CA SER A 27 10.60 -9.82 19.80
C SER A 27 10.04 -10.71 18.71
N GLY A 28 9.30 -11.76 19.10
CA GLY A 28 8.71 -12.69 18.15
C GLY A 28 7.44 -12.07 17.55
N ILE A 29 6.83 -11.12 18.29
CA ILE A 29 5.62 -10.46 17.83
C ILE A 29 5.91 -9.73 16.52
N CYS A 30 6.94 -8.86 16.53
CA CYS A 30 7.32 -8.10 15.36
C CYS A 30 7.56 -9.06 14.19
N GLU A 31 8.28 -10.16 14.45
CA GLU A 31 8.57 -11.16 13.43
C GLU A 31 7.28 -11.85 13.00
N PHE A 32 6.32 -11.98 13.94
CA PHE A 32 5.05 -12.62 13.67
C PHE A 32 4.26 -11.74 12.70
N ILE A 33 4.25 -10.42 12.95
CA ILE A 33 3.54 -9.48 12.09
C ILE A 33 4.12 -9.51 10.68
N SER A 34 5.43 -9.23 10.57
CA SER A 34 6.11 -9.23 9.29
C SER A 34 6.01 -10.62 8.66
N ASN A 35 5.70 -11.63 9.49
CA ASN A 35 5.58 -13.00 9.02
C ASN A 35 4.48 -13.07 7.96
N ARG A 36 3.39 -12.30 8.16
CA ARG A 36 2.27 -12.27 7.24
C ARG A 36 1.96 -10.83 6.87
N PHE A 37 2.81 -9.89 7.32
CA PHE A 37 2.63 -8.48 7.03
C PHE A 37 3.99 -7.83 6.79
N PRO A 38 4.69 -8.29 5.74
CA PRO A 38 6.01 -7.78 5.37
C PRO A 38 5.89 -6.41 4.70
N TYR A 39 4.97 -6.29 3.73
CA TYR A 39 4.80 -5.02 3.04
C TYR A 39 4.18 -4.00 4.00
N TYR A 40 3.49 -4.49 5.06
CA TYR A 40 2.86 -3.58 5.98
C TYR A 40 3.94 -2.84 6.78
N ARG A 41 4.91 -3.59 7.34
CA ARG A 41 5.99 -3.01 8.11
C ARG A 41 6.96 -2.29 7.18
N GLU A 42 7.14 -2.84 5.95
CA GLU A 42 8.04 -2.26 4.97
C GLU A 42 7.43 -0.96 4.44
N LYS A 43 6.13 -0.77 4.69
CA LYS A 43 5.43 0.43 4.24
C LYS A 43 4.84 1.17 5.43
N PHE A 44 5.24 0.74 6.66
CA PHE A 44 4.76 1.36 7.88
C PHE A 44 5.41 0.68 9.09
N PRO A 45 6.74 0.83 9.20
CA PRO A 45 7.52 0.26 10.29
C PRO A 45 7.31 1.04 11.58
N ALA A 46 6.79 2.27 11.48
CA ALA A 46 6.54 3.11 12.63
C ALA A 46 5.43 2.48 13.49
N TRP A 47 4.68 1.55 12.89
CA TRP A 47 3.60 0.87 13.58
C TRP A 47 4.18 -0.24 14.47
N GLN A 48 5.51 -0.40 14.42
CA GLN A 48 6.19 -1.43 15.22
C GLN A 48 5.93 -1.16 16.70
N ASN A 49 5.98 0.11 17.11
CA ASN A 49 5.76 0.49 18.50
C ASN A 49 4.25 0.53 18.77
N SER A 50 3.48 1.04 17.78
CA SER A 50 2.03 1.15 17.92
C SER A 50 1.46 -0.24 18.22
N ILE A 51 1.86 -1.25 17.43
CA ILE A 51 1.39 -2.61 17.62
C ILE A 51 1.57 -3.01 19.09
N ARG A 52 2.61 -2.46 19.74
CA ARG A 52 2.89 -2.76 21.14
C ARG A 52 1.97 -1.93 22.03
N HIS A 53 1.71 -0.68 21.63
CA HIS A 53 0.85 0.21 22.39
C HIS A 53 -0.55 -0.41 22.50
N ASN A 54 -1.21 -0.63 21.34
CA ASN A 54 -2.54 -1.22 21.31
C ASN A 54 -2.48 -2.63 21.89
N LEU A 55 -1.30 -3.26 21.83
CA LEU A 55 -1.12 -4.61 22.34
C LEU A 55 -1.46 -4.63 23.83
N SER A 56 -0.84 -3.72 24.60
CA SER A 56 -1.08 -3.64 26.03
C SER A 56 -2.36 -2.83 26.28
N LEU A 57 -2.79 -2.06 25.27
CA LEU A 57 -3.99 -1.25 25.38
C LEU A 57 -5.22 -2.12 25.14
N ASN A 58 -4.99 -3.35 24.64
CA ASN A 58 -6.07 -4.28 24.36
C ASN A 58 -6.21 -5.27 25.52
N ASP A 59 -5.40 -6.35 25.49
CA ASP A 59 -5.40 -7.36 26.53
C ASP A 59 -5.18 -6.70 27.88
N CYS A 60 -4.08 -5.91 27.99
CA CYS A 60 -3.75 -5.22 29.22
C CYS A 60 -2.74 -6.07 30.01
N PHE A 61 -1.81 -6.72 29.30
CA PHE A 61 -0.80 -7.55 29.93
C PHE A 61 0.38 -6.68 30.37
N VAL A 62 1.43 -7.32 30.91
CA VAL A 62 2.60 -6.60 31.36
C VAL A 62 3.83 -7.08 30.57
N LYS A 63 4.57 -6.14 29.97
CA LYS A 63 5.75 -6.48 29.19
C LYS A 63 7.00 -6.12 29.99
N ILE A 64 8.05 -6.96 29.88
CA ILE A 64 9.29 -6.73 30.60
C ILE A 64 10.46 -6.74 29.60
N PRO A 65 10.54 -5.70 28.76
CA PRO A 65 11.58 -5.54 27.76
C PRO A 65 12.90 -5.13 28.39
N ARG A 66 13.24 -5.76 29.55
CA ARG A 66 14.48 -5.47 30.25
C ARG A 66 14.50 -6.24 31.56
N GLU A 67 14.62 -7.58 31.48
CA GLU A 67 14.65 -8.43 32.66
C GLU A 67 16.07 -9.01 32.82
N PRO A 68 16.73 -8.65 33.93
CA PRO A 68 18.07 -9.11 34.25
C PRO A 68 18.06 -10.57 34.70
N GLY A 69 17.05 -11.34 34.25
CA GLY A 69 16.92 -12.74 34.62
C GLY A 69 16.14 -13.47 33.53
N ASN A 70 16.32 -13.05 32.27
CA ASN A 70 15.64 -13.67 31.14
C ASN A 70 16.67 -14.06 30.08
N PRO A 71 17.55 -15.02 30.42
CA PRO A 71 18.59 -15.50 29.52
C PRO A 71 18.00 -16.41 28.44
N GLY A 72 17.09 -15.86 27.62
CA GLY A 72 16.45 -16.63 26.55
C GLY A 72 16.68 -15.91 25.22
N LYS A 73 15.82 -14.93 24.90
CA LYS A 73 15.94 -14.19 23.66
C LYS A 73 15.60 -12.72 23.92
N GLY A 74 14.41 -12.47 24.47
CA GLY A 74 13.97 -11.11 24.78
C GLY A 74 13.19 -11.12 26.10
N ASN A 75 11.89 -10.78 26.03
CA ASN A 75 11.04 -10.75 27.21
C ASN A 75 9.75 -11.50 26.92
N TYR A 76 8.73 -11.30 27.78
CA TYR A 76 7.47 -11.99 27.57
C TYR A 76 6.35 -11.24 28.29
N TRP A 77 5.20 -11.08 27.60
CA TRP A 77 4.06 -10.36 28.17
C TRP A 77 3.11 -11.37 28.81
N THR A 78 2.45 -10.97 29.91
CA THR A 78 1.51 -11.83 30.62
C THR A 78 0.18 -11.09 30.77
N LEU A 79 -0.94 -11.80 30.52
CA LEU A 79 -2.26 -11.22 30.62
C LEU A 79 -2.61 -11.03 32.10
N ASP A 80 -3.09 -9.83 32.46
CA ASP A 80 -3.45 -9.51 33.84
C ASP A 80 -4.94 -9.18 33.90
N PRO A 81 -5.58 -9.50 35.03
CA PRO A 81 -7.00 -9.26 35.26
C PRO A 81 -7.26 -7.77 35.53
N GLN A 82 -6.57 -6.89 34.77
CA GLN A 82 -6.72 -5.45 34.94
C GLN A 82 -7.81 -4.95 33.99
N SER A 83 -8.03 -5.69 32.88
CA SER A 83 -9.03 -5.32 31.90
C SER A 83 -10.43 -5.53 32.50
N GLU A 84 -10.79 -6.81 32.75
CA GLU A 84 -12.08 -7.15 33.30
C GLU A 84 -13.19 -6.61 32.39
N ASP A 85 -12.81 -6.16 31.18
CA ASP A 85 -13.76 -5.63 30.21
C ASP A 85 -14.45 -6.79 29.50
N MET A 86 -13.65 -7.75 29.00
CA MET A 86 -14.18 -8.91 28.30
C MET A 86 -14.69 -9.94 29.32
N PHE A 87 -13.75 -10.66 29.96
CA PHE A 87 -14.10 -11.66 30.95
C PHE A 87 -15.36 -12.40 30.49
N ASP A 88 -15.50 -12.58 29.17
CA ASP A 88 -16.66 -13.27 28.61
C ASP A 88 -16.52 -13.33 27.09
N ASN A 89 -16.75 -12.19 26.41
CA ASN A 89 -16.65 -12.12 24.97
C ASN A 89 -15.22 -12.48 24.54
N GLY A 90 -14.27 -12.38 25.48
CA GLY A 90 -12.88 -12.69 25.20
C GLY A 90 -12.76 -14.16 24.77
N SER A 91 -13.44 -15.06 25.50
CA SER A 91 -13.42 -16.48 25.20
C SER A 91 -11.98 -16.99 25.29
N PHE A 92 -11.24 -16.51 26.28
CA PHE A 92 -9.85 -16.91 26.48
C PHE A 92 -9.82 -18.31 27.10
N LEU A 93 -10.54 -18.49 28.22
CA LEU A 93 -10.60 -19.77 28.90
C LEU A 93 -11.28 -20.80 27.99
N MET A 1 -0.66 1.79 -0.88
CA MET A 1 0.31 1.38 -1.88
C MET A 1 0.25 2.35 -3.06
N VAL A 2 1.09 3.40 -3.03
CA VAL A 2 1.12 4.38 -4.09
C VAL A 2 2.57 4.72 -4.43
N LYS A 3 3.25 5.44 -3.52
CA LYS A 3 4.64 5.83 -3.71
C LYS A 3 5.33 4.79 -4.60
N PRO A 4 5.30 5.01 -5.93
CA PRO A 4 5.91 4.13 -6.90
C PRO A 4 7.43 4.28 -6.91
N PRO A 5 8.12 3.42 -7.68
CA PRO A 5 9.57 3.43 -7.79
C PRO A 5 10.05 4.60 -8.65
N TYR A 6 10.34 5.74 -8.02
CA TYR A 6 10.79 6.89 -8.77
C TYR A 6 12.11 7.39 -8.19
N SER A 7 12.73 8.39 -8.86
CA SER A 7 14.00 8.95 -8.40
C SER A 7 13.91 10.48 -8.44
N TYR A 8 14.90 11.14 -7.80
CA TYR A 8 14.88 12.60 -7.79
C TYR A 8 15.44 13.12 -9.11
N ILE A 9 16.76 12.97 -9.31
CA ILE A 9 17.42 13.43 -10.52
C ILE A 9 16.63 12.97 -11.74
N ALA A 10 16.08 11.75 -11.66
CA ALA A 10 15.29 11.19 -12.76
C ALA A 10 14.03 12.01 -12.95
N LEU A 11 13.52 12.60 -11.85
CA LEU A 11 12.32 13.41 -11.90
C LEU A 11 12.63 14.74 -12.60
N ILE A 12 13.62 15.49 -12.06
CA ILE A 12 14.01 16.76 -12.63
C ILE A 12 14.45 16.55 -14.08
N THR A 13 15.23 15.47 -14.33
CA THR A 13 15.73 15.16 -15.66
C THR A 13 14.57 15.26 -16.66
N MET A 14 13.37 14.83 -16.24
CA MET A 14 12.19 14.88 -17.09
C MET A 14 11.58 16.28 -17.05
N ALA A 15 11.65 16.93 -15.87
CA ALA A 15 11.12 18.27 -15.69
C ALA A 15 11.99 19.27 -16.44
N ILE A 16 13.30 18.96 -16.56
CA ILE A 16 14.24 19.84 -17.24
C ILE A 16 14.11 19.62 -18.76
N LEU A 17 14.17 18.35 -19.19
CA LEU A 17 14.05 18.02 -20.60
C LEU A 17 12.69 18.49 -21.13
N GLN A 18 11.69 18.54 -20.23
CA GLN A 18 10.35 18.96 -20.60
C GLN A 18 10.43 20.29 -21.38
N SER A 19 11.52 21.05 -21.13
CA SER A 19 11.72 22.34 -21.79
C SER A 19 12.02 22.09 -23.27
N PRO A 20 11.11 22.54 -24.17
CA PRO A 20 11.25 22.39 -25.59
C PRO A 20 12.29 23.37 -26.15
N GLN A 21 12.86 24.20 -25.27
CA GLN A 21 13.86 25.19 -25.67
C GLN A 21 14.96 25.24 -24.61
N LYS A 22 14.73 26.03 -23.54
CA LYS A 22 15.70 26.17 -22.46
C LYS A 22 15.13 27.12 -21.40
N LYS A 23 13.81 27.03 -21.16
CA LYS A 23 13.16 27.88 -20.18
C LYS A 23 12.07 27.07 -19.46
N LEU A 24 12.33 26.73 -18.19
CA LEU A 24 11.38 25.96 -17.39
C LEU A 24 10.92 26.80 -16.20
N THR A 25 9.59 26.91 -16.02
CA THR A 25 9.02 27.67 -14.92
C THR A 25 8.70 26.74 -13.75
N LEU A 26 9.34 26.99 -12.60
CA LEU A 26 9.14 26.18 -11.41
C LEU A 26 7.63 26.02 -11.16
N SER A 27 6.87 27.10 -11.40
CA SER A 27 5.43 27.08 -11.21
C SER A 27 4.83 25.90 -11.98
N GLY A 28 5.35 25.64 -13.18
CA GLY A 28 4.88 24.54 -14.00
C GLY A 28 5.46 23.23 -13.50
N ILE A 29 6.69 23.30 -12.93
CA ILE A 29 7.36 22.12 -12.41
C ILE A 29 6.50 21.48 -11.32
N CYS A 30 5.83 22.32 -10.51
CA CYS A 30 4.98 21.85 -9.44
C CYS A 30 3.79 21.10 -10.04
N GLU A 31 3.03 21.78 -10.91
CA GLU A 31 1.87 21.19 -11.55
C GLU A 31 2.32 20.07 -12.49
N PHE A 32 3.51 20.25 -13.11
CA PHE A 32 4.06 19.27 -14.03
C PHE A 32 4.17 17.92 -13.32
N ILE A 33 4.44 17.96 -12.00
CA ILE A 33 4.58 16.75 -11.21
C ILE A 33 3.19 16.15 -10.96
N SER A 34 2.29 16.94 -10.35
CA SER A 34 0.94 16.48 -10.05
C SER A 34 0.29 15.98 -11.34
N ASN A 35 0.85 16.38 -12.49
CA ASN A 35 0.32 15.97 -13.79
C ASN A 35 0.69 14.51 -14.04
N ARG A 36 1.95 14.15 -13.76
CA ARG A 36 2.42 12.79 -13.96
C ARG A 36 2.19 11.98 -12.67
N PHE A 37 2.58 12.55 -11.52
CA PHE A 37 2.42 11.88 -10.24
C PHE A 37 1.51 12.74 -9.35
N PRO A 38 0.19 12.61 -9.54
CA PRO A 38 -0.81 13.34 -8.78
C PRO A 38 -0.94 12.76 -7.36
N TYR A 39 -0.75 11.44 -7.23
CA TYR A 39 -0.88 10.83 -5.92
C TYR A 39 0.36 11.17 -5.08
N TYR A 40 1.49 11.44 -5.75
CA TYR A 40 2.69 11.76 -5.00
C TYR A 40 2.49 13.08 -4.26
N ARG A 41 2.13 14.14 -5.00
CA ARG A 41 1.92 15.45 -4.41
C ARG A 41 0.81 15.37 -3.36
N GLU A 42 -0.26 14.60 -3.67
CA GLU A 42 -1.37 14.44 -2.76
C GLU A 42 -0.96 13.52 -1.61
N LYS A 43 0.24 12.92 -1.72
CA LYS A 43 0.75 12.03 -0.70
C LYS A 43 1.84 12.75 0.11
N PHE A 44 2.77 13.43 -0.59
CA PHE A 44 3.84 14.16 0.06
C PHE A 44 4.04 15.49 -0.65
N PRO A 45 3.10 16.44 -0.43
CA PRO A 45 3.14 17.77 -1.02
C PRO A 45 4.20 18.64 -0.33
N ALA A 46 4.81 18.12 0.75
CA ALA A 46 5.83 18.84 1.49
C ALA A 46 7.16 18.72 0.75
N TRP A 47 7.22 17.82 -0.25
CA TRP A 47 8.44 17.61 -1.02
C TRP A 47 8.46 18.56 -2.21
N GLN A 48 7.63 19.63 -2.15
CA GLN A 48 7.54 20.60 -3.22
C GLN A 48 8.89 21.33 -3.35
N ASN A 49 9.39 21.87 -2.22
CA ASN A 49 10.65 22.58 -2.20
C ASN A 49 11.81 21.57 -2.16
N SER A 50 11.55 20.38 -1.60
CA SER A 50 12.55 19.33 -1.50
C SER A 50 13.13 19.06 -2.89
N ILE A 51 12.25 18.97 -3.90
CA ILE A 51 12.69 18.72 -5.27
C ILE A 51 13.37 19.97 -5.83
N ARG A 52 12.97 21.15 -5.31
CA ARG A 52 13.55 22.41 -5.76
C ARG A 52 15.02 22.46 -5.38
N HIS A 53 15.34 22.03 -4.15
CA HIS A 53 16.71 22.03 -3.66
C HIS A 53 17.57 21.14 -4.56
N ASN A 54 17.13 19.89 -4.77
CA ASN A 54 17.85 18.94 -5.61
C ASN A 54 17.75 19.39 -7.07
N LEU A 55 16.68 20.13 -7.39
CA LEU A 55 16.47 20.62 -8.75
C LEU A 55 17.66 21.50 -9.17
N SER A 56 18.01 22.47 -8.31
CA SER A 56 19.13 23.37 -8.59
C SER A 56 20.44 22.65 -8.29
N LEU A 57 20.40 21.67 -7.37
CA LEU A 57 21.58 20.91 -6.99
C LEU A 57 21.78 19.76 -7.99
N ASN A 58 20.94 19.73 -9.04
CA ASN A 58 21.03 18.69 -10.05
C ASN A 58 21.88 19.19 -11.22
N ASP A 59 21.26 19.95 -12.14
CA ASP A 59 21.96 20.48 -13.29
C ASP A 59 22.74 21.72 -12.88
N CYS A 60 22.27 22.42 -11.82
CA CYS A 60 22.92 23.61 -11.33
C CYS A 60 22.63 24.77 -12.28
N PHE A 61 21.44 24.78 -12.88
CA PHE A 61 21.04 25.84 -13.80
C PHE A 61 20.88 27.14 -13.03
N VAL A 62 20.44 28.21 -13.73
CA VAL A 62 20.24 29.51 -13.13
C VAL A 62 18.74 29.83 -13.09
N LYS A 63 18.21 30.16 -11.90
CA LYS A 63 16.81 30.48 -11.74
C LYS A 63 16.67 31.98 -11.48
N ILE A 64 15.53 32.57 -11.89
CA ILE A 64 15.27 33.98 -11.70
C ILE A 64 14.15 34.16 -10.66
N PRO A 65 14.56 34.39 -9.39
CA PRO A 65 13.64 34.58 -8.29
C PRO A 65 13.00 35.97 -8.34
N ARG A 66 13.29 36.72 -9.41
CA ARG A 66 12.74 38.06 -9.59
C ARG A 66 13.32 38.69 -10.87
N GLU A 67 12.72 38.36 -12.02
CA GLU A 67 13.17 38.88 -13.30
C GLU A 67 12.83 40.37 -13.39
N PRO A 68 13.80 41.19 -13.81
CA PRO A 68 13.64 42.62 -13.94
C PRO A 68 12.82 42.96 -15.18
N GLY A 69 11.84 42.11 -15.51
CA GLY A 69 10.98 42.32 -16.67
C GLY A 69 10.19 41.03 -16.95
N ASN A 70 9.48 40.53 -15.93
CA ASN A 70 8.70 39.31 -16.06
C ASN A 70 7.24 39.70 -16.35
N PRO A 71 6.47 38.75 -16.91
CA PRO A 71 5.06 38.94 -17.23
C PRO A 71 4.20 38.92 -15.98
N GLY A 72 4.60 38.10 -14.98
CA GLY A 72 3.86 37.98 -13.74
C GLY A 72 3.29 36.56 -13.62
N LYS A 73 4.18 35.56 -13.74
CA LYS A 73 3.77 34.17 -13.63
C LYS A 73 4.79 33.40 -12.78
N GLY A 74 5.93 33.02 -13.40
CA GLY A 74 6.97 32.29 -12.71
C GLY A 74 8.34 32.83 -13.15
N ASN A 75 9.19 31.92 -13.67
CA ASN A 75 10.52 32.31 -14.13
C ASN A 75 10.98 31.32 -15.20
N TYR A 76 12.31 31.20 -15.37
CA TYR A 76 12.82 30.28 -16.38
C TYR A 76 14.25 29.86 -16.01
N TRP A 77 14.43 28.57 -15.67
CA TRP A 77 15.73 28.05 -15.28
C TRP A 77 16.46 27.55 -16.54
N THR A 78 17.73 28.00 -16.72
CA THR A 78 18.52 27.60 -17.87
C THR A 78 19.72 26.78 -17.39
N LEU A 79 20.08 25.74 -18.16
CA LEU A 79 21.18 24.87 -17.82
C LEU A 79 22.50 25.60 -18.09
N ASP A 80 23.35 25.71 -17.05
CA ASP A 80 24.63 26.39 -17.18
C ASP A 80 25.76 25.36 -17.04
N PRO A 81 26.64 25.28 -18.05
CA PRO A 81 27.76 24.36 -18.07
C PRO A 81 28.88 24.85 -17.15
N GLN A 82 28.55 25.07 -15.86
CA GLN A 82 29.52 25.53 -14.89
C GLN A 82 29.89 26.99 -15.19
N SER A 83 28.87 27.81 -15.48
CA SER A 83 29.08 29.22 -15.79
C SER A 83 29.22 30.01 -14.48
N GLU A 84 28.69 29.44 -13.38
CA GLU A 84 28.75 30.08 -12.08
C GLU A 84 30.07 29.73 -11.40
N ASP A 85 30.57 28.50 -11.66
CA ASP A 85 31.82 28.05 -11.07
C ASP A 85 33.00 28.63 -11.87
N MET A 86 32.92 28.52 -13.21
CA MET A 86 33.96 29.03 -14.08
C MET A 86 34.34 30.46 -13.65
N PHE A 87 33.34 31.21 -13.16
CA PHE A 87 33.57 32.58 -12.71
C PHE A 87 33.41 32.64 -11.20
N ASP A 88 33.62 31.51 -10.51
CA ASP A 88 33.50 31.44 -9.07
C ASP A 88 33.73 29.99 -8.61
N ASN A 89 34.91 29.43 -8.96
CA ASN A 89 35.24 28.07 -8.59
C ASN A 89 35.70 28.04 -7.13
N GLY A 90 36.74 28.83 -6.81
CA GLY A 90 37.28 28.90 -5.46
C GLY A 90 36.39 29.82 -4.61
N SER A 91 36.46 31.14 -4.89
CA SER A 91 35.67 32.11 -4.16
C SER A 91 36.24 33.51 -4.41
N PHE A 92 35.92 34.07 -5.60
CA PHE A 92 36.39 35.40 -5.97
C PHE A 92 35.21 36.23 -6.46
N LEU A 93 34.45 35.69 -7.42
CA LEU A 93 33.29 36.39 -7.98
C LEU A 93 33.77 37.63 -8.73
N MET A 1 -0.66 1.79 -0.88
CA MET A 1 0.31 1.38 -1.88
C MET A 1 -0.28 0.28 -2.75
N VAL A 2 -0.01 0.34 -4.06
CA VAL A 2 -0.51 -0.64 -5.01
C VAL A 2 -1.97 -0.96 -4.67
N LYS A 3 -2.68 0.02 -4.10
CA LYS A 3 -4.08 -0.15 -3.73
C LYS A 3 -4.95 -0.08 -4.98
N PRO A 4 -4.69 0.93 -5.83
CA PRO A 4 -5.43 1.14 -7.07
C PRO A 4 -5.01 0.13 -8.14
N PRO A 5 -5.66 0.19 -9.31
CA PRO A 5 -5.39 -0.70 -10.43
C PRO A 5 -4.08 -0.31 -11.12
N TYR A 6 -3.68 -1.10 -12.15
CA TYR A 6 -2.45 -0.78 -12.85
C TYR A 6 -2.65 -1.03 -14.35
N SER A 7 -1.84 -0.34 -15.18
CA SER A 7 -1.95 -0.48 -16.62
C SER A 7 -0.57 -0.81 -17.19
N TYR A 8 -0.52 -1.76 -18.14
CA TYR A 8 0.77 -2.13 -18.73
C TYR A 8 1.12 -1.14 -19.83
N ILE A 9 0.36 -1.17 -20.95
CA ILE A 9 0.60 -0.28 -22.06
C ILE A 9 0.81 1.14 -21.56
N ALA A 10 -0.14 1.64 -20.73
CA ALA A 10 -0.05 2.98 -20.18
C ALA A 10 1.31 3.16 -19.50
N LEU A 11 1.88 2.06 -19.00
CA LEU A 11 3.18 2.09 -18.33
C LEU A 11 4.28 2.05 -19.38
N ILE A 12 4.25 1.03 -20.25
CA ILE A 12 5.25 0.89 -21.30
C ILE A 12 5.37 2.19 -22.07
N THR A 13 4.22 2.75 -22.48
CA THR A 13 4.19 3.99 -23.23
C THR A 13 5.23 4.95 -22.67
N MET A 14 5.33 5.01 -21.33
CA MET A 14 6.29 5.87 -20.66
C MET A 14 7.66 5.21 -20.65
N ALA A 15 7.67 3.87 -20.47
CA ALA A 15 8.91 3.10 -20.43
C ALA A 15 9.68 3.33 -21.73
N ILE A 16 8.94 3.55 -22.84
CA ILE A 16 9.55 3.78 -24.13
C ILE A 16 10.23 5.15 -24.14
N LEU A 17 9.64 6.12 -23.43
CA LEU A 17 10.18 7.47 -23.36
C LEU A 17 11.57 7.42 -22.73
N GLN A 18 11.80 6.43 -21.85
CA GLN A 18 13.07 6.27 -21.18
C GLN A 18 14.20 6.44 -22.20
N SER A 19 13.91 6.14 -23.47
CA SER A 19 14.90 6.25 -24.53
C SER A 19 14.66 7.56 -25.31
N PRO A 20 15.54 8.56 -25.08
CA PRO A 20 15.46 9.85 -25.73
C PRO A 20 15.91 9.77 -27.19
N GLN A 21 16.27 8.55 -27.64
CA GLN A 21 16.72 8.33 -29.00
C GLN A 21 15.77 7.36 -29.70
N LYS A 22 16.00 6.04 -29.51
CA LYS A 22 15.18 5.02 -30.12
C LYS A 22 15.77 3.64 -29.79
N LYS A 23 16.23 3.47 -28.55
CA LYS A 23 16.82 2.20 -28.12
C LYS A 23 16.38 1.92 -26.67
N LEU A 24 15.51 0.91 -26.51
CA LEU A 24 15.02 0.52 -25.19
C LEU A 24 15.88 -0.60 -24.63
N THR A 25 16.35 -0.44 -23.38
CA THR A 25 17.19 -1.44 -22.74
C THR A 25 16.35 -2.22 -21.71
N LEU A 26 16.03 -3.48 -22.03
CA LEU A 26 15.24 -4.32 -21.16
C LEU A 26 15.79 -4.22 -19.73
N SER A 27 17.11 -3.98 -19.61
CA SER A 27 17.76 -3.86 -18.31
C SER A 27 17.22 -2.63 -17.60
N GLY A 28 17.09 -1.51 -18.33
CA GLY A 28 16.58 -0.26 -17.76
C GLY A 28 15.07 -0.34 -17.66
N ILE A 29 14.43 -1.16 -18.52
CA ILE A 29 12.99 -1.32 -18.53
C ILE A 29 12.53 -1.85 -17.17
N CYS A 30 13.08 -3.00 -16.76
CA CYS A 30 12.72 -3.62 -15.49
C CYS A 30 13.21 -2.72 -14.35
N GLU A 31 14.42 -2.16 -14.50
CA GLU A 31 15.00 -1.30 -13.49
C GLU A 31 14.14 -0.04 -13.35
N PHE A 32 13.62 0.47 -14.48
CA PHE A 32 12.79 1.66 -14.49
C PHE A 32 11.54 1.40 -13.63
N ILE A 33 10.78 0.35 -13.97
CA ILE A 33 9.57 0.00 -13.24
C ILE A 33 9.95 -0.44 -11.83
N SER A 34 11.25 -0.70 -11.60
CA SER A 34 11.74 -1.13 -10.31
C SER A 34 11.96 0.09 -9.42
N ASN A 35 12.52 1.17 -10.00
CA ASN A 35 12.77 2.40 -9.27
C ASN A 35 11.49 3.24 -9.22
N ARG A 36 10.61 3.04 -10.22
CA ARG A 36 9.35 3.78 -10.28
C ARG A 36 8.32 3.09 -9.37
N PHE A 37 8.27 1.75 -9.43
CA PHE A 37 7.34 0.98 -8.62
C PHE A 37 8.10 -0.13 -7.89
N PRO A 38 8.66 0.21 -6.71
CA PRO A 38 9.41 -0.73 -5.88
C PRO A 38 8.48 -1.71 -5.18
N TYR A 39 7.36 -1.20 -4.63
CA TYR A 39 6.44 -2.08 -3.95
C TYR A 39 5.86 -3.09 -4.95
N TYR A 40 5.73 -2.68 -6.22
CA TYR A 40 5.18 -3.59 -7.20
C TYR A 40 6.17 -4.72 -7.47
N ARG A 41 7.43 -4.37 -7.77
CA ARG A 41 8.47 -5.36 -8.04
C ARG A 41 8.71 -6.19 -6.79
N GLU A 42 8.32 -5.66 -5.62
CA GLU A 42 8.51 -6.36 -4.36
C GLU A 42 7.35 -7.34 -4.15
N LYS A 43 6.19 -7.03 -4.76
CA LYS A 43 5.02 -7.89 -4.64
C LYS A 43 4.77 -8.60 -5.98
N PHE A 44 5.75 -8.51 -6.90
CA PHE A 44 5.65 -9.14 -8.20
C PHE A 44 6.85 -8.74 -9.06
N PRO A 45 8.02 -9.35 -8.78
CA PRO A 45 9.25 -9.08 -9.49
C PRO A 45 9.23 -9.73 -10.89
N ALA A 46 8.07 -10.30 -11.27
CA ALA A 46 7.92 -10.95 -12.56
C ALA A 46 7.55 -9.91 -13.61
N TRP A 47 7.93 -8.64 -13.36
CA TRP A 47 7.63 -7.55 -14.28
C TRP A 47 8.47 -7.73 -15.55
N GLN A 48 9.80 -7.79 -15.40
CA GLN A 48 10.70 -7.96 -16.52
C GLN A 48 10.17 -9.08 -17.42
N ASN A 49 9.44 -10.03 -16.84
CA ASN A 49 8.89 -11.15 -17.58
C ASN A 49 7.59 -10.71 -18.26
N SER A 50 6.66 -10.12 -17.47
CA SER A 50 5.39 -9.66 -17.99
C SER A 50 5.63 -8.53 -18.99
N ILE A 51 6.41 -7.51 -18.57
CA ILE A 51 6.73 -6.38 -19.43
C ILE A 51 7.48 -6.87 -20.66
N ARG A 52 8.34 -7.88 -20.49
CA ARG A 52 9.12 -8.45 -21.58
C ARG A 52 8.18 -8.77 -22.75
N HIS A 53 7.01 -9.36 -22.44
CA HIS A 53 6.04 -9.73 -23.45
C HIS A 53 5.22 -8.50 -23.83
N ASN A 54 4.56 -7.89 -22.83
CA ASN A 54 3.74 -6.71 -23.05
C ASN A 54 4.55 -5.66 -23.81
N LEU A 55 5.80 -5.44 -23.35
CA LEU A 55 6.67 -4.45 -23.98
C LEU A 55 6.80 -4.77 -25.47
N SER A 56 7.14 -6.03 -25.79
CA SER A 56 7.29 -6.46 -27.17
C SER A 56 5.91 -6.50 -27.84
N LEU A 57 4.88 -6.88 -27.06
CA LEU A 57 3.52 -6.96 -27.57
C LEU A 57 2.85 -5.59 -27.46
N ASN A 58 3.67 -4.54 -27.28
CA ASN A 58 3.15 -3.18 -27.15
C ASN A 58 3.30 -2.46 -28.49
N ASP A 59 4.48 -1.84 -28.71
CA ASP A 59 4.75 -1.12 -29.95
C ASP A 59 5.19 -2.11 -31.03
N CYS A 60 5.92 -3.17 -30.62
CA CYS A 60 6.40 -4.18 -31.55
C CYS A 60 7.78 -3.78 -32.08
N PHE A 61 8.63 -3.24 -31.17
CA PHE A 61 9.97 -2.81 -31.55
C PHE A 61 10.82 -4.04 -31.87
N VAL A 62 12.11 -3.82 -32.16
CA VAL A 62 13.03 -4.90 -32.47
C VAL A 62 14.10 -4.99 -31.40
N LYS A 63 14.12 -6.11 -30.64
CA LYS A 63 15.09 -6.31 -29.58
C LYS A 63 16.15 -7.31 -30.06
N ILE A 64 17.40 -7.13 -29.59
CA ILE A 64 18.49 -8.00 -29.96
C ILE A 64 18.70 -9.06 -28.87
N PRO A 65 18.32 -10.32 -29.17
CA PRO A 65 18.45 -11.43 -28.24
C PRO A 65 19.90 -11.88 -28.13
N ARG A 66 20.83 -11.05 -28.64
CA ARG A 66 22.26 -11.37 -28.60
C ARG A 66 23.04 -10.28 -29.30
N GLU A 67 23.34 -9.18 -28.59
CA GLU A 67 24.09 -8.07 -29.15
C GLU A 67 25.52 -8.51 -29.45
N PRO A 68 25.87 -8.61 -30.74
CA PRO A 68 27.19 -9.01 -31.19
C PRO A 68 28.21 -7.88 -30.98
N GLY A 69 28.31 -7.38 -29.74
CA GLY A 69 29.23 -6.31 -29.42
C GLY A 69 29.46 -6.28 -27.90
N ASN A 70 28.36 -6.20 -27.14
CA ASN A 70 28.44 -6.16 -25.69
C ASN A 70 28.56 -7.59 -25.14
N PRO A 71 29.05 -7.72 -23.91
CA PRO A 71 29.23 -9.01 -23.25
C PRO A 71 27.89 -9.56 -22.77
N GLY A 72 26.87 -8.69 -22.67
CA GLY A 72 25.55 -9.09 -22.23
C GLY A 72 25.17 -8.31 -20.97
N LYS A 73 24.91 -7.00 -21.13
CA LYS A 73 24.55 -6.15 -20.01
C LYS A 73 23.16 -5.56 -20.25
N GLY A 74 22.98 -4.90 -21.40
CA GLY A 74 21.70 -4.29 -21.74
C GLY A 74 21.46 -4.46 -23.25
N ASN A 75 20.22 -4.19 -23.69
CA ASN A 75 19.86 -4.31 -25.09
C ASN A 75 19.37 -2.95 -25.60
N TYR A 76 18.90 -2.91 -26.87
CA TYR A 76 18.44 -1.65 -27.42
C TYR A 76 17.28 -1.92 -28.39
N TRP A 77 16.04 -1.93 -27.88
CA TRP A 77 14.88 -2.18 -28.70
C TRP A 77 14.54 -0.92 -29.50
N THR A 78 14.20 -1.10 -30.79
CA THR A 78 13.86 0.01 -31.66
C THR A 78 12.39 -0.09 -32.06
N LEU A 79 11.65 1.04 -31.99
CA LEU A 79 10.25 1.07 -32.35
C LEU A 79 10.10 0.95 -33.86
N ASP A 80 9.16 0.11 -34.31
CA ASP A 80 8.92 -0.10 -35.73
C ASP A 80 7.41 -0.07 -36.01
N PRO A 81 6.88 1.14 -36.26
CA PRO A 81 5.46 1.34 -36.53
C PRO A 81 5.10 0.87 -37.95
N GLN A 82 5.83 -0.15 -38.44
CA GLN A 82 5.59 -0.69 -39.77
C GLN A 82 4.89 -2.04 -39.65
N SER A 83 5.10 -2.73 -38.51
CA SER A 83 4.49 -4.03 -38.27
C SER A 83 3.04 -3.84 -37.84
N GLU A 84 2.84 -3.39 -36.59
CA GLU A 84 1.51 -3.17 -36.06
C GLU A 84 0.61 -4.35 -36.45
N ASP A 85 1.23 -5.51 -36.75
CA ASP A 85 0.49 -6.70 -37.13
C ASP A 85 0.05 -7.45 -35.87
N MET A 86 0.77 -7.21 -34.75
CA MET A 86 0.46 -7.85 -33.49
C MET A 86 -1.05 -7.87 -33.29
N PHE A 87 -1.74 -6.80 -33.75
CA PHE A 87 -3.18 -6.70 -33.62
C PHE A 87 -3.82 -6.88 -34.99
N ASP A 88 -3.26 -6.21 -36.01
CA ASP A 88 -3.79 -6.30 -37.37
C ASP A 88 -3.90 -7.76 -37.78
N ASN A 89 -2.96 -8.60 -37.31
CA ASN A 89 -2.95 -10.02 -37.62
C ASN A 89 -4.33 -10.61 -37.29
N GLY A 90 -4.91 -10.18 -36.16
CA GLY A 90 -6.22 -10.66 -35.74
C GLY A 90 -7.30 -10.09 -36.67
N SER A 91 -7.45 -8.76 -36.67
CA SER A 91 -8.44 -8.09 -37.49
C SER A 91 -8.31 -6.58 -37.34
N PHE A 92 -8.38 -6.10 -36.08
CA PHE A 92 -8.27 -4.68 -35.80
C PHE A 92 -8.01 -4.49 -34.30
N LEU A 93 -8.91 -5.00 -33.45
CA LEU A 93 -8.77 -4.88 -32.01
C LEU A 93 -7.30 -5.04 -31.63
N MET A 1 -0.66 1.79 -0.88
CA MET A 1 0.31 1.38 -1.88
C MET A 1 -0.27 1.59 -3.27
N VAL A 2 -1.42 0.94 -3.54
CA VAL A 2 -2.09 1.05 -4.83
C VAL A 2 -3.52 0.52 -4.71
N LYS A 3 -3.66 -0.68 -4.13
CA LYS A 3 -4.97 -1.30 -3.96
C LYS A 3 -4.80 -2.65 -3.28
N PRO A 4 -5.44 -2.83 -2.11
CA PRO A 4 -5.39 -4.06 -1.35
C PRO A 4 -6.25 -5.15 -1.99
N PRO A 5 -5.60 -6.25 -2.42
CA PRO A 5 -6.27 -7.37 -3.05
C PRO A 5 -7.03 -8.22 -2.03
N TYR A 6 -8.26 -8.64 -2.37
CA TYR A 6 -9.02 -9.43 -1.43
C TYR A 6 -9.73 -10.56 -2.19
N SER A 7 -10.66 -10.20 -3.10
CA SER A 7 -11.40 -11.18 -3.88
C SER A 7 -11.56 -10.67 -5.31
N TYR A 8 -11.25 -11.53 -6.29
CA TYR A 8 -11.39 -11.11 -7.68
C TYR A 8 -12.87 -11.11 -8.06
N ILE A 9 -13.69 -11.91 -7.36
CA ILE A 9 -15.11 -12.00 -7.64
C ILE A 9 -15.70 -10.59 -7.68
N ALA A 10 -15.26 -9.72 -6.76
CA ALA A 10 -15.75 -8.36 -6.69
C ALA A 10 -15.30 -7.60 -7.95
N LEU A 11 -14.07 -7.87 -8.40
CA LEU A 11 -13.52 -7.22 -9.58
C LEU A 11 -14.31 -7.66 -10.82
N ILE A 12 -14.68 -8.95 -10.87
CA ILE A 12 -15.44 -9.49 -11.98
C ILE A 12 -16.72 -8.67 -12.16
N THR A 13 -17.42 -8.39 -11.06
CA THR A 13 -18.65 -7.62 -11.10
C THR A 13 -18.46 -6.41 -12.00
N MET A 14 -17.27 -5.77 -11.90
CA MET A 14 -16.96 -4.59 -12.70
C MET A 14 -16.52 -5.03 -14.10
N ALA A 15 -15.82 -6.18 -14.18
CA ALA A 15 -15.34 -6.70 -15.44
C ALA A 15 -16.55 -6.97 -16.36
N ILE A 16 -17.52 -7.75 -15.86
CA ILE A 16 -18.70 -8.09 -16.63
C ILE A 16 -19.51 -6.81 -16.90
N LEU A 17 -19.61 -5.94 -15.88
CA LEU A 17 -20.34 -4.69 -16.01
C LEU A 17 -19.82 -3.92 -17.21
N GLN A 18 -18.49 -3.97 -17.44
CA GLN A 18 -17.87 -3.28 -18.56
C GLN A 18 -18.59 -3.65 -19.85
N SER A 19 -19.32 -4.79 -19.82
CA SER A 19 -20.06 -5.25 -20.99
C SER A 19 -21.56 -5.21 -20.69
N PRO A 20 -22.17 -4.02 -20.82
CA PRO A 20 -23.58 -3.81 -20.58
C PRO A 20 -24.43 -4.37 -21.72
N GLN A 21 -23.76 -5.01 -22.70
CA GLN A 21 -24.45 -5.60 -23.85
C GLN A 21 -24.38 -7.12 -23.75
N LYS A 22 -23.22 -7.69 -24.11
CA LYS A 22 -23.02 -9.14 -24.06
C LYS A 22 -21.79 -9.50 -24.90
N LYS A 23 -20.70 -8.73 -24.75
CA LYS A 23 -19.47 -8.97 -25.48
C LYS A 23 -18.28 -8.81 -24.53
N LEU A 24 -17.80 -9.94 -23.97
CA LEU A 24 -16.67 -9.91 -23.06
C LEU A 24 -15.54 -10.77 -23.64
N THR A 25 -14.40 -10.11 -23.97
CA THR A 25 -13.26 -10.80 -24.53
C THR A 25 -12.19 -10.97 -23.45
N LEU A 26 -11.91 -12.24 -23.08
CA LEU A 26 -10.91 -12.54 -22.06
C LEU A 26 -9.68 -11.67 -22.29
N SER A 27 -9.35 -11.41 -23.57
CA SER A 27 -8.19 -10.60 -23.92
C SER A 27 -8.46 -9.14 -23.54
N GLY A 28 -9.70 -8.67 -23.80
CA GLY A 28 -10.08 -7.31 -23.48
C GLY A 28 -10.40 -7.19 -21.99
N ILE A 29 -10.69 -8.34 -21.35
CA ILE A 29 -11.00 -8.38 -19.93
C ILE A 29 -9.70 -8.29 -19.13
N CYS A 30 -8.68 -9.08 -19.52
CA CYS A 30 -7.41 -9.09 -18.85
C CYS A 30 -6.79 -7.69 -18.91
N GLU A 31 -6.85 -7.06 -20.09
CA GLU A 31 -6.29 -5.73 -20.29
C GLU A 31 -7.13 -4.72 -19.50
N PHE A 32 -8.40 -5.07 -19.22
CA PHE A 32 -9.30 -4.20 -18.48
C PHE A 32 -8.90 -4.20 -17.00
N ILE A 33 -8.63 -5.41 -16.45
CA ILE A 33 -8.24 -5.55 -15.06
C ILE A 33 -6.88 -4.90 -14.84
N SER A 34 -5.90 -5.26 -15.71
CA SER A 34 -4.56 -4.71 -15.61
C SER A 34 -4.62 -3.19 -15.68
N ASN A 35 -5.71 -2.65 -16.27
CA ASN A 35 -5.89 -1.22 -16.40
C ASN A 35 -6.30 -0.64 -15.05
N ARG A 36 -7.35 -1.22 -14.44
CA ARG A 36 -7.83 -0.77 -13.15
C ARG A 36 -6.88 -1.24 -12.05
N PHE A 37 -6.56 -2.54 -12.05
CA PHE A 37 -5.67 -3.12 -11.05
C PHE A 37 -4.41 -3.64 -11.76
N PRO A 38 -3.47 -2.72 -12.05
CA PRO A 38 -2.21 -3.04 -12.71
C PRO A 38 -1.25 -3.74 -11.74
N TYR A 39 -1.31 -3.35 -10.46
CA TYR A 39 -0.41 -3.97 -9.49
C TYR A 39 -0.92 -5.37 -9.15
N TYR A 40 -2.23 -5.61 -9.32
CA TYR A 40 -2.77 -6.91 -9.00
C TYR A 40 -2.14 -7.95 -9.92
N ARG A 41 -2.18 -7.72 -11.24
CA ARG A 41 -1.60 -8.63 -12.20
C ARG A 41 -0.08 -8.56 -12.15
N GLU A 42 0.45 -7.38 -11.78
CA GLU A 42 1.88 -7.17 -11.69
C GLU A 42 2.39 -7.73 -10.36
N LYS A 43 1.46 -8.03 -9.43
CA LYS A 43 1.81 -8.58 -8.13
C LYS A 43 1.12 -9.92 -7.94
N PHE A 44 0.55 -10.47 -9.04
CA PHE A 44 -0.14 -11.74 -8.99
C PHE A 44 -0.69 -12.07 -10.38
N PRO A 45 0.22 -12.28 -11.35
CA PRO A 45 -0.12 -12.60 -12.73
C PRO A 45 -0.59 -14.05 -12.84
N ALA A 46 -0.31 -14.86 -11.81
CA ALA A 46 -0.70 -16.26 -11.80
C ALA A 46 -2.22 -16.37 -11.66
N TRP A 47 -2.87 -15.23 -11.35
CA TRP A 47 -4.32 -15.20 -11.19
C TRP A 47 -4.97 -14.92 -12.55
N GLN A 48 -4.18 -15.02 -13.63
CA GLN A 48 -4.67 -14.77 -14.98
C GLN A 48 -5.74 -15.82 -15.32
N ASN A 49 -5.41 -17.10 -15.08
CA ASN A 49 -6.32 -18.20 -15.37
C ASN A 49 -7.30 -18.35 -14.21
N SER A 50 -6.81 -18.13 -12.98
CA SER A 50 -7.65 -18.25 -11.79
C SER A 50 -8.84 -17.29 -11.91
N ILE A 51 -8.55 -16.00 -12.16
CA ILE A 51 -9.59 -15.00 -12.30
C ILE A 51 -10.58 -15.44 -13.38
N ARG A 52 -10.08 -16.19 -14.37
CA ARG A 52 -10.91 -16.67 -15.46
C ARG A 52 -11.86 -17.75 -14.94
N HIS A 53 -11.36 -18.61 -14.04
CA HIS A 53 -12.16 -19.68 -13.46
C HIS A 53 -13.32 -19.07 -12.68
N ASN A 54 -12.99 -18.25 -11.66
CA ASN A 54 -14.01 -17.61 -10.84
C ASN A 54 -14.86 -16.69 -11.71
N LEU A 55 -14.29 -16.21 -12.83
CA LEU A 55 -14.99 -15.33 -13.74
C LEU A 55 -16.19 -16.07 -14.33
N SER A 56 -15.95 -17.29 -14.83
CA SER A 56 -17.02 -18.11 -15.41
C SER A 56 -17.76 -18.84 -14.31
N LEU A 57 -17.14 -18.93 -13.12
CA LEU A 57 -17.74 -19.62 -11.98
C LEU A 57 -18.68 -18.65 -11.26
N ASN A 58 -18.47 -17.34 -11.45
CA ASN A 58 -19.30 -16.32 -10.83
C ASN A 58 -20.52 -16.04 -11.72
N ASP A 59 -20.31 -15.23 -12.78
CA ASP A 59 -21.38 -14.89 -13.70
C ASP A 59 -21.98 -16.17 -14.28
N CYS A 60 -21.12 -17.06 -14.80
CA CYS A 60 -21.57 -18.31 -15.39
C CYS A 60 -22.05 -18.06 -16.82
N PHE A 61 -21.27 -17.29 -17.59
CA PHE A 61 -21.62 -16.99 -18.97
C PHE A 61 -21.07 -18.09 -19.89
N VAL A 62 -21.29 -17.92 -21.21
CA VAL A 62 -20.82 -18.89 -22.19
C VAL A 62 -19.81 -18.22 -23.12
N LYS A 63 -18.63 -18.84 -23.27
CA LYS A 63 -17.59 -18.31 -24.13
C LYS A 63 -17.55 -19.10 -25.44
N ILE A 64 -16.86 -18.56 -26.45
CA ILE A 64 -16.75 -19.20 -27.75
C ILE A 64 -15.29 -19.59 -27.99
N PRO A 65 -14.87 -20.75 -27.45
CA PRO A 65 -13.52 -21.27 -27.59
C PRO A 65 -13.30 -21.83 -29.00
N ARG A 66 -14.18 -21.47 -29.94
CA ARG A 66 -14.07 -21.94 -31.31
C ARG A 66 -15.29 -21.44 -32.10
N GLU A 67 -15.17 -20.23 -32.68
CA GLU A 67 -16.25 -19.65 -33.46
C GLU A 67 -15.66 -19.00 -34.72
N PRO A 68 -16.54 -18.54 -35.63
CA PRO A 68 -16.16 -17.90 -36.87
C PRO A 68 -15.66 -16.48 -36.63
N GLY A 69 -14.40 -16.34 -36.20
CA GLY A 69 -13.80 -15.04 -35.93
C GLY A 69 -13.19 -15.06 -34.52
N ASN A 70 -12.50 -16.15 -34.18
CA ASN A 70 -11.87 -16.29 -32.87
C ASN A 70 -10.48 -15.62 -32.91
N PRO A 71 -9.66 -16.03 -33.89
CA PRO A 71 -8.31 -15.51 -34.07
C PRO A 71 -8.34 -14.10 -34.68
N GLY A 72 -9.10 -13.20 -34.04
CA GLY A 72 -9.21 -11.83 -34.52
C GLY A 72 -8.91 -10.87 -33.36
N LYS A 73 -9.61 -11.04 -32.23
CA LYS A 73 -9.41 -10.20 -31.06
C LYS A 73 -9.37 -11.07 -29.81
N GLY A 74 -10.56 -11.47 -29.31
CA GLY A 74 -10.66 -12.30 -28.12
C GLY A 74 -11.77 -13.33 -28.32
N ASN A 75 -12.86 -13.18 -27.54
CA ASN A 75 -13.99 -14.09 -27.63
C ASN A 75 -15.28 -13.31 -27.36
N TYR A 76 -16.36 -14.04 -27.01
CA TYR A 76 -17.61 -13.36 -26.74
C TYR A 76 -18.37 -14.11 -25.63
N TRP A 77 -18.06 -13.76 -24.36
CA TRP A 77 -18.70 -14.40 -23.21
C TRP A 77 -20.06 -13.76 -22.97
N THR A 78 -21.12 -14.58 -22.93
CA THR A 78 -22.47 -14.09 -22.70
C THR A 78 -23.03 -14.74 -21.43
N LEU A 79 -23.83 -13.97 -20.67
CA LEU A 79 -24.42 -14.45 -19.43
C LEU A 79 -25.52 -15.47 -19.77
N ASP A 80 -25.55 -16.60 -19.05
CA ASP A 80 -26.54 -17.63 -19.27
C ASP A 80 -27.89 -17.16 -18.72
N PRO A 81 -27.89 -16.63 -17.49
CA PRO A 81 -29.09 -16.13 -16.83
C PRO A 81 -29.52 -14.79 -17.41
N GLN A 82 -28.56 -14.06 -18.02
CA GLN A 82 -28.84 -12.77 -18.61
C GLN A 82 -29.35 -12.97 -20.04
N SER A 83 -28.65 -13.80 -20.82
CA SER A 83 -29.03 -14.08 -22.20
C SER A 83 -30.39 -14.77 -22.23
N GLU A 84 -30.45 -15.98 -21.63
CA GLU A 84 -31.69 -16.75 -21.58
C GLU A 84 -31.92 -17.41 -22.95
N ASP A 85 -31.08 -17.08 -23.94
CA ASP A 85 -31.20 -17.64 -25.27
C ASP A 85 -30.53 -19.01 -25.30
N MET A 86 -29.27 -19.08 -24.83
CA MET A 86 -28.53 -20.33 -24.81
C MET A 86 -29.37 -21.40 -24.12
N PHE A 87 -30.33 -20.97 -23.28
CA PHE A 87 -31.20 -21.90 -22.58
C PHE A 87 -31.90 -22.81 -23.59
N ASP A 88 -32.40 -22.22 -24.69
CA ASP A 88 -33.09 -22.97 -25.73
C ASP A 88 -32.66 -22.44 -27.10
N ASN A 89 -32.77 -21.12 -27.29
CA ASN A 89 -32.39 -20.50 -28.55
C ASN A 89 -31.03 -21.03 -29.00
N GLY A 90 -30.18 -21.39 -28.02
CA GLY A 90 -28.84 -21.91 -28.31
C GLY A 90 -28.96 -23.39 -28.68
N SER A 91 -29.25 -24.25 -27.69
CA SER A 91 -29.37 -25.67 -27.92
C SER A 91 -29.29 -26.41 -26.59
N PHE A 92 -30.40 -26.41 -25.82
CA PHE A 92 -30.46 -27.07 -24.53
C PHE A 92 -31.89 -27.54 -24.26
N LEU A 93 -32.84 -26.59 -24.28
CA LEU A 93 -34.23 -26.89 -24.02
C LEU A 93 -34.38 -27.52 -22.64
N MET A 1 -0.66 1.79 -0.88
CA MET A 1 0.31 1.38 -1.88
C MET A 1 0.84 2.62 -2.61
N VAL A 2 1.91 3.22 -2.08
CA VAL A 2 2.51 4.41 -2.68
C VAL A 2 4.04 4.30 -2.61
N LYS A 3 4.55 3.07 -2.46
CA LYS A 3 5.98 2.83 -2.39
C LYS A 3 6.25 1.33 -2.44
N PRO A 4 7.52 0.96 -2.65
CA PRO A 4 7.95 -0.43 -2.72
C PRO A 4 7.98 -1.07 -1.33
N PRO A 5 7.71 -2.39 -1.26
CA PRO A 5 7.70 -3.14 -0.02
C PRO A 5 9.12 -3.41 0.47
N TYR A 6 9.81 -2.34 0.90
CA TYR A 6 11.18 -2.52 1.39
C TYR A 6 11.41 -1.65 2.61
N SER A 7 10.64 -0.55 2.73
CA SER A 7 10.77 0.37 3.85
C SER A 7 10.36 -0.34 5.14
N TYR A 8 9.04 -0.55 5.31
CA TYR A 8 8.58 -1.21 6.52
C TYR A 8 9.35 -2.52 6.70
N ILE A 9 9.89 -3.07 5.60
CA ILE A 9 10.64 -4.31 5.65
C ILE A 9 11.94 -4.09 6.42
N ALA A 10 12.51 -2.88 6.30
CA ALA A 10 13.75 -2.55 6.99
C ALA A 10 13.46 -1.48 8.05
N LEU A 11 12.18 -1.11 8.21
CA LEU A 11 11.78 -0.12 9.19
C LEU A 11 11.66 -0.77 10.57
N ILE A 12 11.07 -1.98 10.61
CA ILE A 12 10.90 -2.71 11.86
C ILE A 12 12.18 -2.59 12.69
N THR A 13 13.33 -2.54 12.01
CA THR A 13 14.62 -2.42 12.68
C THR A 13 14.58 -1.23 13.64
N MET A 14 13.89 -0.15 13.23
CA MET A 14 13.78 1.05 14.05
C MET A 14 12.69 0.85 15.10
N ALA A 15 11.54 0.27 14.67
CA ALA A 15 10.42 0.03 15.57
C ALA A 15 10.89 -0.85 16.73
N ILE A 16 11.92 -1.69 16.48
CA ILE A 16 12.46 -2.58 17.50
C ILE A 16 13.50 -1.82 18.33
N LEU A 17 14.46 -1.17 17.66
CA LEU A 17 15.51 -0.41 18.32
C LEU A 17 14.88 0.75 19.09
N GLN A 18 13.89 1.42 18.47
CA GLN A 18 13.21 2.54 19.10
C GLN A 18 12.81 2.16 20.52
N SER A 19 12.65 0.85 20.77
CA SER A 19 12.27 0.35 22.08
C SER A 19 13.41 0.60 23.07
N PRO A 20 13.17 1.46 24.07
CA PRO A 20 14.15 1.80 25.08
C PRO A 20 14.31 0.66 26.09
N GLN A 21 13.56 -0.44 25.89
CA GLN A 21 13.63 -1.60 26.77
C GLN A 21 13.56 -2.87 25.94
N LYS A 22 12.34 -3.31 25.60
CA LYS A 22 12.14 -4.52 24.81
C LYS A 22 10.65 -4.80 24.68
N LYS A 23 9.84 -3.73 24.59
CA LYS A 23 8.40 -3.86 24.45
C LYS A 23 7.87 -2.74 23.55
N LEU A 24 7.36 -3.12 22.36
CA LEU A 24 6.82 -2.16 21.42
C LEU A 24 5.32 -2.40 21.24
N THR A 25 4.52 -1.33 21.35
CA THR A 25 3.08 -1.43 21.21
C THR A 25 2.70 -1.18 19.74
N LEU A 26 2.20 -2.24 19.06
CA LEU A 26 1.80 -2.14 17.67
C LEU A 26 1.01 -0.85 17.46
N SER A 27 0.37 -0.35 18.53
CA SER A 27 -0.42 0.87 18.46
C SER A 27 0.50 2.05 18.15
N GLY A 28 1.63 2.14 18.88
CA GLY A 28 2.59 3.21 18.68
C GLY A 28 3.47 2.88 17.48
N ILE A 29 3.50 1.60 17.09
CA ILE A 29 4.31 1.16 15.96
C ILE A 29 3.61 1.57 14.66
N CYS A 30 2.32 1.21 14.51
CA CYS A 30 1.55 1.54 13.33
C CYS A 30 1.54 3.06 13.14
N GLU A 31 1.52 3.80 14.26
CA GLU A 31 1.52 5.25 14.21
C GLU A 31 2.94 5.76 14.01
N PHE A 32 3.93 5.00 14.52
CA PHE A 32 5.33 5.38 14.40
C PHE A 32 5.71 5.41 12.91
N ILE A 33 5.27 4.39 12.15
CA ILE A 33 5.56 4.29 10.73
C ILE A 33 4.76 5.36 9.98
N SER A 34 3.46 5.44 10.28
CA SER A 34 2.57 6.41 9.63
C SER A 34 3.26 7.78 9.63
N ASN A 35 4.16 8.01 10.59
CA ASN A 35 4.88 9.27 10.69
C ASN A 35 5.77 9.45 9.45
N ARG A 36 6.37 8.34 8.99
CA ARG A 36 7.24 8.36 7.83
C ARG A 36 6.40 8.28 6.56
N PHE A 37 5.36 7.43 6.58
CA PHE A 37 4.48 7.27 5.44
C PHE A 37 3.03 7.54 5.87
N PRO A 38 2.66 8.83 5.94
CA PRO A 38 1.33 9.27 6.33
C PRO A 38 0.33 9.02 5.21
N TYR A 39 0.75 9.24 3.95
CA TYR A 39 -0.15 9.04 2.84
C TYR A 39 -0.24 7.55 2.53
N TYR A 40 0.53 6.72 3.25
CA TYR A 40 0.50 5.29 3.00
C TYR A 40 -0.65 4.66 3.78
N ARG A 41 -0.76 4.99 5.08
CA ARG A 41 -1.80 4.46 5.94
C ARG A 41 -3.14 5.12 5.59
N GLU A 42 -3.15 6.47 5.53
CA GLU A 42 -4.35 7.22 5.22
C GLU A 42 -4.83 6.84 3.82
N LYS A 43 -3.96 6.17 3.05
CA LYS A 43 -4.29 5.74 1.70
C LYS A 43 -4.10 4.22 1.58
N PHE A 44 -4.02 3.54 2.73
CA PHE A 44 -3.83 2.10 2.76
C PHE A 44 -3.75 1.62 4.21
N PRO A 45 -4.84 1.80 4.97
CA PRO A 45 -4.93 1.40 6.37
C PRO A 45 -5.07 -0.11 6.50
N ALA A 46 -5.32 -0.79 5.37
CA ALA A 46 -5.47 -2.25 5.37
C ALA A 46 -4.10 -2.90 5.59
N TRP A 47 -3.02 -2.15 5.30
CA TRP A 47 -1.67 -2.65 5.47
C TRP A 47 -1.25 -2.52 6.94
N GLN A 48 -2.18 -2.02 7.78
CA GLN A 48 -1.92 -1.84 9.19
C GLN A 48 -1.51 -3.18 9.80
N ASN A 49 -2.19 -4.27 9.38
CA ASN A 49 -1.90 -5.60 9.89
C ASN A 49 -0.71 -6.18 9.10
N SER A 50 -0.59 -5.80 7.83
CA SER A 50 0.49 -6.29 6.98
C SER A 50 1.84 -5.90 7.61
N ILE A 51 2.01 -4.61 7.92
CA ILE A 51 3.24 -4.12 8.52
C ILE A 51 3.49 -4.87 9.83
N ARG A 52 2.41 -5.33 10.48
CA ARG A 52 2.51 -6.06 11.73
C ARG A 52 3.00 -7.48 11.45
N HIS A 53 2.57 -8.05 10.31
CA HIS A 53 2.94 -9.40 9.93
C HIS A 53 4.46 -9.45 9.70
N ASN A 54 4.95 -8.60 8.78
CA ASN A 54 6.37 -8.55 8.47
C ASN A 54 7.17 -8.35 9.76
N LEU A 55 6.52 -7.73 10.77
CA LEU A 55 7.17 -7.48 12.05
C LEU A 55 7.32 -8.79 12.80
N SER A 56 6.23 -9.58 12.86
CA SER A 56 6.24 -10.86 13.56
C SER A 56 6.82 -11.93 12.63
N LEU A 57 6.93 -11.61 11.33
CA LEU A 57 7.47 -12.54 10.35
C LEU A 57 8.99 -12.39 10.28
N ASN A 58 9.51 -11.25 10.78
CA ASN A 58 10.93 -10.99 10.78
C ASN A 58 11.55 -11.53 12.07
N ASP A 59 11.41 -10.78 13.17
CA ASP A 59 11.95 -11.19 14.46
C ASP A 59 11.25 -12.47 14.91
N CYS A 60 9.90 -12.47 14.86
CA CYS A 60 9.12 -13.63 15.26
C CYS A 60 8.99 -13.65 16.78
N PHE A 61 9.05 -12.45 17.40
CA PHE A 61 8.93 -12.32 18.84
C PHE A 61 7.53 -12.76 19.28
N VAL A 62 7.18 -12.47 20.54
CA VAL A 62 5.87 -12.83 21.08
C VAL A 62 5.05 -11.56 21.29
N LYS A 63 3.73 -11.66 21.05
CA LYS A 63 2.83 -10.52 21.21
C LYS A 63 1.61 -10.96 22.01
N ILE A 64 0.92 -9.99 22.63
CA ILE A 64 -0.27 -10.27 23.42
C ILE A 64 -1.47 -9.56 22.81
N PRO A 65 -2.03 -10.14 21.73
CA PRO A 65 -3.18 -9.60 21.03
C PRO A 65 -4.47 -9.82 21.82
N ARG A 66 -4.33 -10.01 23.15
CA ARG A 66 -5.47 -10.23 24.02
C ARG A 66 -4.99 -10.52 25.44
N GLU A 67 -4.50 -9.47 26.13
CA GLU A 67 -4.00 -9.61 27.49
C GLU A 67 -5.15 -9.43 28.47
N PRO A 68 -5.35 -10.41 29.37
CA PRO A 68 -6.40 -10.40 30.37
C PRO A 68 -6.06 -9.42 31.49
N GLY A 69 -5.73 -8.17 31.14
CA GLY A 69 -5.39 -7.15 32.11
C GLY A 69 -4.29 -6.25 31.54
N ASN A 70 -4.63 -5.46 30.51
CA ASN A 70 -3.68 -4.57 29.88
C ASN A 70 -4.32 -3.19 29.71
N PRO A 71 -4.65 -2.53 30.83
CA PRO A 71 -5.27 -1.22 30.85
C PRO A 71 -4.25 -0.13 30.51
N GLY A 72 -3.58 -0.27 29.35
CA GLY A 72 -2.59 0.70 28.91
C GLY A 72 -3.03 1.31 27.59
N LYS A 73 -2.60 0.69 26.47
CA LYS A 73 -2.94 1.17 25.15
C LYS A 73 -3.16 -0.03 24.21
N GLY A 74 -2.18 -0.96 24.18
CA GLY A 74 -2.27 -2.13 23.34
C GLY A 74 -1.63 -3.32 24.07
N ASN A 75 -0.46 -3.75 23.60
CA ASN A 75 0.25 -4.88 24.21
C ASN A 75 1.75 -4.60 24.19
N TYR A 76 2.57 -5.66 24.11
CA TYR A 76 4.01 -5.45 24.11
C TYR A 76 4.67 -6.63 23.38
N TRP A 77 5.61 -6.32 22.46
CA TRP A 77 6.31 -7.33 21.71
C TRP A 77 7.78 -7.37 22.14
N THR A 78 8.31 -8.58 22.36
CA THR A 78 9.69 -8.75 22.78
C THR A 78 10.52 -9.26 21.60
N LEU A 79 11.51 -10.13 21.88
CA LEU A 79 12.35 -10.69 20.84
C LEU A 79 12.65 -12.15 21.17
N ASP A 80 12.35 -13.05 20.22
CA ASP A 80 12.58 -14.47 20.40
C ASP A 80 14.08 -14.77 20.18
N PRO A 81 14.62 -14.31 19.05
CA PRO A 81 16.02 -14.50 18.69
C PRO A 81 16.92 -13.59 19.52
N GLN A 82 17.79 -14.19 20.36
CA GLN A 82 18.70 -13.43 21.19
C GLN A 82 17.95 -12.89 22.41
N SER A 83 17.04 -13.72 22.96
CA SER A 83 16.26 -13.32 24.13
C SER A 83 17.10 -13.52 25.40
N GLU A 84 17.71 -14.71 25.53
CA GLU A 84 18.53 -15.03 26.69
C GLU A 84 20.01 -15.00 26.27
N ASP A 85 20.36 -14.12 25.33
CA ASP A 85 21.72 -14.00 24.85
C ASP A 85 22.57 -13.29 25.91
N MET A 86 22.05 -12.17 26.46
CA MET A 86 22.75 -11.41 27.47
C MET A 86 22.54 -12.07 28.83
N PHE A 87 21.30 -12.02 29.34
CA PHE A 87 20.96 -12.61 30.63
C PHE A 87 19.52 -12.27 30.99
N ASP A 88 19.16 -10.98 30.85
CA ASP A 88 17.81 -10.51 31.16
C ASP A 88 17.48 -9.31 30.28
N ASN A 89 18.14 -9.21 29.11
CA ASN A 89 17.92 -8.11 28.19
C ASN A 89 16.62 -8.35 27.43
N GLY A 90 16.34 -9.62 27.11
CA GLY A 90 15.14 -9.99 26.38
C GLY A 90 13.94 -9.98 27.34
N SER A 91 13.90 -10.96 28.26
CA SER A 91 12.82 -11.06 29.22
C SER A 91 12.71 -12.50 29.71
N PHE A 92 13.58 -12.89 30.66
CA PHE A 92 13.58 -14.25 31.20
C PHE A 92 14.28 -14.24 32.56
N LEU A 93 13.71 -13.49 33.53
CA LEU A 93 14.28 -13.41 34.86
C LEU A 93 14.17 -14.77 35.55
N MET A 1 -0.66 1.79 -0.88
CA MET A 1 0.31 1.38 -1.88
C MET A 1 0.51 2.52 -2.88
N VAL A 2 1.68 3.19 -2.81
CA VAL A 2 2.00 4.29 -3.70
C VAL A 2 3.02 3.82 -4.74
N LYS A 3 4.09 3.15 -4.29
CA LYS A 3 5.13 2.64 -5.16
C LYS A 3 5.60 1.28 -4.67
N PRO A 4 6.20 1.25 -3.47
CA PRO A 4 6.71 0.03 -2.86
C PRO A 4 5.57 -0.82 -2.31
N PRO A 5 5.89 -2.05 -1.86
CA PRO A 5 4.93 -2.99 -1.31
C PRO A 5 4.50 -2.58 0.09
N TYR A 6 3.19 -2.55 0.35
CA TYR A 6 2.72 -2.17 1.68
C TYR A 6 2.86 -3.36 2.62
N SER A 7 3.80 -3.26 3.58
CA SER A 7 4.03 -4.33 4.55
C SER A 7 4.29 -3.72 5.93
N TYR A 8 3.54 -4.19 6.94
CA TYR A 8 3.72 -3.65 8.27
C TYR A 8 4.93 -4.34 8.93
N ILE A 9 4.78 -5.63 9.29
CA ILE A 9 5.85 -6.38 9.93
C ILE A 9 7.17 -6.08 9.22
N ALA A 10 7.09 -5.77 7.91
CA ALA A 10 8.27 -5.47 7.12
C ALA A 10 8.85 -4.13 7.57
N LEU A 11 7.99 -3.10 7.67
CA LEU A 11 8.41 -1.78 8.09
C LEU A 11 8.58 -1.76 9.61
N ILE A 12 7.86 -2.65 10.31
CA ILE A 12 7.93 -2.73 11.76
C ILE A 12 9.18 -3.51 12.17
N THR A 13 9.46 -4.61 11.44
CA THR A 13 10.63 -5.44 11.72
C THR A 13 11.87 -4.55 11.80
N MET A 14 11.95 -3.55 10.91
CA MET A 14 13.09 -2.64 10.88
C MET A 14 12.98 -1.65 12.03
N ALA A 15 11.73 -1.32 12.43
CA ALA A 15 11.48 -0.40 13.52
C ALA A 15 12.04 -0.99 14.82
N ILE A 16 11.63 -2.24 15.13
CA ILE A 16 12.07 -2.91 16.34
C ILE A 16 13.60 -3.03 16.32
N LEU A 17 14.16 -3.43 15.16
CA LEU A 17 15.59 -3.59 15.00
C LEU A 17 16.28 -2.24 15.26
N GLN A 18 15.58 -1.14 14.92
CA GLN A 18 16.12 0.20 15.11
C GLN A 18 16.65 0.33 16.55
N SER A 19 16.15 -0.53 17.45
CA SER A 19 16.58 -0.51 18.84
C SER A 19 17.40 -1.76 19.14
N PRO A 20 18.74 -1.65 18.99
CA PRO A 20 19.66 -2.75 19.24
C PRO A 20 19.83 -3.00 20.74
N GLN A 21 18.98 -2.36 21.56
CA GLN A 21 19.04 -2.52 23.00
C GLN A 21 17.73 -3.14 23.49
N LYS A 22 16.67 -2.32 23.61
CA LYS A 22 15.38 -2.80 24.08
C LYS A 22 14.52 -1.59 24.48
N LYS A 23 14.60 -0.51 23.70
CA LYS A 23 13.83 0.70 23.98
C LYS A 23 13.27 1.25 22.66
N LEU A 24 11.94 1.17 22.50
CA LEU A 24 11.28 1.67 21.30
C LEU A 24 10.25 2.73 21.69
N THR A 25 10.47 3.97 21.21
CA THR A 25 9.57 5.07 21.50
C THR A 25 8.66 5.32 20.30
N LEU A 26 7.34 5.13 20.49
CA LEU A 26 6.37 5.32 19.43
C LEU A 26 6.64 6.66 18.73
N SER A 27 7.01 7.68 19.52
CA SER A 27 7.30 9.00 18.99
C SER A 27 8.49 8.90 18.03
N GLY A 28 9.53 8.17 18.43
CA GLY A 28 10.72 8.01 17.62
C GLY A 28 10.41 7.06 16.46
N ILE A 29 9.63 6.00 16.75
CA ILE A 29 9.27 5.01 15.74
C ILE A 29 8.58 5.73 14.58
N CYS A 30 7.55 6.55 14.89
CA CYS A 30 6.81 7.28 13.87
C CYS A 30 7.79 8.13 13.05
N GLU A 31 8.62 8.93 13.75
CA GLU A 31 9.59 9.79 13.09
C GLU A 31 10.63 8.92 12.39
N PHE A 32 10.84 7.70 12.89
CA PHE A 32 11.80 6.77 12.30
C PHE A 32 11.29 6.31 10.94
N ILE A 33 9.98 6.05 10.86
CA ILE A 33 9.36 5.60 9.61
C ILE A 33 9.47 6.70 8.56
N SER A 34 8.86 7.86 8.84
CA SER A 34 8.89 8.99 7.92
C SER A 34 10.33 9.23 7.46
N ASN A 35 11.31 8.75 8.26
CA ASN A 35 12.72 8.92 7.93
C ASN A 35 13.00 8.24 6.59
N ARG A 36 12.35 7.09 6.34
CA ARG A 36 12.53 6.35 5.09
C ARG A 36 11.17 5.88 4.58
N PHE A 37 10.09 6.50 5.10
CA PHE A 37 8.74 6.15 4.69
C PHE A 37 7.90 7.42 4.58
N PRO A 38 8.41 8.42 3.84
CA PRO A 38 7.74 9.69 3.64
C PRO A 38 6.58 9.55 2.65
N TYR A 39 6.84 8.89 1.50
CA TYR A 39 5.79 8.72 0.53
C TYR A 39 4.65 7.90 1.13
N TYR A 40 4.95 7.16 2.22
CA TYR A 40 3.92 6.35 2.82
C TYR A 40 3.05 7.22 3.74
N ARG A 41 3.69 7.98 4.65
CA ARG A 41 2.99 8.83 5.59
C ARG A 41 2.22 9.90 4.80
N GLU A 42 2.90 10.55 3.84
CA GLU A 42 2.28 11.59 3.02
C GLU A 42 1.19 10.95 2.15
N LYS A 43 1.26 9.62 1.97
CA LYS A 43 0.28 8.91 1.17
C LYS A 43 -0.84 8.39 2.07
N PHE A 44 -0.49 8.01 3.31
CA PHE A 44 -1.46 7.51 4.26
C PHE A 44 -1.03 7.88 5.69
N PRO A 45 -1.18 9.17 6.03
CA PRO A 45 -0.80 9.69 7.34
C PRO A 45 -1.82 9.28 8.40
N ALA A 46 -2.99 8.77 7.95
CA ALA A 46 -4.04 8.35 8.85
C ALA A 46 -3.76 6.92 9.32
N TRP A 47 -2.88 6.21 8.60
CA TRP A 47 -2.51 4.85 8.93
C TRP A 47 -1.50 4.86 10.08
N GLN A 48 -1.32 6.03 10.71
CA GLN A 48 -0.39 6.17 11.81
C GLN A 48 -0.74 5.18 12.92
N ASN A 49 -2.03 5.17 13.32
CA ASN A 49 -2.51 4.28 14.36
C ASN A 49 -2.61 2.85 13.80
N SER A 50 -3.02 2.74 12.53
CA SER A 50 -3.17 1.45 11.87
C SER A 50 -1.92 0.62 12.12
N ILE A 51 -0.73 1.25 12.01
CA ILE A 51 0.53 0.57 12.23
C ILE A 51 0.71 0.29 13.72
N ARG A 52 0.14 1.17 14.56
CA ARG A 52 0.24 1.02 16.02
C ARG A 52 -0.31 -0.35 16.41
N HIS A 53 -1.49 -0.71 15.87
CA HIS A 53 -2.12 -1.98 16.18
C HIS A 53 -1.16 -3.12 15.80
N ASN A 54 -0.74 -3.16 14.53
CA ASN A 54 0.17 -4.18 14.05
C ASN A 54 1.48 -4.11 14.84
N LEU A 55 1.87 -2.89 15.24
CA LEU A 55 3.09 -2.67 15.99
C LEU A 55 3.08 -3.55 17.24
N SER A 56 2.01 -3.42 18.05
CA SER A 56 1.87 -4.19 19.27
C SER A 56 1.43 -5.61 18.92
N LEU A 57 0.64 -5.75 17.84
CA LEU A 57 0.14 -7.03 17.40
C LEU A 57 1.21 -7.73 16.56
N ASN A 58 2.48 -7.30 16.72
CA ASN A 58 3.58 -7.88 15.99
C ASN A 58 4.38 -8.80 16.92
N ASP A 59 5.36 -8.22 17.65
CA ASP A 59 6.18 -8.98 18.58
C ASP A 59 5.46 -9.08 19.93
N CYS A 60 4.76 -8.01 20.32
CA CYS A 60 4.04 -7.98 21.58
C CYS A 60 4.95 -7.44 22.67
N PHE A 61 5.49 -6.22 22.46
CA PHE A 61 6.38 -5.59 23.42
C PHE A 61 5.56 -5.11 24.62
N VAL A 62 6.18 -4.28 25.48
CA VAL A 62 5.51 -3.75 26.66
C VAL A 62 5.67 -2.23 26.67
N LYS A 63 4.53 -1.51 26.62
CA LYS A 63 4.54 -0.05 26.64
C LYS A 63 4.45 0.44 28.08
N ILE A 64 5.11 1.58 28.36
CA ILE A 64 5.12 2.15 29.69
C ILE A 64 4.42 3.51 29.66
N PRO A 65 3.08 3.50 29.66
CA PRO A 65 2.26 4.70 29.63
C PRO A 65 2.25 5.40 30.99
N ARG A 66 3.24 5.05 31.85
CA ARG A 66 3.34 5.64 33.18
C ARG A 66 4.49 4.96 33.94
N GLU A 67 5.73 5.45 33.72
CA GLU A 67 6.90 4.89 34.38
C GLU A 67 7.49 5.95 35.31
N PRO A 68 8.06 5.49 36.44
CA PRO A 68 8.68 6.37 37.44
C PRO A 68 10.03 6.88 36.95
N GLY A 69 10.08 7.37 35.71
CA GLY A 69 11.31 7.89 35.12
C GLY A 69 11.02 8.39 33.70
N ASN A 70 9.97 9.20 33.55
CA ASN A 70 9.59 9.75 32.26
C ASN A 70 9.16 11.20 32.42
N PRO A 71 9.72 12.10 31.59
CA PRO A 71 9.41 13.52 31.62
C PRO A 71 8.04 13.79 31.01
N GLY A 72 7.64 12.98 30.02
CA GLY A 72 6.36 13.13 29.35
C GLY A 72 6.59 13.53 27.89
N LYS A 73 7.13 12.60 27.09
CA LYS A 73 7.40 12.85 25.69
C LYS A 73 7.07 11.59 24.87
N GLY A 74 7.70 10.46 25.22
CA GLY A 74 7.48 9.21 24.53
C GLY A 74 7.35 8.07 25.56
N ASN A 75 7.92 6.90 25.23
CA ASN A 75 7.87 5.76 26.12
C ASN A 75 9.00 4.79 25.76
N TYR A 76 9.02 3.60 26.39
CA TYR A 76 10.07 2.65 26.11
C TYR A 76 9.45 1.26 25.91
N TRP A 77 9.20 0.88 24.65
CA TRP A 77 8.61 -0.40 24.33
C TRP A 77 9.70 -1.47 24.30
N THR A 78 9.48 -2.58 25.03
CA THR A 78 10.44 -3.67 25.08
C THR A 78 9.75 -4.98 24.67
N LEU A 79 10.48 -5.84 23.96
CA LEU A 79 9.95 -7.12 23.50
C LEU A 79 9.74 -8.04 24.70
N ASP A 80 8.49 -8.49 24.90
CA ASP A 80 8.17 -9.38 26.01
C ASP A 80 8.60 -10.80 25.68
N PRO A 81 8.25 -11.26 24.47
CA PRO A 81 8.59 -12.59 23.98
C PRO A 81 10.06 -12.68 23.59
N GLN A 82 10.84 -13.48 24.34
CA GLN A 82 12.25 -13.66 24.07
C GLN A 82 13.01 -12.41 24.54
N SER A 83 12.64 -11.90 25.74
CA SER A 83 13.28 -10.73 26.30
C SER A 83 14.63 -11.12 26.91
N GLU A 84 14.63 -12.17 27.75
CA GLU A 84 15.84 -12.65 28.40
C GLU A 84 16.76 -13.27 27.33
N ASP A 85 16.17 -13.99 26.38
CA ASP A 85 16.93 -14.63 25.32
C ASP A 85 17.74 -13.58 24.56
N MET A 86 17.08 -12.47 24.19
CA MET A 86 17.72 -11.38 23.47
C MET A 86 19.03 -11.00 24.19
N PHE A 87 18.99 -11.05 25.53
CA PHE A 87 20.16 -10.71 26.33
C PHE A 87 20.83 -12.00 26.83
N ASP A 88 20.70 -13.07 26.03
CA ASP A 88 21.29 -14.36 26.39
C ASP A 88 20.97 -15.38 25.30
N ASN A 89 21.30 -15.04 24.04
CA ASN A 89 21.04 -15.92 22.91
C ASN A 89 22.14 -16.99 22.85
N GLY A 90 23.41 -16.56 22.93
CA GLY A 90 24.53 -17.47 22.88
C GLY A 90 24.73 -18.11 24.25
N SER A 91 24.91 -17.27 25.30
CA SER A 91 25.11 -17.76 26.65
C SER A 91 26.31 -18.71 26.68
N PHE A 92 27.43 -18.26 26.09
CA PHE A 92 28.65 -19.07 26.05
C PHE A 92 29.85 -18.19 26.41
N LEU A 93 30.06 -17.11 25.63
CA LEU A 93 31.15 -16.19 25.87
C LEU A 93 30.87 -14.87 25.17
N MET A 1 -0.66 1.79 -0.88
CA MET A 1 0.31 1.38 -1.88
C MET A 1 0.09 2.18 -3.16
N VAL A 2 1.08 2.17 -4.06
CA VAL A 2 0.98 2.89 -5.33
C VAL A 2 0.54 4.32 -5.06
N LYS A 3 0.66 4.76 -3.80
CA LYS A 3 0.27 6.10 -3.40
C LYS A 3 0.57 7.08 -4.55
N PRO A 4 -0.45 7.34 -5.40
CA PRO A 4 -0.32 8.23 -6.54
C PRO A 4 -0.30 9.70 -6.09
N PRO A 5 0.80 10.40 -6.38
CA PRO A 5 0.97 11.80 -6.04
C PRO A 5 0.15 12.70 -6.94
N TYR A 6 -1.00 13.18 -6.43
CA TYR A 6 -1.84 14.05 -7.25
C TYR A 6 -2.37 15.20 -6.38
N SER A 7 -3.22 16.06 -6.97
CA SER A 7 -3.78 17.20 -6.27
C SER A 7 -5.31 17.06 -6.22
N TYR A 8 -5.90 17.35 -5.05
CA TYR A 8 -7.35 17.25 -4.94
C TYR A 8 -8.00 18.25 -5.88
N ILE A 9 -7.75 19.55 -5.67
CA ILE A 9 -8.32 20.60 -6.49
C ILE A 9 -7.96 20.35 -7.96
N ALA A 10 -6.69 19.99 -8.21
CA ALA A 10 -6.23 19.72 -9.57
C ALA A 10 -7.10 18.64 -10.19
N LEU A 11 -7.68 17.76 -9.35
CA LEU A 11 -8.53 16.69 -9.81
C LEU A 11 -9.95 17.23 -10.04
N ILE A 12 -10.52 17.88 -9.02
CA ILE A 12 -11.86 18.44 -9.11
C ILE A 12 -11.98 19.24 -10.41
N THR A 13 -10.98 20.11 -10.67
CA THR A 13 -10.98 20.93 -11.87
C THR A 13 -11.43 20.09 -13.07
N MET A 14 -11.02 18.80 -13.08
CA MET A 14 -11.38 17.89 -14.15
C MET A 14 -12.80 17.36 -13.92
N ALA A 15 -13.14 17.12 -12.64
CA ALA A 15 -14.44 16.61 -12.28
C ALA A 15 -15.52 17.64 -12.67
N ILE A 16 -15.26 18.92 -12.37
CA ILE A 16 -16.19 19.99 -12.68
C ILE A 16 -16.44 20.01 -14.19
N LEU A 17 -15.36 19.92 -14.97
CA LEU A 17 -15.45 19.94 -16.42
C LEU A 17 -16.53 18.95 -16.88
N GLN A 18 -16.66 17.83 -16.14
CA GLN A 18 -17.64 16.81 -16.45
C GLN A 18 -18.99 17.47 -16.72
N SER A 19 -19.27 18.58 -16.01
CA SER A 19 -20.51 19.31 -16.16
C SER A 19 -20.23 20.69 -16.76
N PRO A 20 -20.18 20.77 -18.11
CA PRO A 20 -19.92 22.00 -18.83
C PRO A 20 -21.15 22.91 -18.82
N GLN A 21 -22.06 22.67 -17.87
CA GLN A 21 -23.28 23.46 -17.75
C GLN A 21 -23.41 23.96 -16.31
N LYS A 22 -24.06 23.14 -15.45
CA LYS A 22 -24.26 23.49 -14.05
C LYS A 22 -24.97 22.35 -13.34
N LYS A 23 -24.58 21.10 -13.66
CA LYS A 23 -25.18 19.92 -13.05
C LYS A 23 -24.08 18.89 -12.75
N LEU A 24 -23.69 18.78 -11.47
CA LEU A 24 -22.66 17.84 -11.06
C LEU A 24 -23.33 16.67 -10.32
N THR A 25 -22.94 15.43 -10.67
CA THR A 25 -23.48 14.25 -10.05
C THR A 25 -22.34 13.45 -9.41
N LEU A 26 -22.10 13.68 -8.11
CA LEU A 26 -21.05 12.99 -7.38
C LEU A 26 -21.07 11.51 -7.76
N SER A 27 -22.27 10.96 -8.01
CA SER A 27 -22.43 9.57 -8.38
C SER A 27 -21.64 9.30 -9.66
N GLY A 28 -21.79 10.18 -10.66
CA GLY A 28 -21.09 10.03 -11.93
C GLY A 28 -19.62 10.38 -11.73
N ILE A 29 -19.35 11.43 -10.93
CA ILE A 29 -17.98 11.87 -10.66
C ILE A 29 -17.17 10.69 -10.11
N CYS A 30 -17.77 9.94 -9.16
CA CYS A 30 -17.11 8.81 -8.55
C CYS A 30 -16.74 7.80 -9.63
N GLU A 31 -17.68 7.54 -10.57
CA GLU A 31 -17.46 6.59 -11.65
C GLU A 31 -16.37 7.13 -12.57
N PHE A 32 -16.28 8.48 -12.69
CA PHE A 32 -15.29 9.12 -13.53
C PHE A 32 -13.91 8.94 -12.91
N ILE A 33 -13.78 9.27 -11.61
CA ILE A 33 -12.52 9.15 -10.89
C ILE A 33 -12.11 7.67 -10.83
N SER A 34 -13.02 6.81 -10.34
CA SER A 34 -12.75 5.40 -10.24
C SER A 34 -12.09 4.90 -11.54
N ASN A 35 -12.46 5.52 -12.67
CA ASN A 35 -11.91 5.15 -13.96
C ASN A 35 -10.52 5.79 -14.12
N ARG A 36 -10.38 7.03 -13.62
CA ARG A 36 -9.12 7.74 -13.71
C ARG A 36 -8.13 7.17 -12.69
N PHE A 37 -8.62 6.90 -11.46
CA PHE A 37 -7.78 6.35 -10.41
C PHE A 37 -8.48 5.12 -9.81
N PRO A 38 -8.31 3.96 -10.46
CA PRO A 38 -8.91 2.71 -10.02
C PRO A 38 -8.16 2.14 -8.81
N TYR A 39 -6.85 2.39 -8.74
CA TYR A 39 -6.08 1.87 -7.62
C TYR A 39 -6.36 2.72 -6.39
N TYR A 40 -6.71 4.01 -6.59
CA TYR A 40 -6.98 4.87 -5.45
C TYR A 40 -8.17 4.31 -4.67
N ARG A 41 -9.30 4.09 -5.36
CA ARG A 41 -10.50 3.57 -4.72
C ARG A 41 -10.20 2.20 -4.13
N GLU A 42 -9.32 1.43 -4.80
CA GLU A 42 -8.95 0.10 -4.35
C GLU A 42 -7.88 0.21 -3.26
N LYS A 43 -7.40 1.45 -3.02
CA LYS A 43 -6.38 1.69 -2.01
C LYS A 43 -7.00 2.43 -0.82
N PHE A 44 -7.78 3.49 -1.11
CA PHE A 44 -8.43 4.27 -0.08
C PHE A 44 -9.88 4.56 -0.49
N PRO A 45 -10.74 3.53 -0.40
CA PRO A 45 -12.14 3.63 -0.76
C PRO A 45 -12.93 4.39 0.32
N ALA A 46 -12.28 4.62 1.49
CA ALA A 46 -12.92 5.32 2.58
C ALA A 46 -12.83 6.84 2.33
N TRP A 47 -12.04 7.23 1.32
CA TRP A 47 -11.88 8.63 0.97
C TRP A 47 -12.99 9.05 0.01
N GLN A 48 -14.08 8.25 -0.04
CA GLN A 48 -15.20 8.55 -0.92
C GLN A 48 -15.81 9.90 -0.53
N ASN A 49 -16.07 10.09 0.78
CA ASN A 49 -16.65 11.32 1.28
C ASN A 49 -15.54 12.35 1.49
N SER A 50 -14.31 11.87 1.75
CA SER A 50 -13.17 12.75 1.97
C SER A 50 -13.02 13.69 0.77
N ILE A 51 -13.07 13.12 -0.45
CA ILE A 51 -12.94 13.90 -1.67
C ILE A 51 -14.14 14.85 -1.79
N ARG A 52 -15.32 14.40 -1.31
CA ARG A 52 -16.52 15.21 -1.37
C ARG A 52 -16.29 16.52 -0.60
N HIS A 53 -15.74 16.42 0.61
CA HIS A 53 -15.48 17.58 1.44
C HIS A 53 -14.66 18.59 0.63
N ASN A 54 -13.57 18.10 0.00
CA ASN A 54 -12.70 18.95 -0.80
C ASN A 54 -13.42 19.34 -2.10
N LEU A 55 -14.31 18.46 -2.57
CA LEU A 55 -15.06 18.69 -3.80
C LEU A 55 -15.79 20.03 -3.68
N SER A 56 -16.56 20.21 -2.59
CA SER A 56 -17.31 21.43 -2.37
C SER A 56 -16.36 22.52 -1.89
N LEU A 57 -15.30 22.12 -1.15
CA LEU A 57 -14.32 23.06 -0.64
C LEU A 57 -13.27 23.34 -1.71
N ASN A 58 -13.56 22.92 -2.96
CA ASN A 58 -12.64 23.11 -4.07
C ASN A 58 -13.06 24.35 -4.86
N ASP A 59 -14.11 24.21 -5.69
CA ASP A 59 -14.62 25.31 -6.50
C ASP A 59 -15.42 26.27 -5.61
N CYS A 60 -16.49 25.75 -4.99
CA CYS A 60 -17.34 26.55 -4.12
C CYS A 60 -18.80 26.40 -4.55
N PHE A 61 -19.21 25.15 -4.84
CA PHE A 61 -20.57 24.88 -5.26
C PHE A 61 -21.35 24.24 -4.09
N VAL A 62 -22.64 23.93 -4.32
CA VAL A 62 -23.48 23.33 -3.30
C VAL A 62 -24.01 21.98 -3.81
N LYS A 63 -24.52 21.15 -2.90
CA LYS A 63 -25.07 19.85 -3.25
C LYS A 63 -26.52 19.76 -2.78
N ILE A 64 -27.26 18.77 -3.31
CA ILE A 64 -28.66 18.58 -2.94
C ILE A 64 -28.80 17.24 -2.21
N PRO A 65 -28.58 17.26 -0.88
CA PRO A 65 -28.67 16.08 -0.04
C PRO A 65 -30.13 15.71 0.22
N ARG A 66 -30.95 15.73 -0.85
CA ARG A 66 -32.36 15.40 -0.74
C ARG A 66 -33.04 15.63 -2.09
N GLU A 67 -32.99 14.61 -2.98
CA GLU A 67 -33.61 14.71 -4.29
C GLU A 67 -35.11 14.84 -4.14
N PRO A 68 -35.66 16.03 -4.47
CA PRO A 68 -37.08 16.32 -4.38
C PRO A 68 -37.84 15.66 -5.52
N GLY A 69 -37.19 14.70 -6.21
CA GLY A 69 -37.81 13.99 -7.32
C GLY A 69 -36.73 13.64 -8.35
N ASN A 70 -35.96 12.57 -8.08
CA ASN A 70 -34.91 12.13 -8.97
C ASN A 70 -35.15 10.67 -9.36
N PRO A 71 -34.49 10.21 -10.44
CA PRO A 71 -34.61 8.84 -10.93
C PRO A 71 -33.84 7.87 -10.05
N GLY A 72 -32.81 8.38 -9.34
CA GLY A 72 -32.00 7.56 -8.46
C GLY A 72 -30.63 7.32 -9.10
N LYS A 73 -29.90 8.41 -9.35
CA LYS A 73 -28.58 8.32 -9.96
C LYS A 73 -27.53 8.89 -9.00
N GLY A 74 -27.48 10.24 -8.92
CA GLY A 74 -26.53 10.92 -8.05
C GLY A 74 -27.18 12.17 -7.47
N ASN A 75 -26.50 13.32 -7.61
CA ASN A 75 -27.01 14.59 -7.11
C ASN A 75 -26.76 15.68 -8.15
N TYR A 76 -27.09 16.93 -7.79
CA TYR A 76 -26.89 18.02 -8.74
C TYR A 76 -26.25 19.21 -8.02
N TRP A 77 -24.92 19.39 -8.19
CA TRP A 77 -24.20 20.47 -7.55
C TRP A 77 -24.14 21.67 -8.49
N THR A 78 -24.27 22.88 -7.93
CA THR A 78 -24.23 24.10 -8.72
C THR A 78 -23.09 25.00 -8.22
N LEU A 79 -22.46 25.74 -9.14
CA LEU A 79 -21.36 26.63 -8.79
C LEU A 79 -21.93 27.97 -8.34
N ASP A 80 -21.24 28.63 -7.38
CA ASP A 80 -21.68 29.92 -6.87
C ASP A 80 -21.42 30.99 -7.93
N PRO A 81 -20.23 30.95 -8.55
CA PRO A 81 -19.82 31.89 -9.58
C PRO A 81 -20.53 31.59 -10.91
N GLN A 82 -21.45 30.62 -10.89
CA GLN A 82 -22.20 30.24 -12.08
C GLN A 82 -23.67 30.59 -11.89
N SER A 83 -24.21 30.29 -10.69
CA SER A 83 -25.61 30.57 -10.38
C SER A 83 -25.83 32.09 -10.41
N GLU A 84 -25.06 32.83 -9.59
CA GLU A 84 -25.17 34.28 -9.53
C GLU A 84 -24.95 34.87 -10.92
N ASP A 85 -24.11 34.21 -11.72
CA ASP A 85 -23.80 34.67 -13.07
C ASP A 85 -25.10 34.71 -13.89
N MET A 86 -25.84 33.58 -13.90
CA MET A 86 -27.09 33.49 -14.64
C MET A 86 -28.14 34.37 -13.96
N PHE A 87 -27.78 34.96 -12.81
CA PHE A 87 -28.69 35.82 -12.07
C PHE A 87 -28.67 37.22 -12.66
N ASP A 88 -27.49 37.66 -13.13
CA ASP A 88 -27.33 38.97 -13.73
C ASP A 88 -27.47 38.86 -15.25
N ASN A 89 -26.49 38.21 -15.89
CA ASN A 89 -26.50 38.03 -17.34
C ASN A 89 -27.63 37.06 -17.72
N GLY A 90 -27.75 35.95 -16.98
CA GLY A 90 -28.79 34.97 -17.24
C GLY A 90 -30.16 35.60 -17.05
N SER A 91 -30.20 36.77 -16.38
CA SER A 91 -31.43 37.48 -16.12
C SER A 91 -31.67 38.51 -17.24
N PHE A 92 -30.69 39.41 -17.44
CA PHE A 92 -30.78 40.42 -18.46
C PHE A 92 -30.56 39.79 -19.84
N LEU A 93 -29.35 39.24 -20.05
CA LEU A 93 -29.02 38.60 -21.32
C LEU A 93 -29.39 39.54 -22.48
N MET A 1 -0.66 1.79 -0.88
CA MET A 1 0.31 1.38 -1.88
C MET A 1 0.81 -0.03 -1.56
N VAL A 2 -0.14 -0.98 -1.45
CA VAL A 2 0.19 -2.37 -1.16
C VAL A 2 0.64 -2.48 0.30
N LYS A 3 -0.16 -1.90 1.22
CA LYS A 3 0.16 -1.93 2.64
C LYS A 3 -0.47 -3.18 3.27
N PRO A 4 -1.81 -3.27 3.20
CA PRO A 4 -2.56 -4.39 3.75
C PRO A 4 -2.43 -5.63 2.85
N PRO A 5 -3.00 -6.75 3.30
CA PRO A 5 -2.97 -8.02 2.58
C PRO A 5 -3.93 -7.99 1.38
N TYR A 6 -4.22 -9.18 0.82
CA TYR A 6 -5.13 -9.22 -0.32
C TYR A 6 -6.07 -10.40 -0.17
N SER A 7 -7.32 -10.27 -0.67
CA SER A 7 -8.31 -11.32 -0.57
C SER A 7 -8.90 -11.57 -1.96
N TYR A 8 -8.37 -12.58 -2.67
CA TYR A 8 -8.89 -12.88 -4.00
C TYR A 8 -10.34 -13.33 -3.89
N ILE A 9 -10.63 -14.20 -2.90
CA ILE A 9 -11.97 -14.71 -2.69
C ILE A 9 -12.97 -13.55 -2.69
N ALA A 10 -12.57 -12.42 -2.08
CA ALA A 10 -13.42 -11.24 -2.01
C ALA A 10 -13.34 -10.49 -3.34
N LEU A 11 -12.22 -10.63 -4.06
CA LEU A 11 -12.03 -9.98 -5.34
C LEU A 11 -12.80 -10.73 -6.42
N ILE A 12 -12.61 -12.06 -6.48
CA ILE A 12 -13.29 -12.90 -7.46
C ILE A 12 -14.80 -12.67 -7.36
N THR A 13 -15.36 -12.83 -6.15
CA THR A 13 -16.78 -12.64 -5.94
C THR A 13 -17.24 -11.37 -6.65
N MET A 14 -16.36 -10.35 -6.67
CA MET A 14 -16.67 -9.09 -7.32
C MET A 14 -16.42 -9.21 -8.82
N ALA A 15 -15.45 -10.06 -9.20
CA ALA A 15 -15.12 -10.27 -10.60
C ALA A 15 -16.18 -11.17 -11.25
N ILE A 16 -16.74 -12.09 -10.47
CA ILE A 16 -17.77 -13.00 -10.97
C ILE A 16 -19.01 -12.20 -11.35
N LEU A 17 -19.42 -11.25 -10.47
CA LEU A 17 -20.58 -10.42 -10.72
C LEU A 17 -20.37 -9.62 -12.01
N GLN A 18 -19.10 -9.32 -12.33
CA GLN A 18 -18.76 -8.56 -13.52
C GLN A 18 -19.60 -9.07 -14.70
N SER A 19 -19.88 -10.39 -14.71
CA SER A 19 -20.67 -11.00 -15.77
C SER A 19 -22.04 -11.41 -15.21
N PRO A 20 -23.07 -10.60 -15.48
CA PRO A 20 -24.43 -10.84 -15.02
C PRO A 20 -25.09 -11.96 -15.84
N GLN A 21 -24.27 -12.69 -16.63
CA GLN A 21 -24.77 -13.78 -17.45
C GLN A 21 -24.11 -15.08 -17.02
N LYS A 22 -22.92 -15.37 -17.57
CA LYS A 22 -22.18 -16.58 -17.25
C LYS A 22 -20.93 -16.68 -18.13
N LYS A 23 -20.26 -15.53 -18.34
CA LYS A 23 -19.06 -15.48 -19.16
C LYS A 23 -18.04 -14.53 -18.53
N LEU A 24 -16.97 -15.10 -17.94
CA LEU A 24 -15.94 -14.31 -17.30
C LEU A 24 -14.62 -14.51 -18.05
N THR A 25 -14.05 -13.41 -18.56
CA THR A 25 -12.79 -13.46 -19.29
C THR A 25 -11.65 -12.99 -18.37
N LEU A 26 -10.82 -13.95 -17.91
CA LEU A 26 -9.71 -13.63 -17.03
C LEU A 26 -8.99 -12.38 -17.55
N SER A 27 -8.94 -12.23 -18.89
CA SER A 27 -8.29 -11.09 -19.51
C SER A 27 -8.96 -9.80 -19.02
N GLY A 28 -10.30 -9.77 -19.07
CA GLY A 28 -11.06 -8.60 -18.64
C GLY A 28 -11.10 -8.56 -17.11
N ILE A 29 -10.77 -9.70 -16.47
CA ILE A 29 -10.76 -9.80 -15.02
C ILE A 29 -9.48 -9.16 -14.48
N CYS A 30 -8.32 -9.62 -14.97
CA CYS A 30 -7.04 -9.11 -14.55
C CYS A 30 -7.00 -7.59 -14.74
N GLU A 31 -7.54 -7.12 -15.88
CA GLU A 31 -7.58 -5.71 -16.19
C GLU A 31 -8.64 -5.03 -15.32
N PHE A 32 -9.67 -5.79 -14.92
CA PHE A 32 -10.74 -5.26 -14.10
C PHE A 32 -10.18 -4.90 -12.72
N ILE A 33 -9.26 -5.73 -12.19
CA ILE A 33 -8.66 -5.49 -10.90
C ILE A 33 -7.73 -4.28 -10.99
N SER A 34 -6.74 -4.33 -11.91
CA SER A 34 -5.79 -3.26 -12.10
C SER A 34 -6.54 -1.92 -12.10
N ASN A 35 -7.81 -1.95 -12.55
CA ASN A 35 -8.63 -0.74 -12.60
C ASN A 35 -8.79 -0.18 -11.19
N ARG A 36 -9.06 -1.07 -10.22
CA ARG A 36 -9.25 -0.66 -8.83
C ARG A 36 -7.88 -0.42 -8.19
N PHE A 37 -6.91 -1.30 -8.50
CA PHE A 37 -5.56 -1.19 -7.96
C PHE A 37 -4.55 -1.29 -9.11
N PRO A 38 -4.33 -0.17 -9.82
CA PRO A 38 -3.40 -0.10 -10.93
C PRO A 38 -1.95 -0.08 -10.44
N TYR A 39 -1.75 0.40 -9.20
CA TYR A 39 -0.39 0.46 -8.66
C TYR A 39 0.00 -0.92 -8.12
N TYR A 40 -1.00 -1.79 -7.92
CA TYR A 40 -0.70 -3.11 -7.39
C TYR A 40 -0.20 -4.00 -8.52
N ARG A 41 -0.96 -4.07 -9.63
CA ARG A 41 -0.60 -4.90 -10.77
C ARG A 41 0.79 -4.49 -11.27
N GLU A 42 1.10 -3.19 -11.19
CA GLU A 42 2.39 -2.66 -11.62
C GLU A 42 3.41 -2.83 -10.50
N LYS A 43 2.94 -3.26 -9.31
CA LYS A 43 3.80 -3.46 -8.16
C LYS A 43 3.83 -4.94 -7.80
N PHE A 44 3.29 -5.79 -8.69
CA PHE A 44 3.26 -7.22 -8.47
C PHE A 44 2.56 -7.91 -9.65
N PRO A 45 3.22 -7.88 -10.83
CA PRO A 45 2.69 -8.48 -12.04
C PRO A 45 2.82 -10.00 -12.00
N ALA A 46 3.65 -10.52 -11.07
CA ALA A 46 3.87 -11.95 -10.93
C ALA A 46 2.58 -12.59 -10.39
N TRP A 47 1.67 -11.77 -9.86
CA TRP A 47 0.42 -12.25 -9.32
C TRP A 47 -0.60 -12.41 -10.44
N GLN A 48 -0.15 -12.19 -11.70
CA GLN A 48 -1.01 -12.30 -12.86
C GLN A 48 -1.63 -13.70 -12.89
N ASN A 49 -0.79 -14.74 -12.71
CA ASN A 49 -1.26 -16.12 -12.72
C ASN A 49 -1.82 -16.46 -11.34
N SER A 50 -1.36 -15.76 -10.30
CA SER A 50 -1.80 -15.99 -8.93
C SER A 50 -3.33 -15.83 -8.87
N ILE A 51 -3.84 -14.71 -9.41
CA ILE A 51 -5.27 -14.45 -9.41
C ILE A 51 -6.00 -15.59 -10.15
N ARG A 52 -5.40 -16.05 -11.26
CA ARG A 52 -5.98 -17.12 -12.05
C ARG A 52 -6.11 -18.38 -11.18
N HIS A 53 -5.03 -18.72 -10.46
CA HIS A 53 -5.02 -19.89 -9.59
C HIS A 53 -6.21 -19.81 -8.62
N ASN A 54 -6.33 -18.66 -7.92
CA ASN A 54 -7.42 -18.46 -6.97
C ASN A 54 -8.74 -18.33 -7.73
N LEU A 55 -8.66 -17.87 -8.99
CA LEU A 55 -9.84 -17.70 -9.82
C LEU A 55 -10.62 -19.01 -9.87
N SER A 56 -9.93 -20.10 -10.25
CA SER A 56 -10.55 -21.41 -10.35
C SER A 56 -10.66 -22.01 -8.95
N LEU A 57 -9.79 -21.58 -8.03
CA LEU A 57 -9.78 -22.08 -6.67
C LEU A 57 -10.82 -21.31 -5.85
N ASN A 58 -11.81 -20.70 -6.54
CA ASN A 58 -12.85 -19.94 -5.89
C ASN A 58 -14.19 -20.66 -6.06
N ASP A 59 -14.87 -20.41 -7.19
CA ASP A 59 -16.15 -21.02 -7.48
C ASP A 59 -15.92 -22.40 -8.10
N CYS A 60 -14.73 -22.59 -8.70
CA CYS A 60 -14.38 -23.86 -9.35
C CYS A 60 -15.12 -23.97 -10.67
N PHE A 61 -15.19 -22.86 -11.42
CA PHE A 61 -15.87 -22.85 -12.71
C PHE A 61 -14.99 -23.51 -13.76
N VAL A 62 -15.45 -23.51 -15.02
CA VAL A 62 -14.70 -24.11 -16.12
C VAL A 62 -14.17 -23.00 -17.03
N LYS A 63 -12.85 -23.03 -17.29
CA LYS A 63 -12.21 -22.04 -18.14
C LYS A 63 -11.70 -22.71 -19.41
N ILE A 64 -11.66 -21.96 -20.52
CA ILE A 64 -11.18 -22.48 -21.79
C ILE A 64 -9.72 -22.04 -22.01
N PRO A 65 -8.79 -22.99 -21.85
CA PRO A 65 -7.37 -22.74 -22.02
C PRO A 65 -7.01 -22.61 -23.50
N ARG A 66 -7.99 -22.85 -24.39
CA ARG A 66 -7.78 -22.76 -25.82
C ARG A 66 -9.02 -23.30 -26.55
N GLU A 67 -10.03 -22.44 -26.75
CA GLU A 67 -11.26 -22.82 -27.43
C GLU A 67 -11.04 -22.73 -28.94
N PRO A 68 -11.49 -23.76 -29.67
CA PRO A 68 -11.37 -23.84 -31.11
C PRO A 68 -12.39 -22.91 -31.80
N GLY A 69 -12.34 -21.61 -31.46
CA GLY A 69 -13.23 -20.63 -32.03
C GLY A 69 -13.88 -19.81 -30.90
N ASN A 70 -13.10 -18.90 -30.30
CA ASN A 70 -13.59 -18.06 -29.21
C ASN A 70 -13.31 -16.59 -29.54
N PRO A 71 -13.83 -16.11 -30.67
CA PRO A 71 -13.65 -14.74 -31.13
C PRO A 71 -14.52 -13.78 -30.32
N GLY A 72 -14.30 -13.74 -28.99
CA GLY A 72 -15.05 -12.87 -28.11
C GLY A 72 -14.15 -11.72 -27.64
N LYS A 73 -13.51 -11.91 -26.48
CA LYS A 73 -12.62 -10.90 -25.92
C LYS A 73 -11.43 -11.58 -25.23
N GLY A 74 -11.72 -12.59 -24.40
CA GLY A 74 -10.69 -13.32 -23.69
C GLY A 74 -11.04 -14.81 -23.67
N ASN A 75 -11.40 -15.33 -22.49
CA ASN A 75 -11.76 -16.73 -22.34
C ASN A 75 -13.23 -16.84 -21.93
N TYR A 76 -13.62 -18.01 -21.39
CA TYR A 76 -15.01 -18.18 -20.98
C TYR A 76 -15.06 -18.98 -19.69
N TRP A 77 -15.30 -18.32 -18.55
CA TRP A 77 -15.36 -18.98 -17.26
C TRP A 77 -16.81 -19.07 -16.80
N THR A 78 -17.34 -20.30 -16.69
CA THR A 78 -18.71 -20.52 -16.27
C THR A 78 -18.72 -21.31 -14.97
N LEU A 79 -19.66 -20.97 -14.06
CA LEU A 79 -19.78 -21.65 -12.78
C LEU A 79 -20.31 -23.06 -13.00
N ASP A 80 -19.57 -24.07 -12.50
CA ASP A 80 -19.95 -25.47 -12.64
C ASP A 80 -20.93 -25.83 -11.52
N PRO A 81 -20.52 -25.58 -10.27
CA PRO A 81 -21.33 -25.87 -9.09
C PRO A 81 -22.46 -24.85 -8.94
N GLN A 82 -23.71 -25.29 -9.18
CA GLN A 82 -24.86 -24.43 -9.07
C GLN A 82 -24.93 -23.51 -10.30
N SER A 83 -24.75 -24.09 -11.50
CA SER A 83 -24.79 -23.32 -12.73
C SER A 83 -26.24 -23.02 -13.10
N GLU A 84 -27.12 -24.04 -12.97
CA GLU A 84 -28.52 -23.88 -13.28
C GLU A 84 -28.77 -24.28 -14.73
N ASP A 85 -27.70 -24.27 -15.55
CA ASP A 85 -27.81 -24.64 -16.95
C ASP A 85 -27.79 -26.17 -17.07
N MET A 86 -26.78 -26.81 -16.49
CA MET A 86 -26.65 -28.26 -16.53
C MET A 86 -27.98 -28.89 -16.11
N PHE A 87 -28.70 -28.23 -15.19
CA PHE A 87 -29.98 -28.73 -14.71
C PHE A 87 -30.90 -28.97 -15.91
N ASP A 88 -30.88 -28.05 -16.88
CA ASP A 88 -31.72 -28.16 -18.07
C ASP A 88 -30.95 -27.62 -19.28
N ASN A 89 -29.73 -28.15 -19.50
CA ASN A 89 -28.90 -27.72 -20.61
C ASN A 89 -29.64 -27.98 -21.92
N GLY A 90 -30.23 -29.19 -22.06
CA GLY A 90 -30.96 -29.56 -23.26
C GLY A 90 -32.36 -28.95 -23.19
N SER A 91 -33.10 -29.25 -22.11
CA SER A 91 -34.45 -28.73 -21.94
C SER A 91 -35.40 -29.49 -22.88
N PHE A 92 -35.47 -30.82 -22.74
CA PHE A 92 -36.34 -31.64 -23.57
C PHE A 92 -35.76 -31.72 -24.98
N LEU A 93 -34.58 -32.36 -25.11
CA LEU A 93 -33.92 -32.50 -26.40
C LEU A 93 -34.98 -32.68 -27.49
N MET A 1 -0.66 1.79 -0.88
CA MET A 1 0.31 1.38 -1.88
C MET A 1 0.02 2.11 -3.19
N VAL A 2 0.79 3.17 -3.48
CA VAL A 2 0.62 3.94 -4.69
C VAL A 2 1.72 3.57 -5.69
N LYS A 3 2.89 3.16 -5.17
CA LYS A 3 4.02 2.78 -6.02
C LYS A 3 5.21 2.42 -5.13
N PRO A 4 5.61 3.35 -4.25
CA PRO A 4 6.73 3.17 -3.33
C PRO A 4 6.33 2.25 -2.18
N PRO A 5 7.35 1.64 -1.52
CA PRO A 5 7.15 0.74 -0.40
C PRO A 5 6.77 1.50 0.86
N TYR A 6 5.67 2.26 0.81
CA TYR A 6 5.26 3.02 1.98
C TYR A 6 4.43 2.12 2.90
N SER A 7 4.28 2.53 4.17
CA SER A 7 3.53 1.76 5.14
C SER A 7 2.56 2.68 5.88
N TYR A 8 1.57 2.09 6.57
CA TYR A 8 0.61 2.90 7.29
C TYR A 8 1.22 3.33 8.63
N ILE A 9 1.60 2.37 9.47
CA ILE A 9 2.18 2.65 10.77
C ILE A 9 3.24 3.74 10.62
N ALA A 10 4.01 3.69 9.53
CA ALA A 10 5.05 4.66 9.26
C ALA A 10 4.41 6.03 9.02
N LEU A 11 3.25 6.04 8.33
CA LEU A 11 2.55 7.27 8.02
C LEU A 11 1.87 7.78 9.30
N ILE A 12 1.18 6.89 10.02
CA ILE A 12 0.49 7.26 11.25
C ILE A 12 1.51 7.79 12.26
N THR A 13 2.68 7.13 12.34
CA THR A 13 3.73 7.53 13.25
C THR A 13 3.84 9.06 13.25
N MET A 14 3.83 9.66 12.04
CA MET A 14 3.93 11.09 11.91
C MET A 14 2.56 11.74 12.14
N ALA A 15 1.49 10.99 11.80
CA ALA A 15 0.13 11.47 11.97
C ALA A 15 -0.12 11.77 13.45
N ILE A 16 0.41 10.91 14.33
CA ILE A 16 0.25 11.08 15.77
C ILE A 16 1.22 12.14 16.26
N LEU A 17 2.48 12.07 15.81
CA LEU A 17 3.50 13.03 16.21
C LEU A 17 2.95 14.45 16.06
N GLN A 18 2.04 14.64 15.08
CA GLN A 18 1.43 15.94 14.84
C GLN A 18 1.01 16.56 16.17
N SER A 19 0.67 15.71 17.15
CA SER A 19 0.25 16.16 18.46
C SER A 19 1.28 15.74 19.51
N PRO A 20 2.32 16.58 19.72
CA PRO A 20 3.38 16.32 20.67
C PRO A 20 2.90 16.56 22.10
N GLN A 21 1.61 16.92 22.26
CA GLN A 21 1.03 17.18 23.56
C GLN A 21 0.06 16.05 23.91
N LYS A 22 -1.21 16.19 23.49
CA LYS A 22 -2.22 15.19 23.75
C LYS A 22 -3.54 15.62 23.10
N LYS A 23 -3.45 16.19 21.89
CA LYS A 23 -4.62 16.65 21.15
C LYS A 23 -4.47 16.31 19.68
N LEU A 24 -5.29 15.37 19.18
CA LEU A 24 -5.24 14.96 17.79
C LEU A 24 -6.60 15.18 17.15
N THR A 25 -6.62 15.69 15.91
CA THR A 25 -7.86 15.95 15.19
C THR A 25 -7.82 15.22 13.84
N LEU A 26 -8.58 14.10 13.75
CA LEU A 26 -8.63 13.31 12.53
C LEU A 26 -8.84 14.24 11.34
N SER A 27 -9.69 15.27 11.51
CA SER A 27 -9.98 16.22 10.45
C SER A 27 -8.69 16.95 10.07
N GLY A 28 -7.89 17.32 11.09
CA GLY A 28 -6.63 18.02 10.86
C GLY A 28 -5.56 17.02 10.44
N ILE A 29 -5.78 15.72 10.77
CA ILE A 29 -4.84 14.67 10.43
C ILE A 29 -4.98 14.32 8.96
N CYS A 30 -6.21 14.04 8.52
CA CYS A 30 -6.48 13.69 7.14
C CYS A 30 -6.01 14.82 6.22
N GLU A 31 -6.17 16.08 6.68
CA GLU A 31 -5.75 17.24 5.92
C GLU A 31 -4.22 17.32 5.89
N PHE A 32 -3.59 16.88 7.00
CA PHE A 32 -2.14 16.90 7.10
C PHE A 32 -1.54 15.98 6.04
N ILE A 33 -2.03 14.72 6.00
CA ILE A 33 -1.55 13.75 5.03
C ILE A 33 -1.81 14.27 3.61
N SER A 34 -2.87 15.07 3.45
CA SER A 34 -3.23 15.62 2.16
C SER A 34 -2.20 16.69 1.76
N ASN A 35 -1.70 17.43 2.77
CA ASN A 35 -0.72 18.48 2.52
C ASN A 35 0.66 17.85 2.38
N ARG A 36 0.96 16.85 3.23
CA ARG A 36 2.25 16.17 3.20
C ARG A 36 2.27 15.21 2.00
N PHE A 37 1.25 14.35 1.90
CA PHE A 37 1.16 13.38 0.82
C PHE A 37 -0.11 13.65 0.01
N PRO A 38 -0.05 14.65 -0.89
CA PRO A 38 -1.16 15.03 -1.74
C PRO A 38 -1.37 14.01 -2.87
N TYR A 39 -0.25 13.44 -3.37
CA TYR A 39 -0.38 12.47 -4.45
C TYR A 39 -0.86 11.14 -3.87
N TYR A 40 -0.75 10.97 -2.55
CA TYR A 40 -1.18 9.71 -1.95
C TYR A 40 -2.71 9.68 -1.89
N ARG A 41 -3.32 10.74 -1.32
CA ARG A 41 -4.76 10.81 -1.20
C ARG A 41 -5.38 11.18 -2.57
N GLU A 42 -4.67 12.04 -3.33
CA GLU A 42 -5.13 12.46 -4.63
C GLU A 42 -5.31 11.24 -5.53
N LYS A 43 -4.64 10.13 -5.18
CA LYS A 43 -4.73 8.90 -5.94
C LYS A 43 -5.57 7.88 -5.18
N PHE A 44 -5.56 7.98 -3.84
CA PHE A 44 -6.32 7.07 -3.00
C PHE A 44 -7.05 7.87 -1.92
N PRO A 45 -8.08 8.65 -2.33
CA PRO A 45 -8.86 9.49 -1.44
C PRO A 45 -9.84 8.63 -0.61
N ALA A 46 -9.95 7.33 -0.98
CA ALA A 46 -10.85 6.42 -0.28
C ALA A 46 -10.14 5.89 0.98
N TRP A 47 -8.80 5.89 0.95
CA TRP A 47 -8.02 5.41 2.09
C TRP A 47 -8.08 6.44 3.21
N GLN A 48 -8.66 7.62 2.92
CA GLN A 48 -8.78 8.69 3.91
C GLN A 48 -9.39 8.13 5.19
N ASN A 49 -10.32 7.15 5.04
CA ASN A 49 -10.97 6.54 6.18
C ASN A 49 -10.10 5.42 6.73
N SER A 50 -9.38 4.72 5.84
CA SER A 50 -8.50 3.63 6.23
C SER A 50 -7.44 4.16 7.21
N ILE A 51 -6.75 5.24 6.80
CA ILE A 51 -5.71 5.84 7.63
C ILE A 51 -6.25 6.04 9.05
N ARG A 52 -7.53 6.44 9.15
CA ARG A 52 -8.17 6.66 10.44
C ARG A 52 -8.29 5.33 11.18
N HIS A 53 -8.64 4.26 10.44
CA HIS A 53 -8.79 2.94 11.01
C HIS A 53 -7.45 2.48 11.59
N ASN A 54 -6.40 2.48 10.75
CA ASN A 54 -5.08 2.07 11.18
C ASN A 54 -4.57 3.02 12.26
N LEU A 55 -4.99 4.30 12.18
CA LEU A 55 -4.58 5.30 13.15
C LEU A 55 -4.96 4.83 14.55
N SER A 56 -6.25 4.50 14.74
CA SER A 56 -6.75 4.05 16.03
C SER A 56 -6.28 2.62 16.27
N LEU A 57 -6.02 1.87 15.18
CA LEU A 57 -5.58 0.49 15.27
C LEU A 57 -4.05 0.47 15.43
N ASN A 58 -3.46 1.64 15.74
CA ASN A 58 -2.02 1.75 15.92
C ASN A 58 -1.70 1.76 17.41
N ASP A 59 -1.78 2.95 18.04
CA ASP A 59 -1.50 3.11 19.45
C ASP A 59 -2.72 2.66 20.26
N CYS A 60 -3.90 2.65 19.61
CA CYS A 60 -5.13 2.26 20.26
C CYS A 60 -5.58 3.36 21.23
N PHE A 61 -5.34 4.63 20.84
CA PHE A 61 -5.71 5.77 21.65
C PHE A 61 -7.22 5.94 21.62
N VAL A 62 -7.72 7.04 22.22
CA VAL A 62 -9.14 7.33 22.26
C VAL A 62 -9.45 8.51 21.33
N LYS A 63 -10.70 8.59 20.84
CA LYS A 63 -11.12 9.65 19.95
C LYS A 63 -12.37 10.32 20.51
N ILE A 64 -12.65 11.56 20.05
CA ILE A 64 -13.82 12.30 20.52
C ILE A 64 -14.95 12.13 19.50
N PRO A 65 -15.98 11.35 19.88
CA PRO A 65 -17.13 11.09 19.04
C PRO A 65 -18.07 12.30 18.99
N ARG A 66 -17.96 13.18 20.00
CA ARG A 66 -18.79 14.38 20.07
C ARG A 66 -18.52 15.10 21.39
N GLU A 67 -17.40 15.81 21.48
CA GLU A 67 -17.03 16.54 22.68
C GLU A 67 -18.00 17.71 22.88
N PRO A 68 -18.42 17.93 24.14
CA PRO A 68 -19.35 19.00 24.50
C PRO A 68 -18.64 20.36 24.48
N GLY A 69 -18.32 20.86 23.27
CA GLY A 69 -17.65 22.14 23.11
C GLY A 69 -17.38 22.39 21.64
N ASN A 70 -16.91 21.34 20.92
CA ASN A 70 -16.60 21.45 19.51
C ASN A 70 -17.91 21.55 18.72
N PRO A 71 -18.05 22.62 17.91
CA PRO A 71 -19.23 22.86 17.10
C PRO A 71 -19.24 21.95 15.88
N GLY A 72 -18.06 21.40 15.52
CA GLY A 72 -17.94 20.51 14.37
C GLY A 72 -16.71 20.92 13.55
N LYS A 73 -15.52 20.58 14.05
CA LYS A 73 -14.28 20.90 13.37
C LYS A 73 -13.38 19.66 13.33
N GLY A 74 -12.84 19.28 14.51
CA GLY A 74 -11.97 18.11 14.61
C GLY A 74 -12.27 17.38 15.92
N ASN A 75 -11.26 16.63 16.42
CA ASN A 75 -11.42 15.88 17.65
C ASN A 75 -10.13 16.00 18.47
N TYR A 76 -10.07 15.27 19.61
CA TYR A 76 -8.87 15.35 20.42
C TYR A 76 -8.44 13.94 20.82
N TRP A 77 -7.68 13.26 19.93
CA TRP A 77 -7.22 11.91 20.18
C TRP A 77 -5.99 11.95 21.07
N THR A 78 -5.94 11.07 22.09
CA THR A 78 -4.82 11.02 23.00
C THR A 78 -4.00 9.76 22.73
N LEU A 79 -3.36 9.21 23.78
CA LEU A 79 -2.54 8.02 23.64
C LEU A 79 -2.68 7.17 24.91
N ASP A 80 -3.39 6.03 24.79
CA ASP A 80 -3.59 5.13 25.91
C ASP A 80 -3.04 3.75 25.57
N PRO A 81 -1.98 3.33 26.28
CA PRO A 81 -1.34 2.04 26.08
C PRO A 81 -2.20 0.90 26.65
N GLN A 82 -3.09 1.24 27.59
CA GLN A 82 -3.96 0.26 28.22
C GLN A 82 -4.71 -0.52 27.13
N SER A 83 -5.25 0.21 26.14
CA SER A 83 -5.98 -0.40 25.04
C SER A 83 -5.07 -1.38 24.29
N GLU A 84 -3.87 -0.91 23.92
CA GLU A 84 -2.91 -1.72 23.20
C GLU A 84 -2.61 -2.98 24.03
N ASP A 85 -2.45 -2.81 25.34
CA ASP A 85 -2.17 -3.93 26.24
C ASP A 85 -3.48 -4.60 26.65
N MET A 86 -4.52 -4.45 25.80
CA MET A 86 -5.82 -5.04 26.07
C MET A 86 -5.62 -6.44 26.67
N PHE A 87 -4.59 -7.16 26.20
CA PHE A 87 -4.30 -8.50 26.69
C PHE A 87 -3.16 -9.10 25.88
N ASP A 88 -1.94 -8.55 26.05
CA ASP A 88 -0.77 -9.02 25.33
C ASP A 88 -0.78 -8.46 23.91
N ASN A 89 -1.82 -7.66 23.58
CA ASN A 89 -1.94 -7.06 22.27
C ASN A 89 -1.08 -5.80 22.21
N GLY A 90 -0.47 -5.44 23.35
CA GLY A 90 0.39 -4.26 23.42
C GLY A 90 1.77 -4.61 22.86
N SER A 91 2.52 -5.44 23.59
CA SER A 91 3.86 -5.86 23.18
C SER A 91 4.54 -6.60 24.32
N PHE A 92 4.11 -7.84 24.58
CA PHE A 92 4.68 -8.65 25.64
C PHE A 92 6.07 -9.14 25.22
N LEU A 93 6.14 -9.87 24.10
CA LEU A 93 7.40 -10.39 23.58
C LEU A 93 8.17 -11.05 24.73
N MET A 1 -0.66 1.79 -0.88
CA MET A 1 0.31 1.38 -1.88
C MET A 1 1.24 0.32 -1.28
N VAL A 2 1.92 0.66 -0.17
CA VAL A 2 2.82 -0.26 0.50
C VAL A 2 3.35 0.39 1.77
N LYS A 3 3.70 1.68 1.70
CA LYS A 3 4.22 2.41 2.85
C LYS A 3 3.53 1.90 4.12
N PRO A 4 2.19 1.97 4.14
CA PRO A 4 1.38 1.54 5.27
C PRO A 4 1.30 0.01 5.33
N PRO A 5 1.89 -0.58 6.39
CA PRO A 5 1.91 -2.02 6.60
C PRO A 5 0.55 -2.52 7.07
N TYR A 6 -0.17 -3.22 6.17
CA TYR A 6 -1.48 -3.72 6.54
C TYR A 6 -1.48 -5.25 6.46
N SER A 7 -2.66 -5.87 6.60
CA SER A 7 -2.79 -7.32 6.55
C SER A 7 -3.50 -7.73 5.26
N TYR A 8 -3.51 -9.04 4.97
CA TYR A 8 -4.18 -9.49 3.76
C TYR A 8 -5.65 -9.05 3.80
N ILE A 9 -6.28 -9.16 4.97
CA ILE A 9 -7.68 -8.78 5.12
C ILE A 9 -7.87 -7.35 4.63
N ALA A 10 -6.86 -6.49 4.86
CA ALA A 10 -6.93 -5.11 4.44
C ALA A 10 -6.89 -5.03 2.91
N LEU A 11 -6.10 -5.93 2.29
CA LEU A 11 -5.98 -5.97 0.84
C LEU A 11 -7.29 -6.50 0.23
N ILE A 12 -7.83 -7.57 0.83
CA ILE A 12 -9.06 -8.17 0.35
C ILE A 12 -10.20 -7.15 0.46
N THR A 13 -10.35 -6.55 1.66
CA THR A 13 -11.39 -5.56 1.88
C THR A 13 -11.51 -4.65 0.66
N MET A 14 -10.36 -4.26 0.09
CA MET A 14 -10.34 -3.40 -1.07
C MET A 14 -10.60 -4.23 -2.33
N ALA A 15 -10.08 -5.47 -2.35
CA ALA A 15 -10.25 -6.36 -3.47
C ALA A 15 -11.74 -6.70 -3.62
N ILE A 16 -12.33 -7.29 -2.57
CA ILE A 16 -13.74 -7.67 -2.58
C ILE A 16 -14.58 -6.45 -2.95
N LEU A 17 -14.18 -5.27 -2.44
CA LEU A 17 -14.89 -4.03 -2.72
C LEU A 17 -14.86 -3.74 -4.22
N GLN A 18 -13.70 -4.01 -4.85
CA GLN A 18 -13.53 -3.78 -6.28
C GLN A 18 -14.70 -4.43 -7.03
N SER A 19 -15.31 -5.44 -6.43
CA SER A 19 -16.44 -6.14 -7.03
C SER A 19 -17.69 -5.91 -6.19
N PRO A 20 -18.37 -4.78 -6.40
CA PRO A 20 -19.57 -4.41 -5.69
C PRO A 20 -20.78 -5.22 -6.18
N GLN A 21 -20.50 -6.28 -6.97
CA GLN A 21 -21.55 -7.12 -7.51
C GLN A 21 -21.51 -8.49 -6.81
N LYS A 22 -20.58 -9.35 -7.24
CA LYS A 22 -20.43 -10.68 -6.66
C LYS A 22 -19.60 -11.56 -7.60
N LYS A 23 -18.45 -11.02 -8.06
CA LYS A 23 -17.56 -11.74 -8.95
C LYS A 23 -16.11 -11.42 -8.60
N LEU A 24 -15.40 -12.40 -8.01
CA LEU A 24 -14.01 -12.22 -7.62
C LEU A 24 -13.18 -13.35 -8.23
N THR A 25 -12.46 -13.04 -9.32
CA THR A 25 -11.62 -14.02 -9.99
C THR A 25 -10.25 -14.06 -9.32
N LEU A 26 -9.97 -15.15 -8.58
CA LEU A 26 -8.70 -15.30 -7.89
C LEU A 26 -7.57 -14.85 -8.80
N SER A 27 -7.73 -15.05 -10.12
CA SER A 27 -6.73 -14.66 -11.09
C SER A 27 -6.59 -13.15 -11.09
N GLY A 28 -7.72 -12.43 -11.07
CA GLY A 28 -7.72 -10.98 -11.07
C GLY A 28 -7.38 -10.48 -9.66
N ILE A 29 -7.58 -11.34 -8.65
CA ILE A 29 -7.29 -10.99 -7.27
C ILE A 29 -5.80 -10.70 -7.13
N CYS A 30 -4.95 -11.64 -7.58
CA CYS A 30 -3.51 -11.49 -7.50
C CYS A 30 -3.07 -10.31 -8.37
N GLU A 31 -3.58 -10.26 -9.62
CA GLU A 31 -3.25 -9.20 -10.55
C GLU A 31 -3.79 -7.88 -10.02
N PHE A 32 -4.91 -7.94 -9.28
CA PHE A 32 -5.54 -6.76 -8.71
C PHE A 32 -4.57 -6.09 -7.74
N ILE A 33 -4.00 -6.88 -6.81
CA ILE A 33 -3.06 -6.37 -5.83
C ILE A 33 -1.81 -5.85 -6.54
N SER A 34 -1.64 -6.25 -7.82
CA SER A 34 -0.49 -5.83 -8.62
C SER A 34 -0.79 -4.45 -9.23
N ASN A 35 -2.03 -4.26 -9.70
CA ASN A 35 -2.43 -3.00 -10.32
C ASN A 35 -2.89 -2.04 -9.22
N ARG A 36 -2.54 -2.34 -7.96
CA ARG A 36 -2.91 -1.51 -6.83
C ARG A 36 -1.75 -1.45 -5.84
N PHE A 37 -1.18 -2.62 -5.50
CA PHE A 37 -0.06 -2.70 -4.58
C PHE A 37 1.07 -3.52 -5.20
N PRO A 38 1.77 -2.93 -6.18
CA PRO A 38 2.88 -3.57 -6.87
C PRO A 38 4.12 -3.62 -5.99
N TYR A 39 4.33 -2.59 -5.16
CA TYR A 39 5.49 -2.58 -4.29
C TYR A 39 5.51 -3.86 -3.45
N TYR A 40 4.33 -4.42 -3.17
CA TYR A 40 4.28 -5.63 -2.36
C TYR A 40 4.61 -6.83 -3.25
N ARG A 41 3.89 -6.97 -4.38
CA ARG A 41 4.10 -8.08 -5.29
C ARG A 41 5.58 -8.14 -5.69
N GLU A 42 6.16 -6.98 -6.03
CA GLU A 42 7.55 -6.91 -6.42
C GLU A 42 8.44 -7.36 -5.25
N LYS A 43 7.95 -7.15 -4.01
CA LYS A 43 8.67 -7.54 -2.83
C LYS A 43 8.39 -9.01 -2.50
N PHE A 44 7.11 -9.40 -2.60
CA PHE A 44 6.69 -10.76 -2.32
C PHE A 44 5.53 -11.14 -3.25
N PRO A 45 5.85 -11.66 -4.44
CA PRO A 45 4.87 -12.07 -5.44
C PRO A 45 4.20 -13.38 -5.03
N ALA A 46 4.42 -13.81 -3.77
CA ALA A 46 3.84 -15.05 -3.27
C ALA A 46 2.44 -14.77 -2.73
N TRP A 47 1.78 -13.73 -3.27
CA TRP A 47 0.45 -13.35 -2.85
C TRP A 47 -0.54 -14.44 -3.27
N GLN A 48 -0.57 -14.74 -4.59
CA GLN A 48 -1.47 -15.76 -5.13
C GLN A 48 -1.51 -16.95 -4.17
N ASN A 49 -0.40 -17.17 -3.43
CA ASN A 49 -0.31 -18.27 -2.48
C ASN A 49 -1.04 -17.89 -1.19
N SER A 50 -0.72 -16.68 -0.66
CA SER A 50 -1.34 -16.20 0.57
C SER A 50 -2.71 -15.59 0.24
N ILE A 51 -2.70 -14.49 -0.53
CA ILE A 51 -3.93 -13.81 -0.91
C ILE A 51 -5.00 -14.86 -1.23
N ARG A 52 -4.60 -15.97 -1.88
CA ARG A 52 -5.52 -17.03 -2.23
C ARG A 52 -6.16 -17.59 -0.96
N HIS A 53 -5.32 -17.93 0.03
CA HIS A 53 -5.80 -18.47 1.30
C HIS A 53 -6.52 -17.38 2.08
N ASN A 54 -5.81 -16.25 2.31
CA ASN A 54 -6.38 -15.13 3.05
C ASN A 54 -7.70 -14.72 2.40
N LEU A 55 -7.72 -14.63 1.07
CA LEU A 55 -8.92 -14.25 0.33
C LEU A 55 -10.08 -15.18 0.74
N SER A 56 -9.85 -16.50 0.65
CA SER A 56 -10.86 -17.48 1.02
C SER A 56 -11.10 -17.43 2.52
N LEU A 57 -10.02 -17.29 3.30
CA LEU A 57 -10.10 -17.24 4.75
C LEU A 57 -10.31 -15.78 5.19
N ASN A 58 -10.90 -14.96 4.29
CA ASN A 58 -11.16 -13.56 4.58
C ASN A 58 -12.66 -13.36 4.81
N ASP A 59 -13.41 -13.18 3.71
CA ASP A 59 -14.85 -12.97 3.79
C ASP A 59 -15.55 -14.34 3.91
N CYS A 60 -14.89 -15.39 3.38
CA CYS A 60 -15.45 -16.72 3.43
C CYS A 60 -16.48 -16.89 2.30
N PHE A 61 -16.17 -16.34 1.12
CA PHE A 61 -17.06 -16.43 -0.02
C PHE A 61 -16.95 -17.81 -0.64
N VAL A 62 -17.63 -18.01 -1.80
CA VAL A 62 -17.61 -19.29 -2.49
C VAL A 62 -16.75 -19.17 -3.74
N LYS A 63 -15.97 -20.24 -4.03
CA LYS A 63 -15.10 -20.25 -5.20
C LYS A 63 -15.57 -21.34 -6.16
N ILE A 64 -15.57 -21.03 -7.47
CA ILE A 64 -16.00 -21.98 -8.50
C ILE A 64 -14.89 -23.01 -8.71
N PRO A 65 -15.24 -24.30 -8.55
CA PRO A 65 -14.30 -25.40 -8.72
C PRO A 65 -14.02 -25.66 -10.20
N ARG A 66 -13.78 -24.58 -10.96
CA ARG A 66 -13.50 -24.69 -12.39
C ARG A 66 -14.68 -25.39 -13.08
N GLU A 67 -15.83 -24.68 -13.18
CA GLU A 67 -17.01 -25.22 -13.81
C GLU A 67 -16.82 -25.24 -15.33
N PRO A 68 -17.30 -26.30 -15.99
CA PRO A 68 -17.19 -26.47 -17.43
C PRO A 68 -18.18 -25.55 -18.16
N GLY A 69 -18.12 -24.24 -17.87
CA GLY A 69 -18.99 -23.26 -18.49
C GLY A 69 -18.72 -21.88 -17.89
N ASN A 70 -17.43 -21.52 -17.77
CA ASN A 70 -17.05 -20.24 -17.22
C ASN A 70 -15.90 -19.65 -18.05
N PRO A 71 -16.15 -19.45 -19.36
CA PRO A 71 -15.18 -18.90 -20.29
C PRO A 71 -15.02 -17.39 -20.09
N GLY A 72 -14.50 -16.99 -18.91
CA GLY A 72 -14.31 -15.59 -18.59
C GLY A 72 -12.80 -15.32 -18.44
N LYS A 73 -12.30 -15.44 -17.20
CA LYS A 73 -10.89 -15.21 -16.91
C LYS A 73 -10.42 -16.20 -15.84
N GLY A 74 -11.17 -16.30 -14.74
CA GLY A 74 -10.84 -17.21 -13.65
C GLY A 74 -12.12 -17.84 -13.11
N ASN A 75 -12.51 -17.46 -11.88
CA ASN A 75 -13.71 -17.99 -11.25
C ASN A 75 -14.63 -16.84 -10.86
N TYR A 76 -15.71 -17.14 -10.11
CA TYR A 76 -16.63 -16.10 -9.72
C TYR A 76 -16.83 -16.16 -8.20
N TRP A 77 -15.84 -15.70 -7.42
CA TRP A 77 -15.92 -15.71 -5.98
C TRP A 77 -16.87 -14.61 -5.51
N THR A 78 -17.83 -14.97 -4.63
CA THR A 78 -18.80 -14.02 -4.11
C THR A 78 -19.02 -14.30 -2.62
N LEU A 79 -19.35 -13.24 -1.86
CA LEU A 79 -19.60 -13.37 -0.43
C LEU A 79 -20.81 -14.28 -0.21
N ASP A 80 -20.69 -15.21 0.76
CA ASP A 80 -21.76 -16.14 1.07
C ASP A 80 -22.86 -15.40 1.85
N PRO A 81 -24.10 -15.91 1.76
CA PRO A 81 -25.26 -15.33 2.42
C PRO A 81 -25.24 -15.64 3.93
N GLN A 82 -24.11 -15.32 4.58
CA GLN A 82 -23.95 -15.57 6.01
C GLN A 82 -23.99 -17.08 6.27
N SER A 83 -23.30 -17.86 5.42
CA SER A 83 -23.26 -19.30 5.55
C SER A 83 -22.27 -19.67 6.66
N GLU A 84 -21.13 -18.95 6.73
CA GLU A 84 -20.12 -19.21 7.74
C GLU A 84 -20.11 -18.05 8.74
N ASP A 85 -21.30 -17.48 9.02
CA ASP A 85 -21.42 -16.37 9.94
C ASP A 85 -21.38 -16.91 11.38
N MET A 86 -22.04 -18.07 11.61
CA MET A 86 -22.07 -18.68 12.93
C MET A 86 -20.64 -18.88 13.42
N PHE A 87 -19.70 -19.10 12.50
CA PHE A 87 -18.30 -19.30 12.85
C PHE A 87 -17.55 -17.97 12.72
N ASP A 88 -18.28 -16.86 12.88
CA ASP A 88 -17.68 -15.53 12.77
C ASP A 88 -18.80 -14.49 12.62
N ASN A 89 -19.63 -14.33 13.66
CA ASN A 89 -20.73 -13.38 13.64
C ASN A 89 -20.17 -11.97 13.87
N GLY A 90 -19.45 -11.79 14.99
CA GLY A 90 -18.87 -10.49 15.32
C GLY A 90 -17.66 -10.24 14.42
N SER A 91 -16.60 -11.04 14.57
CA SER A 91 -15.39 -10.90 13.78
C SER A 91 -14.52 -12.14 13.97
N PHE A 92 -14.15 -12.42 15.23
CA PHE A 92 -13.30 -13.56 15.55
C PHE A 92 -14.14 -14.63 16.28
N LEU A 93 -14.73 -14.23 17.42
CA LEU A 93 -15.55 -15.14 18.20
C LEU A 93 -16.11 -14.40 19.42
N MET A 1 -0.66 1.79 -0.88
CA MET A 1 0.31 1.38 -1.88
C MET A 1 0.51 2.52 -2.88
N VAL A 2 1.67 2.51 -3.58
CA VAL A 2 1.97 3.53 -4.57
C VAL A 2 1.60 4.91 -4.00
N LYS A 3 1.91 5.13 -2.71
CA LYS A 3 1.61 6.40 -2.05
C LYS A 3 2.82 6.84 -1.23
N PRO A 4 3.98 6.96 -1.89
CA PRO A 4 5.22 7.37 -1.26
C PRO A 4 5.23 8.87 -1.00
N PRO A 5 6.30 9.37 -0.35
CA PRO A 5 6.45 10.77 -0.01
C PRO A 5 6.82 11.59 -1.25
N TYR A 6 5.95 12.55 -1.62
CA TYR A 6 6.23 13.36 -2.79
C TYR A 6 6.79 14.71 -2.35
N SER A 7 7.55 15.38 -3.22
CA SER A 7 8.13 16.67 -2.91
C SER A 7 8.09 17.57 -4.16
N TYR A 8 7.76 18.86 -3.95
CA TYR A 8 7.69 19.76 -5.09
C TYR A 8 9.09 20.30 -5.38
N ILE A 9 9.54 21.31 -4.61
CA ILE A 9 10.84 21.91 -4.80
C ILE A 9 11.86 20.82 -5.15
N ALA A 10 11.83 19.72 -4.38
CA ALA A 10 12.74 18.61 -4.61
C ALA A 10 12.56 18.09 -6.03
N LEU A 11 11.31 17.90 -6.45
CA LEU A 11 11.01 17.41 -7.79
C LEU A 11 11.58 18.37 -8.83
N ILE A 12 11.44 19.69 -8.56
CA ILE A 12 11.94 20.71 -9.46
C ILE A 12 13.47 20.75 -9.40
N THR A 13 14.02 20.69 -8.17
CA THR A 13 15.46 20.71 -7.98
C THR A 13 16.10 19.63 -8.85
N MET A 14 15.49 18.44 -8.89
CA MET A 14 16.00 17.33 -9.68
C MET A 14 15.56 17.51 -11.14
N ALA A 15 14.54 18.35 -11.36
CA ALA A 15 14.02 18.60 -12.69
C ALA A 15 14.91 19.64 -13.39
N ILE A 16 15.19 20.75 -12.69
CA ILE A 16 16.02 21.81 -13.23
C ILE A 16 17.38 21.22 -13.66
N LEU A 17 18.06 20.55 -12.72
CA LEU A 17 19.36 19.94 -12.99
C LEU A 17 19.23 18.98 -14.17
N GLN A 18 18.04 18.38 -14.33
CA GLN A 18 17.79 17.44 -15.42
C GLN A 18 18.09 18.12 -16.75
N SER A 19 18.06 19.46 -16.76
CA SER A 19 18.33 20.23 -17.97
C SER A 19 19.57 21.10 -17.74
N PRO A 20 20.76 20.51 -17.91
CA PRO A 20 22.04 21.21 -17.74
C PRO A 20 22.32 22.13 -18.91
N GLN A 21 21.31 22.33 -19.78
CA GLN A 21 21.45 23.19 -20.95
C GLN A 21 20.90 24.58 -20.62
N LYS A 22 19.58 24.76 -20.78
CA LYS A 22 18.92 26.02 -20.51
C LYS A 22 17.55 26.04 -21.17
N LYS A 23 16.80 24.94 -21.03
CA LYS A 23 15.48 24.82 -21.61
C LYS A 23 14.57 24.05 -20.65
N LEU A 24 13.57 24.75 -20.06
CA LEU A 24 12.65 24.13 -19.13
C LEU A 24 11.26 24.08 -19.77
N THR A 25 10.98 23.00 -20.52
CA THR A 25 9.69 22.83 -21.17
C THR A 25 8.73 22.09 -20.23
N LEU A 26 7.80 22.85 -19.62
CA LEU A 26 6.83 22.27 -18.70
C LEU A 26 6.30 20.95 -19.29
N SER A 27 6.18 20.89 -20.63
CA SER A 27 5.69 19.70 -21.30
C SER A 27 6.51 18.49 -20.86
N GLY A 28 7.85 18.66 -20.85
CA GLY A 28 8.74 17.58 -20.46
C GLY A 28 8.77 17.48 -18.93
N ILE A 29 8.31 18.54 -18.24
CA ILE A 29 8.28 18.57 -16.80
C ILE A 29 7.09 17.73 -16.30
N CYS A 30 5.89 18.02 -16.83
CA CYS A 30 4.69 17.29 -16.45
C CYS A 30 4.90 15.79 -16.70
N GLU A 31 5.45 15.46 -17.88
CA GLU A 31 5.70 14.06 -18.24
C GLU A 31 6.89 13.54 -17.44
N PHE A 32 7.76 14.46 -16.98
CA PHE A 32 8.94 14.09 -16.20
C PHE A 32 8.50 13.67 -14.80
N ILE A 33 7.60 14.45 -14.19
CA ILE A 33 7.10 14.15 -12.86
C ILE A 33 6.37 12.82 -12.87
N SER A 34 5.45 12.63 -13.85
CA SER A 34 4.69 11.41 -13.98
C SER A 34 5.60 10.30 -14.50
N ASN A 35 6.74 10.69 -15.09
CA ASN A 35 7.70 9.73 -15.63
C ASN A 35 8.17 8.80 -14.50
N ARG A 36 8.39 9.38 -13.31
CA ARG A 36 8.84 8.61 -12.16
C ARG A 36 7.62 8.10 -11.37
N PHE A 37 6.58 8.96 -11.26
CA PHE A 37 5.37 8.59 -10.54
C PHE A 37 4.18 8.73 -11.48
N PRO A 38 3.90 7.69 -12.27
CA PRO A 38 2.79 7.65 -13.21
C PRO A 38 1.46 7.47 -12.49
N TYR A 39 1.50 6.80 -11.32
CA TYR A 39 0.27 6.59 -10.59
C TYR A 39 -0.21 7.92 -9.99
N TYR A 40 0.74 8.80 -9.63
CA TYR A 40 0.35 10.06 -9.04
C TYR A 40 -0.40 10.89 -10.08
N ARG A 41 0.10 10.90 -11.33
CA ARG A 41 -0.53 11.65 -12.41
C ARG A 41 -1.92 11.09 -12.69
N GLU A 42 -2.08 9.77 -12.51
CA GLU A 42 -3.35 9.10 -12.75
C GLU A 42 -4.35 9.55 -11.69
N LYS A 43 -3.86 9.84 -10.47
CA LYS A 43 -4.72 10.29 -9.38
C LYS A 43 -4.93 11.79 -9.48
N PHE A 44 -3.91 12.51 -9.98
CA PHE A 44 -3.98 13.95 -10.14
C PHE A 44 -3.09 14.38 -11.31
N PRO A 45 -3.68 14.44 -12.51
CA PRO A 45 -2.98 14.83 -13.73
C PRO A 45 -2.75 16.34 -13.77
N ALA A 46 -3.05 17.03 -12.65
CA ALA A 46 -2.87 18.47 -12.55
C ALA A 46 -1.41 18.78 -12.20
N TRP A 47 -0.51 17.80 -12.43
CA TRP A 47 0.90 17.97 -12.15
C TRP A 47 1.54 18.87 -13.22
N GLN A 48 0.74 19.25 -14.22
CA GLN A 48 1.21 20.11 -15.30
C GLN A 48 1.08 21.57 -14.89
N ASN A 49 -0.09 21.94 -14.34
CA ASN A 49 -0.33 23.31 -13.90
C ASN A 49 0.14 23.47 -12.46
N SER A 50 -0.11 22.44 -11.63
CA SER A 50 0.29 22.47 -10.23
C SER A 50 1.80 22.71 -10.13
N ILE A 51 2.60 21.72 -10.58
CA ILE A 51 4.04 21.83 -10.55
C ILE A 51 4.48 23.05 -11.36
N ARG A 52 3.64 23.47 -12.32
CA ARG A 52 3.93 24.62 -13.16
C ARG A 52 4.19 25.84 -12.28
N HIS A 53 3.36 26.01 -11.23
CA HIS A 53 3.50 27.14 -10.32
C HIS A 53 4.73 26.91 -9.44
N ASN A 54 4.80 25.73 -8.81
CA ASN A 54 5.91 25.39 -7.93
C ASN A 54 7.18 25.22 -8.77
N LEU A 55 7.02 25.25 -10.11
CA LEU A 55 8.15 25.10 -11.01
C LEU A 55 8.81 26.46 -11.23
N SER A 56 7.99 27.50 -11.48
CA SER A 56 8.49 28.84 -11.71
C SER A 56 8.82 29.49 -10.36
N LEU A 57 7.88 29.37 -9.40
CA LEU A 57 8.07 29.94 -8.07
C LEU A 57 9.35 29.37 -7.45
N ASN A 58 9.77 28.18 -7.92
CA ASN A 58 10.96 27.54 -7.41
C ASN A 58 12.19 28.23 -7.98
N ASP A 59 12.40 28.10 -9.31
CA ASP A 59 13.54 28.71 -9.97
C ASP A 59 13.23 30.19 -10.24
N CYS A 60 12.14 30.46 -10.97
CA CYS A 60 11.74 31.81 -11.30
C CYS A 60 12.19 32.14 -12.73
N PHE A 61 12.34 31.09 -13.57
CA PHE A 61 12.76 31.27 -14.94
C PHE A 61 11.64 31.97 -15.72
N VAL A 62 11.88 32.24 -17.02
CA VAL A 62 10.92 32.90 -17.87
C VAL A 62 10.21 31.86 -18.74
N LYS A 63 8.89 31.99 -18.89
CA LYS A 63 8.10 31.06 -19.69
C LYS A 63 7.46 31.82 -20.86
N ILE A 64 7.70 31.34 -22.09
CA ILE A 64 7.14 31.98 -23.28
C ILE A 64 5.67 31.57 -23.42
N PRO A 65 4.77 32.57 -23.35
CA PRO A 65 3.34 32.36 -23.47
C PRO A 65 2.94 32.09 -24.92
N ARG A 66 3.46 30.99 -25.49
CA ARG A 66 3.17 30.62 -26.87
C ARG A 66 3.72 31.69 -27.81
N GLU A 67 5.05 31.68 -28.01
CA GLU A 67 5.71 32.63 -28.88
C GLU A 67 5.48 32.24 -30.34
N PRO A 68 5.36 33.24 -31.23
CA PRO A 68 5.13 33.04 -32.64
C PRO A 68 6.41 32.55 -33.35
N GLY A 69 6.99 31.45 -32.84
CA GLY A 69 8.19 30.88 -33.41
C GLY A 69 8.75 29.81 -32.46
N ASN A 70 7.90 28.82 -32.12
CA ASN A 70 8.31 27.74 -31.23
C ASN A 70 7.92 26.40 -31.85
N PRO A 71 8.32 26.17 -33.11
CA PRO A 71 8.02 24.95 -33.85
C PRO A 71 8.91 23.80 -33.36
N GLY A 72 8.76 23.43 -32.08
CA GLY A 72 9.54 22.34 -31.50
C GLY A 72 8.60 21.30 -30.92
N LYS A 73 8.22 21.48 -29.64
CA LYS A 73 7.31 20.56 -28.96
C LYS A 73 6.35 21.35 -28.08
N GLY A 74 6.90 22.22 -27.21
CA GLY A 74 6.09 23.03 -26.32
C GLY A 74 6.71 24.43 -26.20
N ASN A 75 7.08 24.83 -24.98
CA ASN A 75 7.67 26.13 -24.74
C ASN A 75 9.09 25.96 -24.22
N TYR A 76 9.72 27.07 -23.78
CA TYR A 76 11.08 26.96 -23.26
C TYR A 76 11.26 27.95 -22.12
N TRP A 77 11.57 27.43 -20.91
CA TRP A 77 11.76 28.27 -19.73
C TRP A 77 13.25 28.38 -19.43
N THR A 78 13.72 29.61 -19.14
CA THR A 78 15.12 29.85 -18.84
C THR A 78 15.23 30.54 -17.48
N LEU A 79 16.31 30.24 -16.73
CA LEU A 79 16.53 30.84 -15.43
C LEU A 79 16.75 32.34 -15.59
N ASP A 80 16.18 33.13 -14.66
CA ASP A 80 16.32 34.58 -14.70
C ASP A 80 17.63 34.98 -14.03
N PRO A 81 18.18 36.15 -14.41
CA PRO A 81 19.42 36.67 -13.88
C PRO A 81 19.22 37.23 -12.48
N GLN A 82 18.66 36.40 -11.57
CA GLN A 82 18.41 36.82 -10.20
C GLN A 82 17.37 37.94 -10.19
N SER A 83 16.30 37.78 -11.00
CA SER A 83 15.25 38.78 -11.08
C SER A 83 14.30 38.62 -9.89
N GLU A 84 14.01 37.35 -9.53
CA GLU A 84 13.12 37.05 -8.42
C GLU A 84 13.93 36.44 -7.28
N ASP A 85 15.18 36.90 -7.11
CA ASP A 85 16.05 36.40 -6.05
C ASP A 85 15.69 37.07 -4.73
N MET A 86 15.60 38.41 -4.74
CA MET A 86 15.25 39.17 -3.55
C MET A 86 13.85 38.76 -3.07
N PHE A 87 12.86 38.83 -3.97
CA PHE A 87 11.49 38.47 -3.64
C PHE A 87 10.96 39.44 -2.59
N ASP A 88 10.77 40.71 -2.99
CA ASP A 88 10.26 41.73 -2.08
C ASP A 88 11.29 42.00 -0.99
N ASN A 89 12.43 42.62 -1.38
CA ASN A 89 13.49 42.94 -0.43
C ASN A 89 13.14 44.23 0.30
N GLY A 90 12.68 45.25 -0.44
CA GLY A 90 12.31 46.53 0.13
C GLY A 90 11.08 46.34 1.02
N SER A 91 9.95 45.95 0.42
CA SER A 91 8.71 45.74 1.16
C SER A 91 8.90 44.59 2.14
N PHE A 92 9.20 43.38 1.61
CA PHE A 92 9.40 42.21 2.43
C PHE A 92 8.12 41.91 3.22
N LEU A 93 6.99 41.80 2.51
CA LEU A 93 5.71 41.53 3.14
C LEU A 93 4.94 40.49 2.31
N MET A 1 -0.66 1.79 -0.88
CA MET A 1 0.31 1.38 -1.88
C MET A 1 0.51 2.52 -2.88
N VAL A 2 1.71 2.59 -3.49
CA VAL A 2 2.04 3.61 -4.46
C VAL A 2 2.96 3.04 -5.53
N LYS A 3 2.73 1.77 -5.90
CA LYS A 3 3.54 1.10 -6.91
C LYS A 3 3.33 1.79 -8.26
N PRO A 4 2.07 1.97 -8.66
CA PRO A 4 1.71 2.61 -9.91
C PRO A 4 1.89 4.12 -9.83
N PRO A 5 2.71 4.68 -10.73
CA PRO A 5 2.98 6.11 -10.79
C PRO A 5 1.80 6.88 -11.38
N TYR A 6 1.59 8.13 -10.91
CA TYR A 6 0.49 8.90 -11.42
C TYR A 6 0.99 10.27 -11.87
N SER A 7 0.07 11.21 -12.15
CA SER A 7 0.43 12.55 -12.58
C SER A 7 -0.03 13.57 -11.55
N TYR A 8 0.11 14.86 -11.89
CA TYR A 8 -0.30 15.88 -10.94
C TYR A 8 -1.81 16.11 -11.07
N ILE A 9 -2.23 16.80 -12.14
CA ILE A 9 -3.65 17.09 -12.37
C ILE A 9 -4.42 15.77 -12.47
N ALA A 10 -3.74 14.72 -12.96
CA ALA A 10 -4.36 13.41 -13.11
C ALA A 10 -4.96 12.97 -11.77
N LEU A 11 -4.30 13.36 -10.66
CA LEU A 11 -4.76 13.03 -9.33
C LEU A 11 -5.87 13.99 -8.91
N ILE A 12 -5.81 15.24 -9.40
CA ILE A 12 -6.81 16.25 -9.09
C ILE A 12 -8.17 15.79 -9.62
N THR A 13 -8.24 15.51 -10.93
CA THR A 13 -9.48 15.07 -11.56
C THR A 13 -10.16 14.04 -10.66
N MET A 14 -9.35 13.18 -10.01
CA MET A 14 -9.87 12.15 -9.13
C MET A 14 -10.55 12.81 -7.93
N ALA A 15 -9.92 13.86 -7.38
CA ALA A 15 -10.46 14.58 -6.23
C ALA A 15 -11.87 15.05 -6.56
N ILE A 16 -12.13 15.33 -7.85
CA ILE A 16 -13.44 15.79 -8.28
C ILE A 16 -14.38 14.59 -8.41
N LEU A 17 -13.88 13.49 -9.00
CA LEU A 17 -14.67 12.29 -9.18
C LEU A 17 -15.23 11.84 -7.84
N GLN A 18 -14.39 11.89 -6.78
CA GLN A 18 -14.81 11.50 -5.45
C GLN A 18 -16.12 12.21 -5.09
N SER A 19 -16.37 13.36 -5.75
CA SER A 19 -17.58 14.12 -5.50
C SER A 19 -18.47 14.10 -6.76
N PRO A 20 -19.35 13.09 -6.84
CA PRO A 20 -20.26 12.92 -7.96
C PRO A 20 -21.41 13.92 -7.89
N GLN A 21 -21.37 14.81 -6.88
CA GLN A 21 -22.40 15.82 -6.71
C GLN A 21 -21.81 17.20 -7.01
N LYS A 22 -21.09 17.77 -6.03
CA LYS A 22 -20.48 19.08 -6.19
C LYS A 22 -20.03 19.60 -4.82
N LYS A 23 -19.33 18.75 -4.05
CA LYS A 23 -18.84 19.12 -2.73
C LYS A 23 -17.39 18.68 -2.59
N LEU A 24 -16.45 19.59 -2.89
CA LEU A 24 -15.03 19.31 -2.79
C LEU A 24 -14.42 20.08 -1.62
N THR A 25 -13.90 19.36 -0.62
CA THR A 25 -13.30 19.98 0.55
C THR A 25 -11.78 19.88 0.45
N LEU A 26 -11.11 21.02 0.17
CA LEU A 26 -9.67 21.07 0.05
C LEU A 26 -9.04 20.28 1.20
N SER A 27 -9.66 20.37 2.40
CA SER A 27 -9.16 19.67 3.57
C SER A 27 -9.20 18.16 3.32
N GLY A 28 -10.33 17.67 2.76
CA GLY A 28 -10.50 16.26 2.48
C GLY A 28 -9.65 15.89 1.26
N ILE A 29 -9.55 16.82 0.29
CA ILE A 29 -8.78 16.59 -0.91
C ILE A 29 -7.34 16.24 -0.53
N CYS A 30 -6.74 17.04 0.37
CA CYS A 30 -5.37 16.81 0.81
C CYS A 30 -5.25 15.39 1.36
N GLU A 31 -6.14 15.03 2.32
CA GLU A 31 -6.13 13.71 2.92
C GLU A 31 -6.49 12.66 1.86
N PHE A 32 -7.36 13.05 0.91
CA PHE A 32 -7.78 12.15 -0.16
C PHE A 32 -6.56 11.73 -0.98
N ILE A 33 -5.67 12.69 -1.26
CA ILE A 33 -4.46 12.42 -2.03
C ILE A 33 -3.51 11.54 -1.21
N SER A 34 -3.43 11.82 0.11
CA SER A 34 -2.57 11.06 1.00
C SER A 34 -3.20 9.70 1.27
N ASN A 35 -4.53 9.59 1.06
CA ASN A 35 -5.25 8.35 1.28
C ASN A 35 -4.77 7.30 0.27
N ARG A 36 -4.70 7.69 -1.02
CA ARG A 36 -4.25 6.80 -2.07
C ARG A 36 -2.73 6.73 -2.08
N PHE A 37 -2.07 7.88 -1.82
CA PHE A 37 -0.63 7.96 -1.79
C PHE A 37 -0.16 8.38 -0.40
N PRO A 38 -0.01 7.41 0.52
CA PRO A 38 0.42 7.65 1.88
C PRO A 38 1.92 7.95 1.94
N TYR A 39 2.72 7.23 1.13
CA TYR A 39 4.15 7.46 1.13
C TYR A 39 4.44 8.83 0.50
N TYR A 40 3.56 9.28 -0.41
CA TYR A 40 3.80 10.57 -1.04
C TYR A 40 3.73 11.68 0.01
N ARG A 41 2.67 11.67 0.83
CA ARG A 41 2.48 12.67 1.87
C ARG A 41 3.60 12.55 2.90
N GLU A 42 3.88 11.31 3.34
CA GLU A 42 4.92 11.05 4.31
C GLU A 42 6.25 11.58 3.79
N LYS A 43 6.38 11.69 2.45
CA LYS A 43 7.59 12.18 1.82
C LYS A 43 7.43 13.67 1.53
N PHE A 44 6.20 14.10 1.22
CA PHE A 44 5.92 15.49 0.91
C PHE A 44 4.47 15.81 1.29
N PRO A 45 4.25 16.17 2.56
CA PRO A 45 2.93 16.50 3.08
C PRO A 45 2.49 17.89 2.61
N ALA A 46 3.24 18.46 1.65
CA ALA A 46 2.94 19.78 1.11
C ALA A 46 1.88 19.65 0.00
N TRP A 47 1.06 18.60 0.09
CA TRP A 47 0.02 18.36 -0.91
C TRP A 47 -1.20 19.23 -0.58
N GLN A 48 -0.96 20.34 0.13
CA GLN A 48 -2.03 21.26 0.49
C GLN A 48 -2.35 22.17 -0.69
N ASN A 49 -1.51 23.21 -0.88
CA ASN A 49 -1.69 24.16 -1.97
C ASN A 49 -1.09 23.57 -3.25
N SER A 50 -0.01 22.78 -3.11
CA SER A 50 0.64 22.17 -4.25
C SER A 50 -0.42 21.64 -5.23
N ILE A 51 -1.61 21.32 -4.70
CA ILE A 51 -2.70 20.81 -5.52
C ILE A 51 -3.76 21.89 -5.68
N ARG A 52 -3.85 22.80 -4.68
CA ARG A 52 -4.83 23.87 -4.70
C ARG A 52 -4.59 24.74 -5.93
N HIS A 53 -3.35 24.72 -6.46
CA HIS A 53 -3.00 25.50 -7.63
C HIS A 53 -3.63 24.87 -8.87
N ASN A 54 -3.32 23.58 -9.12
CA ASN A 54 -3.86 22.86 -10.26
C ASN A 54 -5.33 22.53 -9.99
N LEU A 55 -5.70 22.37 -8.72
CA LEU A 55 -7.06 22.05 -8.34
C LEU A 55 -8.00 23.14 -8.87
N SER A 56 -7.78 24.39 -8.44
CA SER A 56 -8.60 25.51 -8.87
C SER A 56 -8.33 25.80 -10.35
N LEU A 57 -7.10 25.47 -10.81
CA LEU A 57 -6.72 25.69 -12.19
C LEU A 57 -7.05 24.45 -13.02
N ASN A 58 -7.92 23.59 -12.48
CA ASN A 58 -8.31 22.37 -13.16
C ASN A 58 -9.71 22.55 -13.75
N ASP A 59 -10.76 22.22 -12.97
CA ASP A 59 -12.14 22.35 -13.41
C ASP A 59 -12.60 23.79 -13.20
N CYS A 60 -11.73 24.62 -12.60
CA CYS A 60 -12.05 26.01 -12.33
C CYS A 60 -13.39 26.09 -11.61
N PHE A 61 -13.43 25.57 -10.36
CA PHE A 61 -14.65 25.60 -9.57
C PHE A 61 -14.63 26.82 -8.65
N VAL A 62 -15.71 27.00 -7.86
CA VAL A 62 -15.81 28.12 -6.94
C VAL A 62 -15.49 27.64 -5.53
N LYS A 63 -14.35 28.11 -4.99
CA LYS A 63 -13.92 27.74 -3.65
C LYS A 63 -14.60 28.66 -2.63
N ILE A 64 -14.91 28.12 -1.43
CA ILE A 64 -15.55 28.88 -0.38
C ILE A 64 -14.60 28.99 0.82
N PRO A 65 -13.68 29.96 0.76
CA PRO A 65 -12.70 30.21 1.81
C PRO A 65 -13.35 30.90 3.02
N ARG A 66 -14.69 31.05 2.97
CA ARG A 66 -15.42 31.69 4.05
C ARG A 66 -16.91 31.78 3.66
N GLU A 67 -17.69 30.76 4.04
CA GLU A 67 -19.11 30.72 3.73
C GLU A 67 -19.90 30.52 5.03
N PRO A 68 -21.24 30.58 4.94
CA PRO A 68 -22.13 30.40 6.08
C PRO A 68 -22.23 28.94 6.48
N GLY A 69 -21.06 28.28 6.65
CA GLY A 69 -21.02 26.88 7.03
C GLY A 69 -19.67 26.29 6.63
N ASN A 70 -18.60 27.10 6.73
CA ASN A 70 -17.26 26.66 6.38
C ASN A 70 -16.63 25.94 7.57
N PRO A 71 -16.83 26.51 8.78
CA PRO A 71 -16.31 25.95 10.02
C PRO A 71 -17.10 24.72 10.45
N GLY A 72 -17.22 23.73 9.55
CA GLY A 72 -17.95 22.50 9.83
C GLY A 72 -17.01 21.31 9.70
N LYS A 73 -16.40 21.16 8.52
CA LYS A 73 -15.47 20.06 8.25
C LYS A 73 -14.34 20.55 7.35
N GLY A 74 -14.70 21.00 6.13
CA GLY A 74 -13.71 21.49 5.18
C GLY A 74 -14.31 22.66 4.39
N ASN A 75 -14.26 22.56 3.05
CA ASN A 75 -14.80 23.61 2.19
C ASN A 75 -15.74 22.98 1.16
N TYR A 76 -16.20 23.78 0.18
CA TYR A 76 -17.09 23.24 -0.83
C TYR A 76 -16.83 23.93 -2.17
N TRP A 77 -16.08 23.25 -3.07
CA TRP A 77 -15.76 23.81 -4.37
C TRP A 77 -16.72 23.26 -5.41
N THR A 78 -17.31 24.15 -6.22
CA THR A 78 -18.25 23.75 -7.27
C THR A 78 -17.69 24.16 -8.63
N LEU A 79 -17.92 23.29 -9.64
CA LEU A 79 -17.44 23.56 -10.99
C LEU A 79 -18.19 24.77 -11.56
N ASP A 80 -17.43 25.72 -12.15
CA ASP A 80 -18.01 26.91 -12.73
C ASP A 80 -17.91 26.83 -14.26
N PRO A 81 -19.03 26.47 -14.92
CA PRO A 81 -19.10 26.36 -16.36
C PRO A 81 -19.16 27.73 -17.02
N GLN A 82 -19.71 28.72 -16.31
CA GLN A 82 -19.80 30.09 -16.82
C GLN A 82 -18.41 30.68 -16.96
N SER A 83 -17.52 30.36 -16.00
CA SER A 83 -16.15 30.86 -16.02
C SER A 83 -15.45 30.38 -17.30
N GLU A 84 -15.40 29.04 -17.49
CA GLU A 84 -14.76 28.46 -18.65
C GLU A 84 -15.49 28.93 -19.91
N ASP A 85 -16.83 29.06 -19.82
CA ASP A 85 -17.63 29.50 -20.96
C ASP A 85 -17.13 30.87 -21.43
N MET A 86 -16.98 31.81 -20.48
CA MET A 86 -16.51 33.15 -20.80
C MET A 86 -15.10 33.08 -21.37
N PHE A 87 -14.17 32.49 -20.59
CA PHE A 87 -12.79 32.34 -21.01
C PHE A 87 -12.10 33.72 -20.94
N ASP A 88 -11.92 34.23 -19.72
CA ASP A 88 -11.27 35.52 -19.50
C ASP A 88 -12.09 36.61 -20.20
N ASN A 89 -13.36 36.77 -19.79
CA ASN A 89 -14.24 37.77 -20.37
C ASN A 89 -13.58 39.15 -20.28
N GLY A 90 -13.07 39.49 -19.08
CA GLY A 90 -12.42 40.76 -18.86
C GLY A 90 -10.99 40.70 -19.38
N SER A 91 -10.13 39.89 -18.73
CA SER A 91 -8.74 39.75 -19.13
C SER A 91 -8.15 38.51 -18.45
N PHE A 92 -8.16 38.50 -17.11
CA PHE A 92 -7.63 37.38 -16.34
C PHE A 92 -8.33 37.33 -14.97
N LEU A 93 -9.67 37.21 -14.99
CA LEU A 93 -10.45 37.14 -13.76
C LEU A 93 -10.13 38.36 -12.90
N MET A 1 -0.66 1.79 -0.88
CA MET A 1 0.31 1.38 -1.88
C MET A 1 0.54 -0.12 -1.78
N VAL A 2 0.31 -0.70 -0.58
CA VAL A 2 0.49 -2.13 -0.36
C VAL A 2 -0.47 -2.59 0.74
N LYS A 3 -0.50 -1.85 1.86
CA LYS A 3 -1.36 -2.18 2.98
C LYS A 3 -1.28 -1.08 4.03
N PRO A 4 -2.15 -1.14 5.04
CA PRO A 4 -2.21 -0.17 6.12
C PRO A 4 -1.06 -0.38 7.11
N PRO A 5 -0.89 0.56 8.05
CA PRO A 5 0.15 0.51 9.07
C PRO A 5 -0.18 -0.53 10.14
N TYR A 6 0.86 -0.98 10.88
CA TYR A 6 0.61 -1.97 11.91
C TYR A 6 1.37 -1.57 13.18
N SER A 7 1.26 -2.39 14.24
CA SER A 7 1.93 -2.12 15.50
C SER A 7 3.03 -3.17 15.73
N TYR A 8 4.16 -2.74 16.30
CA TYR A 8 5.24 -3.68 16.54
C TYR A 8 4.95 -4.48 17.81
N ILE A 9 4.83 -3.79 18.96
CA ILE A 9 4.57 -4.44 20.22
C ILE A 9 3.30 -5.30 20.09
N ALA A 10 2.25 -4.73 19.47
CA ALA A 10 0.99 -5.44 19.28
C ALA A 10 1.25 -6.69 18.44
N LEU A 11 2.32 -6.68 17.65
CA LEU A 11 2.67 -7.81 16.79
C LEU A 11 3.32 -8.90 17.64
N ILE A 12 4.37 -8.52 18.39
CA ILE A 12 5.08 -9.47 19.25
C ILE A 12 4.09 -10.08 20.24
N THR A 13 3.27 -9.23 20.89
CA THR A 13 2.30 -9.70 21.86
C THR A 13 1.58 -10.93 21.31
N MET A 14 1.37 -10.96 19.98
CA MET A 14 0.70 -12.07 19.34
C MET A 14 1.72 -13.19 19.07
N ALA A 15 2.96 -12.80 18.74
CA ALA A 15 4.02 -13.76 18.47
C ALA A 15 4.17 -14.70 19.66
N ILE A 16 4.26 -14.13 20.88
CA ILE A 16 4.41 -14.92 22.09
C ILE A 16 3.24 -15.92 22.20
N LEU A 17 2.03 -15.45 21.88
CA LEU A 17 0.84 -16.29 21.93
C LEU A 17 1.13 -17.61 21.20
N GLN A 18 1.83 -17.52 20.06
CA GLN A 18 2.16 -18.69 19.27
C GLN A 18 2.67 -19.80 20.20
N SER A 19 3.19 -19.41 21.38
CA SER A 19 3.69 -20.36 22.35
C SER A 19 2.79 -20.37 23.57
N PRO A 20 1.77 -21.25 23.56
CA PRO A 20 0.81 -21.40 24.65
C PRO A 20 1.44 -22.12 25.83
N GLN A 21 2.78 -22.23 25.85
CA GLN A 21 3.49 -22.90 26.91
C GLN A 21 4.63 -22.00 27.40
N LYS A 22 5.79 -22.08 26.74
CA LYS A 22 6.95 -21.28 27.11
C LYS A 22 8.13 -21.66 26.20
N LYS A 23 7.85 -21.86 24.90
CA LYS A 23 8.88 -22.21 23.94
C LYS A 23 8.61 -21.50 22.62
N LEU A 24 9.42 -20.48 22.31
CA LEU A 24 9.28 -19.71 21.09
C LEU A 24 10.57 -19.81 20.26
N THR A 25 10.44 -20.25 19.00
CA THR A 25 11.59 -20.39 18.12
C THR A 25 11.62 -19.22 17.14
N LEU A 26 12.65 -18.36 17.25
CA LEU A 26 12.79 -17.21 16.39
C LEU A 26 12.47 -17.62 14.95
N SER A 27 12.82 -18.86 14.58
CA SER A 27 12.56 -19.37 13.24
C SER A 27 11.06 -19.50 13.03
N GLY A 28 10.34 -20.00 14.05
CA GLY A 28 8.90 -20.17 13.98
C GLY A 28 8.22 -18.82 14.16
N ILE A 29 8.93 -17.87 14.81
CA ILE A 29 8.40 -16.54 15.05
C ILE A 29 8.51 -15.70 13.77
N CYS A 30 9.72 -15.65 13.20
CA CYS A 30 9.96 -14.89 11.98
C CYS A 30 9.09 -15.46 10.84
N GLU A 31 8.91 -16.79 10.85
CA GLU A 31 8.11 -17.46 9.83
C GLU A 31 6.65 -17.08 10.01
N PHE A 32 6.20 -16.96 11.28
CA PHE A 32 4.82 -16.60 11.58
C PHE A 32 4.52 -15.23 10.97
N ILE A 33 5.34 -14.22 11.33
CA ILE A 33 5.16 -12.87 10.83
C ILE A 33 5.26 -12.87 9.30
N SER A 34 6.40 -13.35 8.78
CA SER A 34 6.62 -13.41 7.34
C SER A 34 5.46 -14.16 6.68
N ASN A 35 4.79 -15.02 7.47
CA ASN A 35 3.67 -15.81 6.97
C ASN A 35 2.58 -14.85 6.44
N ARG A 36 2.32 -13.77 7.18
CA ARG A 36 1.31 -12.79 6.80
C ARG A 36 1.96 -11.41 6.71
N PHE A 37 3.21 -11.36 6.23
CA PHE A 37 3.95 -10.12 6.09
C PHE A 37 4.65 -10.09 4.74
N PRO A 38 3.87 -10.13 3.65
CA PRO A 38 4.39 -10.10 2.29
C PRO A 38 4.87 -8.71 1.90
N TYR A 39 3.92 -7.75 1.83
CA TYR A 39 4.32 -6.40 1.47
C TYR A 39 5.18 -5.81 2.57
N TYR A 40 5.13 -6.41 3.77
CA TYR A 40 5.93 -5.87 4.86
C TYR A 40 7.38 -6.32 4.71
N ARG A 41 7.59 -7.63 4.48
CA ARG A 41 8.92 -8.18 4.30
C ARG A 41 9.60 -7.51 3.11
N GLU A 42 8.82 -7.26 2.04
CA GLU A 42 9.34 -6.64 0.84
C GLU A 42 9.79 -5.21 1.16
N LYS A 43 8.97 -4.49 1.94
CA LYS A 43 9.28 -3.12 2.33
C LYS A 43 10.41 -3.12 3.35
N PHE A 44 10.24 -3.89 4.44
CA PHE A 44 11.23 -3.99 5.50
C PHE A 44 11.47 -5.46 5.83
N PRO A 45 12.47 -6.08 5.19
CA PRO A 45 12.82 -7.47 5.40
C PRO A 45 13.56 -7.65 6.72
N ALA A 46 13.71 -6.56 7.49
CA ALA A 46 14.40 -6.60 8.77
C ALA A 46 13.40 -7.01 9.85
N TRP A 47 12.34 -7.73 9.46
CA TRP A 47 11.32 -8.18 10.40
C TRP A 47 11.92 -9.26 11.31
N GLN A 48 12.90 -10.02 10.79
CA GLN A 48 13.55 -11.07 11.55
C GLN A 48 14.42 -10.44 12.64
N ASN A 49 15.23 -9.44 12.25
CA ASN A 49 16.12 -8.76 13.19
C ASN A 49 15.29 -7.78 14.04
N SER A 50 14.53 -6.90 13.38
CA SER A 50 13.71 -5.93 14.06
C SER A 50 12.92 -6.63 15.17
N ILE A 51 12.21 -7.72 14.81
CA ILE A 51 11.41 -8.46 15.76
C ILE A 51 12.34 -9.13 16.77
N ARG A 52 13.48 -9.67 16.29
CA ARG A 52 14.44 -10.33 17.15
C ARG A 52 14.72 -9.45 18.38
N HIS A 53 14.80 -8.13 18.16
CA HIS A 53 15.05 -7.19 19.24
C HIS A 53 13.75 -6.90 19.98
N ASN A 54 12.73 -6.42 19.23
CA ASN A 54 11.44 -6.11 19.81
C ASN A 54 10.92 -7.31 20.58
N LEU A 55 11.08 -8.52 20.01
CA LEU A 55 10.64 -9.75 20.64
C LEU A 55 11.21 -9.83 22.05
N SER A 56 12.54 -9.61 22.19
CA SER A 56 13.21 -9.65 23.48
C SER A 56 13.02 -8.31 24.18
N LEU A 57 12.71 -7.26 23.41
CA LEU A 57 12.51 -5.93 23.96
C LEU A 57 11.07 -5.80 24.47
N ASN A 58 10.25 -6.83 24.21
CA ASN A 58 8.85 -6.83 24.63
C ASN A 58 8.72 -7.59 25.95
N ASP A 59 8.83 -8.93 25.88
CA ASP A 59 8.73 -9.76 27.06
C ASP A 59 10.09 -9.83 27.76
N CYS A 60 11.17 -9.92 26.97
CA CYS A 60 12.51 -10.00 27.50
C CYS A 60 12.79 -11.41 28.01
N PHE A 61 12.24 -12.42 27.30
CA PHE A 61 12.42 -13.81 27.68
C PHE A 61 13.90 -14.19 27.52
N VAL A 62 14.22 -15.47 27.76
CA VAL A 62 15.57 -15.97 27.64
C VAL A 62 15.72 -16.79 26.36
N LYS A 63 16.64 -16.37 25.49
CA LYS A 63 16.87 -17.07 24.23
C LYS A 63 18.18 -17.86 24.32
N ILE A 64 18.19 -19.06 23.70
CA ILE A 64 19.36 -19.91 23.72
C ILE A 64 20.06 -19.84 22.36
N PRO A 65 21.19 -19.12 22.31
CA PRO A 65 21.98 -18.95 21.09
C PRO A 65 22.77 -20.22 20.76
N ARG A 66 22.56 -21.28 21.56
CA ARG A 66 23.24 -22.55 21.36
C ARG A 66 23.00 -23.45 22.57
N GLU A 67 21.92 -24.26 22.52
CA GLU A 67 21.58 -25.16 23.60
C GLU A 67 22.59 -26.31 23.63
N PRO A 68 22.91 -26.81 24.84
CA PRO A 68 23.85 -27.91 25.03
C PRO A 68 23.21 -29.24 24.65
N GLY A 69 21.96 -29.20 24.17
CA GLY A 69 21.25 -30.41 23.77
C GLY A 69 20.14 -30.03 22.78
N ASN A 70 20.52 -29.48 21.62
CA ASN A 70 19.56 -29.07 20.61
C ASN A 70 20.02 -29.56 19.24
N PRO A 71 19.09 -29.72 18.29
CA PRO A 71 19.37 -30.18 16.95
C PRO A 71 20.03 -29.08 16.11
N GLY A 72 19.73 -27.81 16.46
CA GLY A 72 20.29 -26.68 15.75
C GLY A 72 19.35 -26.26 14.63
N LYS A 73 18.12 -25.86 14.99
CA LYS A 73 17.12 -25.44 14.02
C LYS A 73 16.60 -24.05 14.40
N GLY A 74 16.06 -23.92 15.61
CA GLY A 74 15.53 -22.66 16.09
C GLY A 74 16.10 -22.36 17.48
N ASN A 75 15.21 -22.03 18.44
CA ASN A 75 15.62 -21.73 19.79
C ASN A 75 14.46 -22.00 20.75
N TYR A 76 14.69 -21.80 22.06
CA TYR A 76 13.64 -22.04 23.02
C TYR A 76 13.49 -20.82 23.94
N TRP A 77 12.86 -19.75 23.43
CA TRP A 77 12.67 -18.54 24.19
C TRP A 77 11.60 -18.77 25.27
N THR A 78 11.93 -18.49 26.54
CA THR A 78 11.01 -18.66 27.64
C THR A 78 10.80 -17.32 28.35
N LEU A 79 9.55 -17.04 28.74
CA LEU A 79 9.21 -15.80 29.42
C LEU A 79 9.84 -15.80 30.81
N ASP A 80 10.51 -14.69 31.18
CA ASP A 80 11.15 -14.57 32.47
C ASP A 80 10.58 -13.36 33.21
N PRO A 81 9.51 -13.58 33.99
CA PRO A 81 8.85 -12.54 34.76
C PRO A 81 9.67 -12.15 35.99
N GLN A 82 10.26 -13.16 36.66
CA GLN A 82 11.07 -12.92 37.84
C GLN A 82 12.19 -11.92 37.51
N SER A 83 12.57 -11.87 36.22
CA SER A 83 13.61 -10.96 35.76
C SER A 83 13.16 -9.52 35.98
N GLU A 84 11.93 -9.21 35.54
CA GLU A 84 11.37 -7.88 35.69
C GLU A 84 10.15 -7.92 36.61
N ASP A 85 10.18 -8.85 37.59
CA ASP A 85 9.08 -9.00 38.53
C ASP A 85 9.22 -7.96 39.63
N MET A 86 10.44 -7.80 40.16
CA MET A 86 10.70 -6.84 41.22
C MET A 86 10.83 -5.44 40.62
N PHE A 87 11.96 -5.18 39.94
CA PHE A 87 12.21 -3.89 39.31
C PHE A 87 11.83 -2.78 40.29
N ASP A 88 12.33 -2.87 41.53
CA ASP A 88 12.06 -1.87 42.55
C ASP A 88 12.62 -2.35 43.89
N ASN A 89 12.03 -3.41 44.45
CA ASN A 89 12.48 -3.96 45.73
C ASN A 89 13.83 -4.64 45.53
N GLY A 90 14.05 -5.23 44.34
CA GLY A 90 15.29 -5.92 44.03
C GLY A 90 16.46 -4.93 44.16
N SER A 91 16.30 -3.73 43.58
CA SER A 91 17.32 -2.70 43.64
C SER A 91 17.68 -2.41 45.09
N PHE A 92 16.65 -2.25 45.94
CA PHE A 92 16.85 -1.97 47.35
C PHE A 92 17.59 -3.14 48.00
N LEU A 93 17.03 -4.36 47.85
CA LEU A 93 17.64 -5.56 48.41
C LEU A 93 17.86 -5.35 49.91
N MET A 1 -0.66 1.79 -0.88
CA MET A 1 0.31 1.38 -1.88
C MET A 1 -0.04 2.03 -3.22
N VAL A 2 -1.27 1.77 -3.70
CA VAL A 2 -1.73 2.32 -4.96
C VAL A 2 -3.24 2.57 -4.88
N LYS A 3 -3.70 3.12 -3.74
CA LYS A 3 -5.11 3.41 -3.54
C LYS A 3 -5.95 2.45 -4.37
N PRO A 4 -5.83 1.14 -4.09
CA PRO A 4 -6.55 0.09 -4.79
C PRO A 4 -8.02 0.06 -4.36
N PRO A 5 -8.93 0.44 -5.27
CA PRO A 5 -10.36 0.47 -5.03
C PRO A 5 -10.95 -0.95 -5.03
N TYR A 6 -10.26 -1.87 -5.73
CA TYR A 6 -10.78 -3.23 -5.79
C TYR A 6 -10.12 -4.06 -4.68
N SER A 7 -10.61 -5.29 -4.46
CA SER A 7 -10.08 -6.16 -3.42
C SER A 7 -9.66 -7.49 -4.05
N TYR A 8 -9.04 -8.36 -3.24
CA TYR A 8 -8.61 -9.64 -3.78
C TYR A 8 -9.82 -10.38 -4.36
N ILE A 9 -11.01 -10.09 -3.83
CA ILE A 9 -12.23 -10.74 -4.29
C ILE A 9 -12.70 -10.06 -5.59
N ALA A 10 -11.89 -9.11 -6.09
CA ALA A 10 -12.22 -8.40 -7.32
C ALA A 10 -11.13 -8.66 -8.36
N LEU A 11 -9.87 -8.69 -7.91
CA LEU A 11 -8.74 -8.93 -8.79
C LEU A 11 -8.76 -10.38 -9.27
N ILE A 12 -8.92 -11.32 -8.31
CA ILE A 12 -8.96 -12.74 -8.63
C ILE A 12 -10.25 -13.05 -9.38
N THR A 13 -11.37 -12.45 -8.93
CA THR A 13 -12.66 -12.66 -9.55
C THR A 13 -12.52 -12.49 -11.08
N MET A 14 -11.67 -11.55 -11.50
CA MET A 14 -11.45 -11.29 -12.91
C MET A 14 -10.42 -12.29 -13.46
N ALA A 15 -9.51 -12.75 -12.58
CA ALA A 15 -8.49 -13.70 -12.97
C ALA A 15 -9.09 -15.10 -13.06
N ILE A 16 -9.98 -15.43 -12.10
CA ILE A 16 -10.63 -16.73 -12.09
C ILE A 16 -11.47 -16.90 -13.35
N LEU A 17 -12.29 -15.88 -13.67
CA LEU A 17 -13.15 -15.92 -14.85
C LEU A 17 -12.27 -15.96 -16.10
N GLN A 18 -11.07 -15.35 -16.02
CA GLN A 18 -10.14 -15.32 -17.14
C GLN A 18 -9.95 -16.75 -17.67
N SER A 19 -10.21 -17.76 -16.82
CA SER A 19 -10.06 -19.15 -17.19
C SER A 19 -11.42 -19.84 -17.10
N PRO A 20 -12.28 -19.61 -18.11
CA PRO A 20 -13.61 -20.19 -18.18
C PRO A 20 -13.55 -21.67 -18.57
N GLN A 21 -12.47 -22.35 -18.14
CA GLN A 21 -12.28 -23.77 -18.44
C GLN A 21 -12.04 -24.53 -17.14
N LYS A 22 -10.76 -24.63 -16.72
CA LYS A 22 -10.40 -25.33 -15.51
C LYS A 22 -8.87 -25.42 -15.41
N LYS A 23 -8.19 -24.33 -15.79
CA LYS A 23 -6.74 -24.28 -15.75
C LYS A 23 -6.28 -22.89 -15.32
N LEU A 24 -6.12 -22.68 -14.01
CA LEU A 24 -5.69 -21.39 -13.47
C LEU A 24 -4.21 -21.46 -13.11
N THR A 25 -3.34 -20.88 -13.96
CA THR A 25 -1.91 -20.86 -13.72
C THR A 25 -1.54 -19.63 -12.89
N LEU A 26 -1.22 -19.86 -11.61
CA LEU A 26 -0.85 -18.77 -10.71
C LEU A 26 0.24 -17.92 -11.38
N SER A 27 1.19 -18.57 -12.06
CA SER A 27 2.27 -17.88 -12.73
C SER A 27 1.69 -16.97 -13.82
N GLY A 28 0.72 -17.50 -14.58
CA GLY A 28 0.07 -16.75 -15.65
C GLY A 28 -0.86 -15.71 -15.05
N ILE A 29 -1.52 -16.06 -13.93
CA ILE A 29 -2.44 -15.17 -13.25
C ILE A 29 -1.72 -13.85 -12.93
N CYS A 30 -0.51 -13.96 -12.36
CA CYS A 30 0.28 -12.79 -12.01
C CYS A 30 0.61 -12.00 -13.28
N GLU A 31 0.95 -12.72 -14.36
CA GLU A 31 1.28 -12.08 -15.62
C GLU A 31 0.04 -11.40 -16.19
N PHE A 32 -1.15 -11.91 -15.83
CA PHE A 32 -2.41 -11.35 -16.30
C PHE A 32 -2.78 -10.14 -15.44
N ILE A 33 -2.57 -10.26 -14.12
CA ILE A 33 -2.87 -9.18 -13.19
C ILE A 33 -1.83 -8.07 -13.35
N SER A 34 -0.56 -8.46 -13.59
CA SER A 34 0.51 -7.51 -13.75
C SER A 34 0.36 -6.78 -15.08
N ASN A 35 -0.41 -7.39 -16.01
CA ASN A 35 -0.64 -6.80 -17.32
C ASN A 35 -1.72 -5.72 -17.20
N ARG A 36 -2.90 -6.11 -16.69
CA ARG A 36 -4.01 -5.17 -16.53
C ARG A 36 -3.72 -4.25 -15.34
N PHE A 37 -3.16 -4.82 -14.27
CA PHE A 37 -2.84 -4.05 -13.08
C PHE A 37 -1.32 -4.09 -12.83
N PRO A 38 -0.56 -3.37 -13.66
CA PRO A 38 0.89 -3.31 -13.58
C PRO A 38 1.33 -2.43 -12.40
N TYR A 39 0.61 -1.30 -12.19
CA TYR A 39 0.98 -0.42 -11.10
C TYR A 39 0.81 -1.17 -9.77
N TYR A 40 0.05 -2.27 -9.79
CA TYR A 40 -0.16 -3.02 -8.55
C TYR A 40 1.06 -3.93 -8.30
N ARG A 41 1.53 -4.61 -9.35
CA ARG A 41 2.67 -5.51 -9.24
C ARG A 41 3.96 -4.70 -9.28
N GLU A 42 4.02 -3.72 -10.19
CA GLU A 42 5.20 -2.87 -10.34
C GLU A 42 5.36 -2.02 -9.08
N LYS A 43 4.32 -1.98 -8.23
CA LYS A 43 4.34 -1.21 -7.01
C LYS A 43 4.31 -2.16 -5.81
N PHE A 44 3.55 -3.26 -5.92
CA PHE A 44 3.44 -4.24 -4.85
C PHE A 44 3.61 -5.65 -5.44
N PRO A 45 4.82 -5.94 -5.93
CA PRO A 45 5.15 -7.23 -6.52
C PRO A 45 5.32 -8.30 -5.44
N ALA A 46 5.43 -7.86 -4.17
CA ALA A 46 5.60 -8.78 -3.05
C ALA A 46 4.22 -9.32 -2.64
N TRP A 47 3.15 -8.79 -3.26
CA TRP A 47 1.80 -9.22 -2.96
C TRP A 47 1.47 -10.47 -3.78
N GLN A 48 2.50 -11.05 -4.43
CA GLN A 48 2.32 -12.24 -5.24
C GLN A 48 1.58 -13.31 -4.42
N ASN A 49 2.10 -13.59 -3.21
CA ASN A 49 1.50 -14.58 -2.33
C ASN A 49 0.33 -13.94 -1.56
N SER A 50 0.38 -12.61 -1.40
CA SER A 50 -0.67 -11.88 -0.70
C SER A 50 -2.03 -12.26 -1.29
N ILE A 51 -2.11 -12.28 -2.64
CA ILE A 51 -3.35 -12.61 -3.33
C ILE A 51 -3.50 -14.13 -3.40
N ARG A 52 -2.36 -14.85 -3.45
CA ARG A 52 -2.35 -16.30 -3.52
C ARG A 52 -3.20 -16.85 -2.37
N HIS A 53 -2.99 -16.33 -1.15
CA HIS A 53 -3.72 -16.76 0.02
C HIS A 53 -5.22 -16.58 -0.21
N ASN A 54 -5.64 -15.34 -0.52
CA ASN A 54 -7.03 -15.04 -0.77
C ASN A 54 -7.51 -15.82 -1.99
N LEU A 55 -6.58 -16.12 -2.92
CA LEU A 55 -6.90 -16.86 -4.12
C LEU A 55 -7.47 -18.23 -3.74
N SER A 56 -6.73 -18.98 -2.91
CA SER A 56 -7.17 -20.30 -2.46
C SER A 56 -8.23 -20.13 -1.37
N LEU A 57 -8.14 -19.03 -0.61
CA LEU A 57 -9.08 -18.77 0.47
C LEU A 57 -10.33 -18.09 -0.11
N ASN A 58 -10.52 -18.21 -1.43
CA ASN A 58 -11.67 -17.62 -2.11
C ASN A 58 -12.68 -18.71 -2.45
N ASP A 59 -12.49 -19.37 -3.61
CA ASP A 59 -13.37 -20.43 -4.06
C ASP A 59 -12.95 -21.75 -3.41
N CYS A 60 -11.62 -21.94 -3.24
CA CYS A 60 -11.10 -23.14 -2.63
C CYS A 60 -10.84 -24.18 -3.72
N PHE A 61 -10.25 -23.74 -4.85
CA PHE A 61 -9.96 -24.63 -5.97
C PHE A 61 -8.84 -25.59 -5.56
N VAL A 62 -8.28 -26.32 -6.55
CA VAL A 62 -7.22 -27.27 -6.30
C VAL A 62 -5.97 -26.84 -7.08
N LYS A 63 -4.90 -26.48 -6.35
CA LYS A 63 -3.66 -26.06 -6.97
C LYS A 63 -2.60 -27.16 -6.80
N ILE A 64 -1.95 -27.55 -7.92
CA ILE A 64 -0.94 -28.59 -7.91
C ILE A 64 0.39 -27.98 -7.45
N PRO A 65 0.87 -28.40 -6.26
CA PRO A 65 2.12 -27.92 -5.70
C PRO A 65 3.32 -28.55 -6.41
N ARG A 66 3.05 -29.36 -7.44
CA ARG A 66 4.10 -30.03 -8.21
C ARG A 66 3.46 -30.91 -9.27
N GLU A 67 2.88 -30.29 -10.32
CA GLU A 67 2.24 -31.02 -11.40
C GLU A 67 3.32 -31.64 -12.29
N PRO A 68 2.93 -32.66 -13.08
CA PRO A 68 3.83 -33.35 -13.98
C PRO A 68 4.15 -32.50 -15.22
N GLY A 69 4.17 -31.18 -15.04
CA GLY A 69 4.45 -30.26 -16.13
C GLY A 69 4.49 -28.82 -15.58
N ASN A 70 5.04 -28.65 -14.37
CA ASN A 70 5.13 -27.34 -13.75
C ASN A 70 6.16 -26.50 -14.50
N PRO A 71 7.26 -27.14 -14.94
CA PRO A 71 8.33 -26.49 -15.67
C PRO A 71 7.92 -26.19 -17.12
N GLY A 72 6.75 -25.54 -17.28
CA GLY A 72 6.24 -25.19 -18.60
C GLY A 72 5.69 -23.77 -18.58
N LYS A 73 4.73 -23.50 -17.68
CA LYS A 73 4.13 -22.18 -17.57
C LYS A 73 3.88 -21.87 -16.09
N GLY A 74 2.81 -22.45 -15.52
CA GLY A 74 2.46 -22.24 -14.12
C GLY A 74 1.89 -23.52 -13.54
N ASN A 75 0.61 -23.48 -13.13
CA ASN A 75 -0.06 -24.64 -12.55
C ASN A 75 -1.43 -24.81 -13.19
N TYR A 76 -2.33 -25.54 -12.51
CA TYR A 76 -3.66 -25.74 -13.07
C TYR A 76 -4.68 -25.80 -11.94
N TRP A 77 -5.16 -24.63 -11.47
CA TRP A 77 -6.13 -24.56 -10.39
C TRP A 77 -7.51 -24.89 -10.93
N THR A 78 -8.25 -25.75 -10.22
CA THR A 78 -9.60 -26.15 -10.63
C THR A 78 -10.59 -25.78 -9.53
N LEU A 79 -11.70 -25.15 -9.92
CA LEU A 79 -12.72 -24.74 -8.97
C LEU A 79 -13.41 -25.99 -8.40
N ASP A 80 -13.39 -26.13 -7.06
CA ASP A 80 -14.01 -27.26 -6.40
C ASP A 80 -15.53 -27.16 -6.53
N PRO A 81 -16.14 -28.10 -7.28
CA PRO A 81 -17.57 -28.14 -7.50
C PRO A 81 -18.30 -28.66 -6.26
N GLN A 82 -18.31 -27.86 -5.19
CA GLN A 82 -18.98 -28.23 -3.95
C GLN A 82 -18.22 -29.40 -3.31
N SER A 83 -16.88 -29.31 -3.29
CA SER A 83 -16.04 -30.35 -2.71
C SER A 83 -16.05 -30.22 -1.19
N GLU A 84 -15.96 -28.97 -0.70
CA GLU A 84 -15.95 -28.71 0.73
C GLU A 84 -17.27 -28.03 1.13
N ASP A 85 -18.37 -28.40 0.44
CA ASP A 85 -19.67 -27.83 0.72
C ASP A 85 -20.27 -28.52 1.94
N MET A 86 -20.21 -29.87 1.97
CA MET A 86 -20.75 -30.65 3.07
C MET A 86 -20.17 -30.11 4.39
N PHE A 87 -18.98 -29.49 4.32
CA PHE A 87 -18.34 -28.93 5.49
C PHE A 87 -19.04 -27.64 5.89
N ASP A 88 -19.48 -26.86 4.89
CA ASP A 88 -20.17 -25.60 5.13
C ASP A 88 -21.51 -25.87 5.81
N ASN A 89 -22.39 -26.64 5.13
CA ASN A 89 -23.69 -26.96 5.67
C ASN A 89 -23.52 -27.90 6.87
N GLY A 90 -22.52 -28.78 6.81
CA GLY A 90 -22.26 -29.72 7.88
C GLY A 90 -22.08 -28.95 9.19
N SER A 91 -21.27 -27.88 9.17
CA SER A 91 -21.02 -27.07 10.35
C SER A 91 -22.20 -26.12 10.56
N PHE A 92 -22.32 -25.11 9.68
CA PHE A 92 -23.41 -24.14 9.78
C PHE A 92 -23.23 -23.07 8.69
N LEU A 93 -23.52 -23.44 7.43
CA LEU A 93 -23.38 -22.53 6.31
C LEU A 93 -23.98 -21.17 6.69
N MET A 1 -0.66 1.79 -0.88
CA MET A 1 0.31 1.38 -1.88
C MET A 1 -0.21 1.71 -3.27
N VAL A 2 0.41 2.69 -3.94
CA VAL A 2 0.00 3.11 -5.27
C VAL A 2 1.24 3.27 -6.16
N LYS A 3 1.99 4.36 -5.95
CA LYS A 3 3.19 4.63 -6.73
C LYS A 3 4.14 5.48 -5.89
N PRO A 4 3.73 6.71 -5.55
CA PRO A 4 4.51 7.64 -4.76
C PRO A 4 4.53 7.23 -3.29
N PRO A 5 5.50 7.76 -2.53
CA PRO A 5 5.65 7.47 -1.10
C PRO A 5 4.60 8.22 -0.28
N TYR A 6 3.95 7.50 0.65
CA TYR A 6 2.93 8.15 1.47
C TYR A 6 3.43 8.25 2.91
N SER A 7 3.18 9.39 3.56
CA SER A 7 3.61 9.60 4.94
C SER A 7 2.43 10.12 5.76
N TYR A 8 2.29 9.59 7.00
CA TYR A 8 1.19 10.04 7.83
C TYR A 8 1.51 11.42 8.41
N ILE A 9 2.51 11.48 9.32
CA ILE A 9 2.90 12.73 9.94
C ILE A 9 3.04 13.81 8.87
N ALA A 10 3.54 13.42 7.68
CA ALA A 10 3.73 14.35 6.58
C ALA A 10 2.37 14.78 6.05
N LEU A 11 1.37 13.86 6.11
CA LEU A 11 0.03 14.15 5.64
C LEU A 11 -0.64 15.13 6.58
N ILE A 12 -0.62 14.82 7.89
CA ILE A 12 -1.22 15.68 8.90
C ILE A 12 -0.58 17.06 8.83
N THR A 13 0.75 17.12 8.91
CA THR A 13 1.48 18.37 8.87
C THR A 13 0.89 19.27 7.79
N MET A 14 0.46 18.65 6.67
CA MET A 14 -0.13 19.39 5.56
C MET A 14 -1.60 19.68 5.88
N ALA A 15 -2.29 18.71 6.51
CA ALA A 15 -3.69 18.86 6.87
C ALA A 15 -3.83 20.02 7.85
N ILE A 16 -2.96 20.06 8.88
CA ILE A 16 -2.99 21.10 9.89
C ILE A 16 -2.66 22.44 9.23
N LEU A 17 -1.62 22.45 8.37
CA LEU A 17 -1.20 23.67 7.69
C LEU A 17 -2.31 24.12 6.74
N GLN A 18 -2.92 23.17 6.01
CA GLN A 18 -3.98 23.47 5.07
C GLN A 18 -5.05 24.31 5.79
N SER A 19 -5.08 24.23 7.13
CA SER A 19 -6.05 24.98 7.92
C SER A 19 -5.30 25.95 8.84
N PRO A 20 -4.81 27.06 8.27
CA PRO A 20 -4.09 28.08 9.01
C PRO A 20 -5.02 28.92 9.87
N GLN A 21 -6.11 28.29 10.37
CA GLN A 21 -7.08 28.98 11.20
C GLN A 21 -7.21 28.25 12.53
N LYS A 22 -8.07 27.23 12.59
CA LYS A 22 -8.28 26.46 13.80
C LYS A 22 -9.47 25.51 13.61
N LYS A 23 -9.54 24.87 12.43
CA LYS A 23 -10.62 23.95 12.11
C LYS A 23 -10.06 22.76 11.33
N LEU A 24 -10.00 21.59 11.98
CA LEU A 24 -9.49 20.38 11.35
C LEU A 24 -10.57 19.31 11.35
N THR A 25 -11.68 19.57 10.62
CA THR A 25 -12.79 18.63 10.54
C THR A 25 -12.33 17.38 9.80
N LEU A 26 -12.43 16.22 10.46
CA LEU A 26 -12.03 14.96 9.86
C LEU A 26 -12.73 14.79 8.51
N SER A 27 -13.95 15.34 8.39
CA SER A 27 -14.71 15.26 7.16
C SER A 27 -13.91 15.87 6.02
N GLY A 28 -13.26 17.01 6.30
CA GLY A 28 -12.46 17.71 5.29
C GLY A 28 -11.09 17.02 5.19
N ILE A 29 -10.48 16.72 6.35
CA ILE A 29 -9.18 16.07 6.40
C ILE A 29 -9.24 14.77 5.60
N CYS A 30 -10.26 13.94 5.88
CA CYS A 30 -10.42 12.66 5.19
C CYS A 30 -10.56 12.92 3.69
N GLU A 31 -11.56 13.73 3.31
CA GLU A 31 -11.81 14.05 1.91
C GLU A 31 -10.59 14.79 1.34
N PHE A 32 -9.79 15.39 2.23
CA PHE A 32 -8.60 16.12 1.81
C PHE A 32 -7.52 15.13 1.38
N ILE A 33 -7.30 14.08 2.20
CA ILE A 33 -6.30 13.07 1.90
C ILE A 33 -6.74 12.27 0.67
N SER A 34 -7.99 11.79 0.68
CA SER A 34 -8.52 11.02 -0.43
C SER A 34 -8.63 11.91 -1.66
N ASN A 35 -8.59 13.25 -1.45
CA ASN A 35 -8.67 14.20 -2.54
C ASN A 35 -7.41 14.12 -3.39
N ARG A 36 -6.24 14.08 -2.71
CA ARG A 36 -4.95 14.02 -3.40
C ARG A 36 -4.69 12.56 -3.83
N PHE A 37 -5.16 11.60 -3.01
CA PHE A 37 -4.97 10.19 -3.30
C PHE A 37 -6.34 9.50 -3.34
N PRO A 38 -7.01 9.58 -4.51
CA PRO A 38 -8.32 8.98 -4.72
C PRO A 38 -8.20 7.46 -4.87
N TYR A 39 -7.07 6.99 -5.41
CA TYR A 39 -6.90 5.56 -5.59
C TYR A 39 -6.69 4.90 -4.22
N TYR A 40 -6.12 5.65 -3.26
CA TYR A 40 -5.88 5.07 -1.95
C TYR A 40 -7.23 4.77 -1.28
N ARG A 41 -8.09 5.80 -1.17
CA ARG A 41 -9.39 5.64 -0.54
C ARG A 41 -10.11 4.44 -1.16
N GLU A 42 -9.95 4.26 -2.49
CA GLU A 42 -10.58 3.17 -3.20
C GLU A 42 -9.92 1.84 -2.76
N LYS A 43 -8.60 1.88 -2.56
CA LYS A 43 -7.85 0.70 -2.15
C LYS A 43 -8.11 0.42 -0.66
N PHE A 44 -7.87 1.44 0.19
CA PHE A 44 -8.08 1.30 1.61
C PHE A 44 -8.89 2.50 2.12
N PRO A 45 -10.22 2.35 2.17
CA PRO A 45 -11.13 3.39 2.63
C PRO A 45 -11.08 3.53 4.15
N ALA A 46 -10.17 2.78 4.79
CA ALA A 46 -10.02 2.82 6.24
C ALA A 46 -9.11 3.98 6.63
N TRP A 47 -9.00 4.99 5.74
CA TRP A 47 -8.17 6.15 5.97
C TRP A 47 -8.77 6.99 7.10
N GLN A 48 -10.11 7.14 7.09
CA GLN A 48 -10.81 7.91 8.11
C GLN A 48 -10.51 7.31 9.48
N ASN A 49 -10.54 5.97 9.58
CA ASN A 49 -10.28 5.28 10.83
C ASN A 49 -8.82 5.47 11.21
N SER A 50 -7.89 5.08 10.31
CA SER A 50 -6.47 5.22 10.56
C SER A 50 -6.13 6.68 10.83
N ILE A 51 -6.64 7.58 9.97
CA ILE A 51 -6.40 9.01 10.11
C ILE A 51 -6.99 9.49 11.44
N ARG A 52 -8.32 9.36 11.59
CA ARG A 52 -9.00 9.78 12.80
C ARG A 52 -8.17 9.34 14.02
N HIS A 53 -7.34 8.30 13.84
CA HIS A 53 -6.51 7.80 14.92
C HIS A 53 -5.27 8.68 15.06
N ASN A 54 -4.49 8.79 13.97
CA ASN A 54 -3.27 9.60 13.98
C ASN A 54 -3.66 11.08 13.99
N LEU A 55 -4.79 11.42 13.36
CA LEU A 55 -5.27 12.79 13.32
C LEU A 55 -5.43 13.32 14.75
N SER A 56 -6.24 12.63 15.56
CA SER A 56 -6.47 13.03 16.94
C SER A 56 -5.26 12.65 17.79
N LEU A 57 -4.60 11.53 17.43
CA LEU A 57 -3.43 11.07 18.15
C LEU A 57 -2.19 11.78 17.61
N ASN A 58 -2.38 12.97 17.01
CA ASN A 58 -1.29 13.75 16.47
C ASN A 58 -1.02 14.96 17.37
N ASP A 59 -1.78 16.05 17.13
CA ASP A 59 -1.63 17.27 17.91
C ASP A 59 -2.40 17.12 19.23
N CYS A 60 -3.49 16.33 19.20
CA CYS A 60 -4.31 16.10 20.38
C CYS A 60 -5.35 17.22 20.50
N PHE A 61 -5.75 17.78 19.35
CA PHE A 61 -6.73 18.85 19.32
C PHE A 61 -8.10 18.30 19.77
N VAL A 62 -9.12 19.16 19.75
CA VAL A 62 -10.46 18.76 20.16
C VAL A 62 -11.39 18.79 18.94
N LYS A 63 -12.27 17.77 18.83
CA LYS A 63 -13.19 17.69 17.71
C LYS A 63 -14.62 17.89 18.23
N ILE A 64 -15.59 18.00 17.30
CA ILE A 64 -16.99 18.19 17.66
C ILE A 64 -17.77 16.91 17.37
N PRO A 65 -17.97 16.09 18.41
CA PRO A 65 -18.70 14.83 18.31
C PRO A 65 -20.20 15.08 18.19
N ARG A 66 -20.60 16.35 17.99
CA ARG A 66 -22.00 16.70 17.86
C ARG A 66 -22.11 18.22 17.62
N GLU A 67 -22.02 18.63 16.34
CA GLU A 67 -22.11 20.03 15.98
C GLU A 67 -23.53 20.53 16.23
N PRO A 68 -23.66 21.75 16.77
CA PRO A 68 -24.94 22.36 17.07
C PRO A 68 -25.62 22.86 15.79
N GLY A 69 -24.83 23.42 14.86
CA GLY A 69 -25.34 23.93 13.60
C GLY A 69 -25.55 22.76 12.64
N ASN A 70 -24.55 21.86 12.55
CA ASN A 70 -24.62 20.71 11.68
C ASN A 70 -24.63 19.43 12.52
N PRO A 71 -25.82 19.07 13.05
CA PRO A 71 -26.00 17.89 13.88
C PRO A 71 -26.00 16.62 13.01
N GLY A 72 -25.51 16.74 11.77
CA GLY A 72 -25.46 15.61 10.85
C GLY A 72 -24.08 14.95 10.94
N LYS A 73 -23.09 15.52 10.25
CA LYS A 73 -21.73 14.99 10.25
C LYS A 73 -20.74 16.15 10.30
N GLY A 74 -20.93 17.07 11.25
CA GLY A 74 -20.06 18.21 11.41
C GLY A 74 -19.16 18.01 12.64
N ASN A 75 -17.84 17.90 12.41
CA ASN A 75 -16.89 17.71 13.48
C ASN A 75 -15.65 18.59 13.24
N TYR A 76 -15.66 19.80 13.81
CA TYR A 76 -14.52 20.68 13.60
C TYR A 76 -13.48 20.42 14.69
N TRP A 77 -12.20 20.32 14.31
CA TRP A 77 -11.12 20.06 15.25
C TRP A 77 -10.30 21.33 15.45
N THR A 78 -9.98 21.66 16.71
CA THR A 78 -9.21 22.84 17.03
C THR A 78 -7.94 22.43 17.78
N LEU A 79 -6.80 23.08 17.44
CA LEU A 79 -5.53 22.78 18.08
C LEU A 79 -5.55 23.32 19.51
N ASP A 80 -5.23 22.45 20.48
CA ASP A 80 -5.21 22.82 21.89
C ASP A 80 -4.01 23.74 22.15
N PRO A 81 -4.23 24.83 22.90
CA PRO A 81 -3.19 25.79 23.24
C PRO A 81 -2.26 25.23 24.31
N GLN A 82 -1.60 24.11 24.01
CA GLN A 82 -0.69 23.47 24.94
C GLN A 82 -0.15 22.19 24.33
N SER A 83 0.18 22.22 23.03
CA SER A 83 0.70 21.06 22.33
C SER A 83 2.19 20.91 22.63
N GLU A 84 2.86 22.03 22.96
CA GLU A 84 4.28 22.02 23.27
C GLU A 84 4.49 21.35 24.63
N ASP A 85 3.64 21.71 25.61
CA ASP A 85 3.74 21.15 26.95
C ASP A 85 3.07 19.77 26.97
N MET A 86 2.58 19.32 25.81
CA MET A 86 1.93 18.03 25.69
C MET A 86 2.98 16.93 25.65
N PHE A 87 4.08 17.17 24.92
CA PHE A 87 5.16 16.21 24.80
C PHE A 87 6.35 16.66 25.66
N ASP A 88 6.70 17.96 25.56
CA ASP A 88 7.80 18.50 26.32
C ASP A 88 7.66 18.10 27.78
N ASN A 89 6.41 18.03 28.27
CA ASN A 89 6.14 17.65 29.64
C ASN A 89 6.83 16.32 29.96
N GLY A 90 6.71 15.36 29.03
CA GLY A 90 7.31 14.04 29.21
C GLY A 90 8.84 14.19 29.21
N SER A 91 9.39 14.74 28.12
CA SER A 91 10.83 14.94 28.00
C SER A 91 11.12 15.75 26.74
N PHE A 92 10.71 15.23 25.57
CA PHE A 92 10.93 15.90 24.31
C PHE A 92 10.33 15.06 23.17
N LEU A 93 10.82 13.81 23.03
CA LEU A 93 10.33 12.91 21.99
C LEU A 93 10.03 13.71 20.73
N MET A 1 -0.66 1.79 -0.88
CA MET A 1 0.31 1.38 -1.88
C MET A 1 -0.27 1.59 -3.28
N VAL A 2 -1.42 0.95 -3.55
CA VAL A 2 -2.09 1.08 -4.83
C VAL A 2 -3.58 1.35 -4.61
N LYS A 3 -4.34 0.29 -4.29
CA LYS A 3 -5.76 0.41 -4.06
C LYS A 3 -6.28 -0.88 -3.42
N PRO A 4 -6.21 -2.00 -4.15
CA PRO A 4 -6.65 -3.29 -3.68
C PRO A 4 -5.67 -3.89 -2.68
N PRO A 5 -6.16 -4.20 -1.46
CA PRO A 5 -5.36 -4.77 -0.39
C PRO A 5 -5.06 -6.25 -0.66
N TYR A 6 -4.15 -6.52 -1.62
CA TYR A 6 -3.83 -7.90 -1.92
C TYR A 6 -2.31 -8.07 -1.93
N SER A 7 -1.83 -9.33 -2.01
CA SER A 7 -0.42 -9.62 -2.02
C SER A 7 -0.04 -10.29 -3.34
N TYR A 8 1.25 -10.58 -3.52
CA TYR A 8 1.67 -11.22 -4.76
C TYR A 8 1.40 -12.72 -4.67
N ILE A 9 2.18 -13.45 -3.88
CA ILE A 9 2.02 -14.88 -3.72
C ILE A 9 0.59 -15.18 -3.30
N ALA A 10 -0.03 -14.26 -2.54
CA ALA A 10 -1.40 -14.43 -2.08
C ALA A 10 -2.32 -14.62 -3.29
N LEU A 11 -2.07 -13.86 -4.36
CA LEU A 11 -2.86 -13.95 -5.57
C LEU A 11 -2.39 -15.15 -6.41
N ILE A 12 -1.07 -15.38 -6.42
CA ILE A 12 -0.49 -16.49 -7.18
C ILE A 12 -1.29 -17.76 -6.90
N THR A 13 -1.74 -17.93 -5.64
CA THR A 13 -2.51 -19.10 -5.25
C THR A 13 -3.57 -19.39 -6.32
N MET A 14 -4.23 -18.33 -6.81
CA MET A 14 -5.25 -18.47 -7.84
C MET A 14 -4.59 -18.59 -9.21
N ALA A 15 -3.52 -17.80 -9.42
CA ALA A 15 -2.79 -17.82 -10.69
C ALA A 15 -2.54 -19.27 -11.10
N ILE A 16 -2.35 -20.16 -10.11
CA ILE A 16 -2.09 -21.56 -10.37
C ILE A 16 -3.41 -22.25 -10.75
N LEU A 17 -4.49 -21.94 -10.00
CA LEU A 17 -5.79 -22.53 -10.25
C LEU A 17 -6.13 -22.40 -11.73
N GLN A 18 -5.66 -21.30 -12.36
CA GLN A 18 -5.92 -21.05 -13.77
C GLN A 18 -5.54 -22.29 -14.58
N SER A 19 -4.65 -23.13 -14.01
CA SER A 19 -4.21 -24.36 -14.67
C SER A 19 -4.69 -25.56 -13.88
N PRO A 20 -5.94 -26.00 -14.15
CA PRO A 20 -6.55 -27.14 -13.49
C PRO A 20 -5.96 -28.46 -14.01
N GLN A 21 -4.85 -28.37 -14.76
CA GLN A 21 -4.20 -29.55 -15.32
C GLN A 21 -2.70 -29.46 -15.04
N LYS A 22 -1.97 -28.74 -15.91
CA LYS A 22 -0.53 -28.60 -15.76
C LYS A 22 0.01 -27.71 -16.90
N LYS A 23 -0.74 -26.65 -17.22
CA LYS A 23 -0.34 -25.73 -18.28
C LYS A 23 -0.63 -24.29 -17.85
N LEU A 24 0.40 -23.58 -17.37
CA LEU A 24 0.26 -22.21 -16.92
C LEU A 24 0.85 -21.27 -17.98
N THR A 25 -0.02 -20.62 -18.75
CA THR A 25 0.41 -19.69 -19.79
C THR A 25 0.53 -18.29 -19.20
N LEU A 26 1.78 -17.85 -18.93
CA LEU A 26 2.03 -16.54 -18.37
C LEU A 26 1.11 -15.51 -19.03
N SER A 27 0.90 -15.68 -20.36
CA SER A 27 0.04 -14.78 -21.11
C SER A 27 -1.35 -14.74 -20.47
N GLY A 28 -1.89 -15.92 -20.12
CA GLY A 28 -3.20 -16.02 -19.50
C GLY A 28 -3.08 -15.69 -18.02
N ILE A 29 -1.89 -15.95 -17.44
CA ILE A 29 -1.66 -15.68 -16.02
C ILE A 29 -1.91 -14.20 -15.74
N CYS A 30 -1.24 -13.31 -16.49
CA CYS A 30 -1.39 -11.88 -16.32
C CYS A 30 -2.77 -11.46 -16.81
N GLU A 31 -3.22 -12.04 -17.93
CA GLU A 31 -4.52 -11.73 -18.49
C GLU A 31 -5.60 -11.97 -17.44
N PHE A 32 -5.44 -13.02 -16.63
CA PHE A 32 -6.39 -13.36 -15.60
C PHE A 32 -6.26 -12.36 -14.45
N ILE A 33 -5.01 -12.03 -14.08
CA ILE A 33 -4.73 -11.09 -13.00
C ILE A 33 -5.20 -9.69 -13.42
N SER A 34 -4.71 -9.22 -14.59
CA SER A 34 -5.08 -7.91 -15.10
C SER A 34 -6.59 -7.73 -14.99
N ASN A 35 -7.34 -8.85 -15.00
CA ASN A 35 -8.78 -8.80 -14.91
C ASN A 35 -9.19 -8.30 -13.52
N ARG A 36 -8.55 -8.85 -12.47
CA ARG A 36 -8.84 -8.45 -11.10
C ARG A 36 -7.76 -7.48 -10.62
N PHE A 37 -6.90 -7.02 -11.55
CA PHE A 37 -5.84 -6.10 -11.22
C PHE A 37 -5.76 -5.01 -12.30
N PRO A 38 -6.83 -4.21 -12.41
CA PRO A 38 -6.91 -3.13 -13.39
C PRO A 38 -6.05 -1.94 -12.97
N TYR A 39 -6.24 -1.46 -11.73
CA TYR A 39 -5.47 -0.33 -11.26
C TYR A 39 -4.09 -0.82 -10.81
N TYR A 40 -3.90 -2.15 -10.74
CA TYR A 40 -2.63 -2.67 -10.30
C TYR A 40 -1.64 -2.63 -11.47
N ARG A 41 -2.12 -2.95 -12.68
CA ARG A 41 -1.28 -2.96 -13.87
C ARG A 41 -0.95 -1.52 -14.27
N GLU A 42 -1.99 -0.70 -14.47
CA GLU A 42 -1.82 0.69 -14.85
C GLU A 42 -0.74 1.33 -13.97
N LYS A 43 -0.66 0.88 -12.70
CA LYS A 43 0.31 1.40 -11.76
C LYS A 43 1.63 0.65 -11.93
N PHE A 44 1.57 -0.69 -11.88
CA PHE A 44 2.74 -1.53 -12.02
C PHE A 44 2.45 -2.64 -13.04
N PRO A 45 2.69 -2.35 -14.33
CA PRO A 45 2.47 -3.29 -15.41
C PRO A 45 3.57 -4.36 -15.44
N ALA A 46 4.46 -4.33 -14.44
CA ALA A 46 5.55 -5.29 -14.35
C ALA A 46 5.05 -6.57 -13.67
N TRP A 47 3.73 -6.83 -13.77
CA TRP A 47 3.14 -8.00 -13.16
C TRP A 47 3.63 -9.26 -13.90
N GLN A 48 3.67 -9.19 -15.24
CA GLN A 48 4.11 -10.30 -16.06
C GLN A 48 5.52 -10.73 -15.63
N ASN A 49 6.40 -9.73 -15.40
CA ASN A 49 7.77 -9.99 -14.97
C ASN A 49 7.79 -10.27 -13.48
N SER A 50 7.05 -9.45 -12.70
CA SER A 50 6.98 -9.61 -11.26
C SER A 50 6.35 -10.96 -10.92
N ILE A 51 5.06 -11.11 -11.27
CA ILE A 51 4.34 -12.35 -11.00
C ILE A 51 5.14 -13.53 -11.55
N ARG A 52 5.68 -13.38 -12.78
CA ARG A 52 6.47 -14.43 -13.40
C ARG A 52 7.43 -15.02 -12.38
N HIS A 53 7.99 -14.17 -11.51
CA HIS A 53 8.92 -14.61 -10.49
C HIS A 53 8.14 -15.17 -9.30
N ASN A 54 7.23 -14.35 -8.73
CA ASN A 54 6.43 -14.77 -7.59
C ASN A 54 5.61 -15.99 -7.98
N LEU A 55 5.30 -16.13 -9.28
CA LEU A 55 4.52 -17.25 -9.77
C LEU A 55 5.32 -18.55 -9.57
N SER A 56 6.56 -18.58 -10.06
CA SER A 56 7.42 -19.74 -9.93
C SER A 56 8.05 -19.75 -8.53
N LEU A 57 7.82 -18.67 -7.75
CA LEU A 57 8.36 -18.56 -6.42
C LEU A 57 7.44 -19.31 -5.44
N ASN A 58 6.33 -19.87 -5.95
CA ASN A 58 5.39 -20.60 -5.14
C ASN A 58 5.68 -22.10 -5.26
N ASP A 59 5.15 -22.72 -6.34
CA ASP A 59 5.36 -24.15 -6.58
C ASP A 59 6.67 -24.35 -7.34
N CYS A 60 6.99 -23.40 -8.24
CA CYS A 60 8.21 -23.48 -9.03
C CYS A 60 7.99 -24.46 -10.18
N PHE A 61 7.21 -24.04 -11.19
CA PHE A 61 6.93 -24.87 -12.35
C PHE A 61 8.04 -24.69 -13.39
N VAL A 62 7.82 -25.21 -14.61
CA VAL A 62 8.79 -25.09 -15.68
C VAL A 62 8.22 -24.23 -16.81
N LYS A 63 8.68 -22.96 -16.89
CA LYS A 63 8.22 -22.04 -17.91
C LYS A 63 8.94 -22.34 -19.23
N ILE A 64 8.22 -22.19 -20.35
CA ILE A 64 8.78 -22.43 -21.66
C ILE A 64 8.50 -21.24 -22.58
N PRO A 65 8.99 -20.05 -22.19
CA PRO A 65 8.81 -18.82 -22.94
C PRO A 65 9.70 -18.80 -24.18
N ARG A 66 9.81 -19.96 -24.87
CA ARG A 66 10.62 -20.07 -26.07
C ARG A 66 10.68 -21.53 -26.50
N GLU A 67 9.72 -21.95 -27.35
CA GLU A 67 9.66 -23.31 -27.84
C GLU A 67 9.55 -23.30 -29.37
N PRO A 68 10.58 -23.81 -30.05
CA PRO A 68 10.63 -23.88 -31.51
C PRO A 68 9.73 -24.98 -32.04
N GLY A 69 8.48 -25.02 -31.56
CA GLY A 69 7.52 -26.02 -31.97
C GLY A 69 6.25 -25.91 -31.13
N ASN A 70 5.81 -24.66 -30.86
CA ASN A 70 4.63 -24.41 -30.07
C ASN A 70 3.82 -23.28 -30.71
N PRO A 71 3.40 -23.48 -31.97
CA PRO A 71 2.64 -22.50 -32.72
C PRO A 71 1.18 -22.47 -32.24
N GLY A 72 0.96 -21.94 -31.02
CA GLY A 72 -0.38 -21.85 -30.46
C GLY A 72 -0.73 -20.38 -30.23
N LYS A 73 -0.37 -19.85 -29.05
CA LYS A 73 -0.65 -18.47 -28.71
C LYS A 73 0.53 -17.89 -27.93
N GLY A 74 0.94 -18.59 -26.86
CA GLY A 74 2.06 -18.14 -26.04
C GLY A 74 2.89 -19.36 -25.62
N ASN A 75 2.92 -19.63 -24.29
CA ASN A 75 3.66 -20.76 -23.76
C ASN A 75 2.83 -21.46 -22.70
N TYR A 76 3.49 -22.21 -21.79
CA TYR A 76 2.75 -22.91 -20.76
C TYR A 76 3.74 -23.51 -19.76
N TRP A 77 3.56 -23.19 -18.46
CA TRP A 77 4.44 -23.70 -17.41
C TRP A 77 3.82 -24.97 -16.81
N THR A 78 4.68 -25.87 -16.30
CA THR A 78 4.22 -27.11 -15.70
C THR A 78 4.73 -27.19 -14.26
N LEU A 79 3.84 -27.55 -13.33
CA LEU A 79 4.20 -27.67 -11.92
C LEU A 79 5.20 -28.81 -11.75
N ASP A 80 6.33 -28.53 -11.08
CA ASP A 80 7.36 -29.52 -10.84
C ASP A 80 6.85 -30.55 -9.83
N PRO A 81 6.35 -30.08 -8.68
CA PRO A 81 5.81 -30.92 -7.62
C PRO A 81 4.43 -31.47 -8.00
N GLN A 82 4.29 -31.91 -9.27
CA GLN A 82 3.04 -32.46 -9.75
C GLN A 82 3.07 -32.53 -11.28
N SER A 83 4.22 -32.97 -11.84
CA SER A 83 4.38 -33.07 -13.28
C SER A 83 3.73 -34.37 -13.76
N GLU A 84 4.28 -35.52 -13.33
CA GLU A 84 3.77 -36.82 -13.70
C GLU A 84 4.19 -37.13 -15.14
N ASP A 85 4.78 -36.13 -15.83
CA ASP A 85 5.23 -36.30 -17.19
C ASP A 85 6.50 -37.16 -17.21
N MET A 86 7.56 -36.69 -16.52
CA MET A 86 8.82 -37.42 -16.45
C MET A 86 8.73 -38.49 -15.36
N PHE A 87 9.08 -38.11 -14.12
CA PHE A 87 9.05 -39.02 -12.99
C PHE A 87 10.04 -38.55 -11.93
N ASP A 88 11.13 -37.89 -12.36
CA ASP A 88 12.14 -37.40 -11.44
C ASP A 88 13.29 -36.80 -12.26
N ASN A 89 12.97 -36.19 -13.41
CA ASN A 89 13.97 -35.59 -14.27
C ASN A 89 14.53 -34.33 -13.59
N GLY A 90 13.62 -33.45 -13.12
CA GLY A 90 14.02 -32.22 -12.45
C GLY A 90 14.38 -32.53 -11.00
N SER A 91 13.35 -32.74 -10.15
CA SER A 91 13.57 -33.04 -8.74
C SER A 91 13.69 -31.73 -7.96
N PHE A 92 13.83 -30.61 -8.69
CA PHE A 92 13.97 -29.30 -8.07
C PHE A 92 14.22 -28.25 -9.15
N LEU A 93 13.17 -27.91 -9.91
CA LEU A 93 13.29 -26.92 -10.98
C LEU A 93 14.44 -27.30 -11.90
#